data_8TNT
#
_entry.id   8TNT
#
_cell.length_a   117.317
_cell.length_b   85.172
_cell.length_c   119.714
_cell.angle_alpha   90.00
_cell.angle_beta   105.09
_cell.angle_gamma   90.00
#
_symmetry.space_group_name_H-M   'P 1 21 1'
#
loop_
_entity.id
_entity.type
_entity.pdbx_description
1 polymer 'Envelope glycoprotein H'
2 polymer 'Envelope glycoprotein L'
3 polymer 'Glycoprotein 42'
4 polymer '769C2 light chain'
5 polymer '769C2 heavy chain'
6 polymer 'F-2-1 light chain'
7 polymer 'F-2-1 heavy chain'
8 non-polymer 2-acetamido-2-deoxy-beta-D-glucopyranose
#
loop_
_entity_poly.entity_id
_entity_poly.type
_entity_poly.pdbx_seq_one_letter_code
_entity_poly.pdbx_strand_id
1 'polypeptide(L)'
;SLSEVKLHLDIEGHASHYTIPWTELMAKVPGLSPEALWREANVTEDLASMLNRYKLIYKTSGTLGIALAEPVDIPAVSEG
SMQVDASKVHPGVISGLNSPACMLSAPLEKQLFYYIGTMLPNTRPHSYVFYQLRCHLSYVALSINGDKFQYTGAMTSKFL
MGTYKRVTEKGDEHVLSLVFGKTKDLPDLRGPFSYPSLTSAQSGDYSLVIVTTFVHYANFHNYFVPNLKDMFSRAVTMTA
ASYARYVLQKLVLLEMKGGCREPELDTETLTTMFEVSVAFFKVGHAVGETGNGCVDLRWLAKSFFELTVLKDIIGICYGA
TVKGMQSYGLERLAAMLMATVKMEELGHLTTEKQEYALRLATVGYPKAGVYSGLIGGATSVLLSAYNRHPLFQPLHTVMR
ETLFIGSHVVLRELRLNVTTQGPNLALYQLLSTALCSALEIGEVLRGLALGTESGLFSPCYLSLRFDLTRDKLLSMAPQE
ATLDQAAVSNAVDGFLGRLSLEREDRDAWHLPAYKCVDRLDKVLMIIPLINVTFIISSDREVRGSALYEASTTYLSSSLF
LSPVIMNKCSQGAVAGEPRQIPKIQNFTRTQKSCIFCGFALLSYDEKEGLETTTYITSQEVQNSILSSNYFDFDNLHVHY
LLLTTNGTVMEIAGLY
;
A
2 'polypeptide(L)'
;WAYPCCHVTQLRAQHLLALENISDIYLVSNQTCDGFSLASLNSPKNGSNQLVISRCANGLNVVSFFISILKRSSSALTGH
LRELLTTLETLYGSFSVEDLFGANLNRYAWHR
;
B
3 'polypeptide(L)'
;GGGRVAAAAITWVPKPNVEVWPVDPPPPVNFNKTAEQEYGDKEVKLPHWTPTLHTFQVPQNYTKANCTYCNTREYTFSYK
GCCFYFTKKKHTWNGCFQACAELYPCTYFYGPTPDILPVVTRNLNAIESLWVGVYRVGEGNWTSLDGGTFKVYQIFGSHC
TYVSKFSTVPVSHHECSFLKPCLCVSQRSNS
;
C
4 'polypeptide(L)'
;QSVLTQPASVSGSLGQSVTISCTGTSSDVGGYDYVSWYQQHPGKALKLMIFEVNNRPSGVSTRFSGSKSGNTASLTISGL
QAEDEADYYCNSYSTTTTWVFGGGTSLTVLGQPKAAPSVTLFPPSSEELQANKATLVCLISDFYPGAVTVAWKADSSPVK
AGVETTTPSKQSNNKYAASSYLSLTPEQWKSHRSYSCQVTHEGSTVEKTVAPTECS
;
D
5 'polypeptide(L)'
;EVQLVESGGGLVKPGGSLRLSCAASGFTFSTYAMDWVRQAPGKGLEWVSLISSRSSNIYYSDSVKGRFTISRDNAKNSLF
LQMNSLRAEDTAVYYCAREAGGFHSHFDMWGQGTLVTVSSASTKGPSVFPLAPSSKSTSGGTAALGCLVKDYFPEPVTVS
WNSGALTSGVHTFPAVLQSSGLYSLSSVVTVPSSSLGTQTYICNVNHKPSNTKVDKKVEPKSCDKGLEVLFQ
;
E
6 'polypeptide(L)'
;DIVLTQSPASLAVSLGQRATISCRASKSVSTSGYSYMHWYQQKPGQPPKLLIYLASNLESGVPARFSGSGSGTDFTLNIH
PVEEEDAATYYCLHSRDLPPTFGGGTKLEIKRTVAAPSVFIFPPSDEQLKSGTASVVCLLNNFYPREAKVQWKVDNALQS
GNSQESVTEQDSKDSTYSLSSTLTLSKADYEKHKVYACEVTHQGLSSPVTKSFNRGEC
;
F
7 'polypeptide(L)'
;EVKLLESGGGLVQPGGSLKLSCAASGFDFSRYWMSWVRQAPGKGLEWIGEINPDSSTINYTSSLKDKFIISRDNAKNTLY
LQMSKVRSEDTALYYCARQGDWWYFDVWGAGTTVTVSSASTKGPSVFPLAPSSKSTSGGTAALGCLVKDYFPEPVTVSWN
SGALTSGVHTFPAVLQSSGLYSLSSVVTVPSSSLGTQTYICNVNHKPSNTKVDKKVEPKSCDKGLEVLFQ
;
G
#
loop_
_chem_comp.id
_chem_comp.type
_chem_comp.name
_chem_comp.formula
NAG D-saccharide, beta linking 2-acetamido-2-deoxy-beta-D-glucopyranose 'C8 H15 N O6'
#
# COMPACT_ATOMS: atom_id res chain seq x y z
N SER A 1 -6.68 25.41 -40.00
CA SER A 1 -5.70 26.22 -40.71
C SER A 1 -4.35 25.51 -40.79
N LEU A 2 -4.35 24.23 -40.44
CA LEU A 2 -3.13 23.43 -40.48
C LEU A 2 -2.94 22.80 -41.85
N SER A 3 -1.68 22.67 -42.25
CA SER A 3 -1.35 22.11 -43.57
C SER A 3 -0.48 20.86 -43.43
N GLU A 4 0.78 20.97 -43.84
CA GLU A 4 1.71 19.86 -43.79
C GLU A 4 3.05 20.34 -43.24
N VAL A 5 3.87 19.39 -42.79
CA VAL A 5 5.19 19.70 -42.24
C VAL A 5 6.19 18.64 -42.68
N LYS A 6 7.39 19.09 -43.05
CA LYS A 6 8.47 18.20 -43.46
C LYS A 6 9.43 18.01 -42.29
N LEU A 7 9.58 16.76 -41.87
CA LEU A 7 10.57 16.38 -40.87
C LEU A 7 11.85 15.93 -41.57
N HIS A 8 12.99 16.36 -41.06
CA HIS A 8 14.29 15.98 -41.61
C HIS A 8 15.18 15.48 -40.49
N LEU A 9 15.74 14.28 -40.68
CA LEU A 9 16.58 13.64 -39.67
C LEU A 9 17.91 13.28 -40.33
N ASP A 10 18.97 14.01 -39.96
CA ASP A 10 20.31 13.68 -40.44
C ASP A 10 20.97 12.79 -39.40
N ILE A 11 20.64 11.50 -39.48
CA ILE A 11 21.09 10.53 -38.50
C ILE A 11 22.14 9.64 -39.15
N GLU A 12 23.18 9.31 -38.37
CA GLU A 12 24.28 8.46 -38.85
C GLU A 12 24.93 9.02 -40.11
N GLY A 13 24.91 10.34 -40.28
CA GLY A 13 25.45 10.98 -41.46
C GLY A 13 24.52 11.00 -42.65
N HIS A 14 23.52 10.13 -42.70
CA HIS A 14 22.57 10.07 -43.79
C HIS A 14 21.32 10.86 -43.44
N ALA A 15 20.79 11.59 -44.42
CA ALA A 15 19.64 12.46 -44.22
C ALA A 15 18.38 11.77 -44.74
N SER A 16 17.41 11.57 -43.86
CA SER A 16 16.09 11.07 -44.23
C SER A 16 15.08 12.20 -44.11
N HIS A 17 14.05 12.15 -44.96
CA HIS A 17 13.03 13.19 -45.02
C HIS A 17 11.66 12.56 -45.06
N TYR A 18 10.79 13.00 -44.15
CA TYR A 18 9.42 12.51 -44.06
C TYR A 18 8.46 13.69 -44.11
N THR A 19 7.21 13.42 -44.45
CA THR A 19 6.20 14.47 -44.58
C THR A 19 4.95 14.06 -43.82
N ILE A 20 4.47 14.95 -42.98
CA ILE A 20 3.26 14.74 -42.17
C ILE A 20 2.18 15.66 -42.71
N PRO A 21 1.08 15.12 -43.25
CA PRO A 21 -0.04 15.97 -43.65
C PRO A 21 -1.11 16.03 -42.57
N TRP A 22 -1.20 17.17 -41.87
CA TRP A 22 -2.17 17.26 -40.78
C TRP A 22 -3.59 17.30 -41.29
N THR A 23 -3.82 17.96 -42.42
CA THR A 23 -5.10 17.82 -43.10
C THR A 23 -5.28 16.37 -43.55
N GLU A 24 -6.54 15.94 -43.67
CA GLU A 24 -6.92 14.57 -43.98
C GLU A 24 -6.59 13.64 -42.82
N LEU A 25 -5.41 13.77 -42.21
CA LEU A 25 -5.10 13.00 -41.01
C LEU A 25 -6.05 13.36 -39.88
N MET A 26 -6.24 14.65 -39.62
CA MET A 26 -7.22 15.08 -38.63
C MET A 26 -8.64 14.77 -39.08
N ALA A 27 -8.88 14.71 -40.39
CA ALA A 27 -10.23 14.44 -40.89
C ALA A 27 -10.63 12.99 -40.66
N LYS A 28 -9.67 12.06 -40.79
CA LYS A 28 -9.95 10.64 -40.61
C LYS A 28 -9.67 10.15 -39.21
N VAL A 29 -9.21 11.03 -38.31
CA VAL A 29 -8.97 10.66 -36.91
C VAL A 29 -9.75 11.62 -36.03
N PRO A 30 -10.84 11.17 -35.41
CA PRO A 30 -11.65 12.08 -34.60
C PRO A 30 -11.03 12.36 -33.24
N GLY A 31 -11.32 13.56 -32.73
CA GLY A 31 -10.85 13.93 -31.40
C GLY A 31 -9.37 14.16 -31.29
N LEU A 32 -8.66 14.31 -32.41
CA LEU A 32 -7.23 14.54 -32.41
C LEU A 32 -6.96 16.00 -32.77
N SER A 33 -6.25 16.70 -31.90
CA SER A 33 -5.89 18.10 -32.12
C SER A 33 -4.38 18.24 -32.06
N PRO A 34 -3.69 18.50 -33.18
CA PRO A 34 -2.23 18.63 -33.11
C PRO A 34 -1.77 19.85 -32.33
N GLU A 35 -2.48 20.98 -32.45
CA GLU A 35 -2.06 22.19 -31.75
C GLU A 35 -2.23 22.06 -30.25
N ALA A 36 -3.22 21.29 -29.79
CA ALA A 36 -3.38 21.07 -28.36
C ALA A 36 -2.16 20.37 -27.77
N LEU A 37 -1.73 19.26 -28.38
CA LEU A 37 -0.53 18.59 -27.91
C LEU A 37 0.72 19.42 -28.15
N TRP A 38 0.72 20.29 -29.17
CA TRP A 38 1.84 21.19 -29.39
C TRP A 38 1.99 22.17 -28.23
N ARG A 39 0.87 22.71 -27.74
CA ARG A 39 0.91 23.59 -26.58
C ARG A 39 1.27 22.80 -25.32
N GLU A 40 0.74 21.59 -25.17
CA GLU A 40 1.01 20.79 -23.99
C GLU A 40 2.45 20.28 -23.94
N ALA A 41 3.13 20.24 -25.08
CA ALA A 41 4.49 19.72 -25.12
C ALA A 41 5.53 20.70 -24.62
N ASN A 42 5.21 22.00 -24.60
CA ASN A 42 6.15 23.06 -24.26
C ASN A 42 7.43 22.95 -25.11
N VAL A 43 7.24 23.27 -26.38
CA VAL A 43 8.31 23.08 -27.37
C VAL A 43 9.44 24.08 -27.15
N THR A 44 9.13 25.29 -26.68
CA THR A 44 10.12 26.33 -26.50
C THR A 44 10.80 26.24 -25.13
N GLU A 45 10.48 25.21 -24.35
CA GLU A 45 11.08 25.03 -23.03
C GLU A 45 12.59 24.92 -23.14
N ASP A 46 13.29 25.78 -22.40
CA ASP A 46 14.75 25.74 -22.37
C ASP A 46 15.23 24.47 -21.70
N LEU A 47 16.53 24.18 -21.87
CA LEU A 47 17.09 22.95 -21.30
C LEU A 47 17.16 23.03 -19.78
N ALA A 48 17.36 24.22 -19.21
CA ALA A 48 17.42 24.35 -17.76
C ALA A 48 16.09 24.02 -17.12
N SER A 49 15.01 24.66 -17.58
CA SER A 49 13.69 24.38 -17.02
C SER A 49 13.24 22.96 -17.33
N MET A 50 13.61 22.42 -18.49
CA MET A 50 13.27 21.03 -18.80
C MET A 50 13.97 20.06 -17.86
N LEU A 51 15.25 20.31 -17.56
CA LEU A 51 15.95 19.46 -16.61
C LEU A 51 15.41 19.62 -15.20
N ASN A 52 14.97 20.84 -14.84
CA ASN A 52 14.37 21.04 -13.52
C ASN A 52 13.06 20.28 -13.40
N ARG A 53 12.21 20.36 -14.43
CA ARG A 53 10.97 19.59 -14.44
C ARG A 53 11.24 18.09 -14.52
N TYR A 54 12.39 17.68 -15.05
CA TYR A 54 12.73 16.26 -15.08
C TYR A 54 13.09 15.74 -13.70
N LYS A 55 13.96 16.46 -12.98
CA LYS A 55 14.39 16.01 -11.66
C LYS A 55 13.30 16.11 -10.61
N LEU A 56 12.15 16.71 -10.94
CA LEU A 56 11.02 16.81 -10.01
C LEU A 56 10.16 15.55 -10.01
N ILE A 57 10.64 14.45 -10.58
CA ILE A 57 9.87 13.22 -10.70
C ILE A 57 10.70 12.07 -10.16
N TYR A 58 10.09 11.25 -9.30
CA TYR A 58 10.77 10.11 -8.69
C TYR A 58 11.21 9.10 -9.76
N LYS A 59 12.50 9.05 -10.05
CA LYS A 59 13.05 8.07 -10.96
C LYS A 59 13.49 6.83 -10.17
N THR A 60 12.95 5.68 -10.52
CA THR A 60 13.28 4.45 -9.82
C THR A 60 14.62 3.90 -10.29
N SER A 61 15.15 2.96 -9.52
CA SER A 61 16.37 2.27 -9.91
C SER A 61 16.06 1.17 -10.92
N GLY A 62 17.04 0.89 -11.78
CA GLY A 62 16.86 -0.12 -12.80
C GLY A 62 16.68 -1.51 -12.25
N THR A 63 15.49 -2.09 -12.44
CA THR A 63 15.20 -3.43 -11.96
C THR A 63 15.79 -4.46 -12.93
N LEU A 64 15.79 -5.72 -12.49
CA LEU A 64 16.39 -6.79 -13.28
C LEU A 64 15.49 -7.21 -14.44
N GLY A 65 14.21 -7.43 -14.16
CA GLY A 65 13.29 -7.90 -15.17
C GLY A 65 12.86 -9.33 -14.90
N ILE A 66 11.92 -9.50 -13.96
CA ILE A 66 11.51 -10.83 -13.53
C ILE A 66 10.76 -11.52 -14.66
N ALA A 67 11.14 -12.76 -14.95
CA ALA A 67 10.50 -13.55 -16.00
C ALA A 67 9.23 -14.18 -15.45
N LEU A 68 8.11 -13.89 -16.11
CA LEU A 68 6.81 -14.42 -15.72
C LEU A 68 6.10 -15.00 -16.93
N ALA A 69 4.94 -15.60 -16.69
CA ALA A 69 4.16 -16.24 -17.74
C ALA A 69 2.68 -16.01 -17.47
N GLU A 70 2.02 -15.30 -18.38
CA GLU A 70 0.59 -15.04 -18.23
C GLU A 70 -0.20 -16.35 -18.38
N PRO A 71 -1.37 -16.44 -17.74
CA PRO A 71 -2.13 -17.69 -17.79
C PRO A 71 -3.00 -17.81 -19.02
N VAL A 72 -3.89 -18.80 -19.02
CA VAL A 72 -4.84 -19.02 -20.10
C VAL A 72 -6.24 -18.95 -19.48
N ASP A 73 -6.82 -17.76 -19.45
CA ASP A 73 -8.14 -17.57 -18.86
C ASP A 73 -9.24 -17.77 -19.88
N ILE A 74 -9.26 -16.98 -20.95
CA ILE A 74 -10.29 -17.05 -21.97
C ILE A 74 -9.99 -18.24 -22.88
N PRO A 75 -10.91 -19.20 -23.02
CA PRO A 75 -10.64 -20.36 -23.87
C PRO A 75 -11.03 -20.12 -25.32
N ALA A 76 -10.86 -21.14 -26.16
CA ALA A 76 -11.32 -21.07 -27.53
C ALA A 76 -12.84 -21.30 -27.58
N VAL A 77 -13.42 -20.95 -28.73
CA VAL A 77 -14.85 -21.13 -28.93
C VAL A 77 -15.18 -22.62 -28.92
N SER A 78 -16.29 -22.98 -28.28
CA SER A 78 -16.65 -24.38 -28.05
C SER A 78 -17.68 -24.83 -29.08
N GLU A 79 -17.20 -25.37 -30.19
CA GLU A 79 -18.02 -26.03 -31.21
C GLU A 79 -19.06 -25.03 -31.74
N GLY A 80 -20.34 -25.38 -31.80
CA GLY A 80 -21.34 -24.51 -32.38
C GLY A 80 -21.87 -23.45 -31.43
N SER A 81 -20.96 -22.75 -30.75
CA SER A 81 -21.36 -21.66 -29.86
C SER A 81 -21.91 -20.51 -30.71
N MET A 82 -23.22 -20.27 -30.58
CA MET A 82 -23.86 -19.21 -31.35
C MET A 82 -23.34 -17.86 -30.87
N GLN A 83 -22.58 -17.17 -31.72
CA GLN A 83 -22.03 -15.88 -31.36
C GLN A 83 -23.13 -14.84 -31.27
N VAL A 84 -23.14 -14.08 -30.17
CA VAL A 84 -24.18 -13.11 -29.88
C VAL A 84 -23.56 -11.73 -29.86
N ASP A 85 -24.17 -10.81 -30.61
CA ASP A 85 -23.75 -9.41 -30.57
C ASP A 85 -24.44 -8.74 -29.38
N ALA A 86 -23.63 -8.11 -28.51
CA ALA A 86 -24.16 -7.49 -27.31
C ALA A 86 -25.11 -6.34 -27.63
N SER A 87 -24.98 -5.70 -28.78
CA SER A 87 -25.84 -4.58 -29.14
C SER A 87 -27.23 -5.04 -29.55
N LYS A 88 -27.35 -6.26 -30.10
CA LYS A 88 -28.64 -6.79 -30.55
C LYS A 88 -28.83 -8.16 -29.88
N VAL A 89 -29.57 -8.17 -28.77
CA VAL A 89 -29.80 -9.38 -28.00
C VAL A 89 -31.23 -9.84 -28.30
N HIS A 90 -31.35 -10.88 -29.11
CA HIS A 90 -32.65 -11.45 -29.43
C HIS A 90 -33.03 -12.53 -28.42
N PRO A 91 -34.30 -12.61 -28.02
CA PRO A 91 -34.68 -13.59 -26.99
C PRO A 91 -34.86 -14.99 -27.54
N GLY A 92 -34.31 -15.27 -28.71
CA GLY A 92 -34.38 -16.59 -29.31
C GLY A 92 -33.15 -17.45 -29.10
N VAL A 93 -32.17 -16.98 -28.34
CA VAL A 93 -30.92 -17.70 -28.16
C VAL A 93 -30.95 -18.40 -26.80
N ILE A 94 -32.10 -18.38 -26.15
CA ILE A 94 -32.23 -18.88 -24.79
C ILE A 94 -32.42 -20.39 -24.76
N SER A 95 -31.58 -21.11 -25.50
CA SER A 95 -31.68 -22.57 -25.54
C SER A 95 -31.11 -23.22 -24.28
N GLY A 96 -31.47 -22.68 -23.12
CA GLY A 96 -31.01 -23.23 -21.86
C GLY A 96 -29.53 -23.03 -21.61
N LEU A 97 -29.09 -23.46 -20.43
CA LEU A 97 -27.68 -23.39 -20.08
C LEU A 97 -26.86 -24.44 -20.81
N ASN A 98 -27.50 -25.46 -21.39
CA ASN A 98 -26.79 -26.53 -22.06
C ASN A 98 -26.24 -26.12 -23.42
N SER A 99 -26.81 -25.11 -24.05
CA SER A 99 -26.36 -24.69 -25.37
C SER A 99 -25.13 -23.81 -25.25
N PRO A 100 -24.02 -24.16 -25.90
CA PRO A 100 -22.83 -23.29 -25.85
C PRO A 100 -23.12 -21.95 -26.51
N ALA A 101 -22.48 -20.91 -25.99
CA ALA A 101 -22.69 -19.56 -26.49
C ALA A 101 -21.50 -18.69 -26.14
N CYS A 102 -21.22 -17.71 -26.99
CA CYS A 102 -20.18 -16.73 -26.76
C CYS A 102 -20.68 -15.37 -27.22
N MET A 103 -20.10 -14.33 -26.64
CA MET A 103 -20.46 -12.95 -26.95
C MET A 103 -19.32 -12.27 -27.71
N LEU A 104 -19.69 -11.54 -28.76
CA LEU A 104 -18.69 -10.87 -29.59
C LEU A 104 -17.92 -9.85 -28.78
N SER A 105 -16.60 -9.80 -28.99
CA SER A 105 -15.73 -9.03 -28.11
C SER A 105 -15.75 -7.54 -28.42
N ALA A 106 -15.89 -7.15 -29.69
CA ALA A 106 -15.88 -5.72 -30.01
C ALA A 106 -17.09 -4.99 -29.44
N PRO A 107 -18.34 -5.40 -29.68
CA PRO A 107 -19.46 -4.69 -29.06
C PRO A 107 -19.50 -4.84 -27.55
N LEU A 108 -19.05 -5.98 -27.02
CA LEU A 108 -18.98 -6.15 -25.57
C LEU A 108 -18.01 -5.14 -24.95
N GLU A 109 -16.84 -4.98 -25.55
CA GLU A 109 -15.86 -4.02 -25.05
C GLU A 109 -16.37 -2.59 -25.22
N LYS A 110 -17.10 -2.32 -26.31
CA LYS A 110 -17.68 -0.99 -26.48
C LYS A 110 -18.76 -0.72 -25.46
N GLN A 111 -19.45 -1.76 -24.99
CA GLN A 111 -20.45 -1.58 -23.93
C GLN A 111 -19.79 -1.40 -22.58
N LEU A 112 -18.72 -2.15 -22.30
CA LEU A 112 -18.02 -2.01 -21.03
C LEU A 112 -17.40 -0.62 -20.89
N PHE A 113 -16.75 -0.15 -21.95
CA PHE A 113 -16.12 1.17 -21.96
C PHE A 113 -16.98 2.20 -22.68
N TYR A 114 -18.30 2.14 -22.46
CA TYR A 114 -19.20 3.07 -23.13
C TYR A 114 -18.92 4.52 -22.75
N TYR A 115 -18.49 4.75 -21.51
CA TYR A 115 -18.21 6.10 -21.04
C TYR A 115 -16.82 6.52 -21.50
N ILE A 116 -16.65 7.83 -21.68
CA ILE A 116 -15.41 8.40 -22.20
C ILE A 116 -15.08 9.66 -21.42
N GLY A 117 -13.82 9.80 -21.02
CA GLY A 117 -13.39 10.97 -20.29
C GLY A 117 -11.89 11.10 -20.31
N THR A 118 -11.40 12.09 -19.56
CA THR A 118 -9.98 12.36 -19.45
C THR A 118 -9.40 11.61 -18.26
N MET A 119 -8.28 10.93 -18.48
CA MET A 119 -7.62 10.16 -17.43
C MET A 119 -6.20 10.61 -17.14
N LEU A 120 -5.59 11.43 -17.99
CA LEU A 120 -4.30 12.06 -17.72
C LEU A 120 -4.54 13.54 -17.51
N PRO A 121 -4.82 13.99 -16.29
CA PRO A 121 -5.30 15.36 -16.08
C PRO A 121 -4.18 16.38 -16.28
N ASN A 122 -4.59 17.65 -16.23
CA ASN A 122 -3.66 18.78 -16.27
C ASN A 122 -3.19 19.18 -14.88
N THR A 123 -3.27 18.27 -13.90
CA THR A 123 -2.79 18.56 -12.56
C THR A 123 -1.27 18.48 -12.50
N ARG A 124 -0.71 19.08 -11.47
CA ARG A 124 0.74 19.17 -11.34
C ARG A 124 1.46 17.83 -11.31
N PRO A 125 1.01 16.81 -10.56
CA PRO A 125 1.79 15.56 -10.51
C PRO A 125 1.86 14.83 -11.84
N HIS A 126 0.86 14.97 -12.70
CA HIS A 126 0.83 14.23 -13.96
C HIS A 126 1.15 15.06 -15.18
N SER A 127 1.08 16.39 -15.08
CA SER A 127 1.37 17.24 -16.24
C SER A 127 2.83 17.14 -16.67
N TYR A 128 3.73 16.85 -15.73
CA TYR A 128 5.15 16.84 -16.04
C TYR A 128 5.53 15.67 -16.93
N VAL A 129 4.78 14.57 -16.88
CA VAL A 129 5.24 13.31 -17.43
C VAL A 129 4.39 12.85 -18.60
N PHE A 130 3.09 13.17 -18.59
CA PHE A 130 2.13 12.57 -19.49
C PHE A 130 1.44 13.61 -20.36
N TYR A 131 1.25 13.27 -21.63
CA TYR A 131 0.42 14.06 -22.53
C TYR A 131 -1.05 13.81 -22.20
N GLN A 132 -1.81 14.88 -22.06
CA GLN A 132 -3.21 14.80 -21.65
C GLN A 132 -4.02 13.87 -22.55
N LEU A 133 -4.39 12.71 -22.03
CA LEU A 133 -5.10 11.69 -22.78
C LEU A 133 -6.58 11.69 -22.42
N ARG A 134 -7.43 11.64 -23.44
CA ARG A 134 -8.88 11.55 -23.28
C ARG A 134 -9.37 10.40 -24.12
N CYS A 135 -9.99 9.41 -23.48
CA CYS A 135 -10.35 8.17 -24.17
C CYS A 135 -11.52 7.52 -23.46
N HIS A 136 -11.98 6.40 -24.02
CA HIS A 136 -13.02 5.60 -23.40
C HIS A 136 -12.44 4.87 -22.19
N LEU A 137 -13.02 5.09 -21.01
CA LEU A 137 -12.47 4.56 -19.78
C LEU A 137 -13.57 4.04 -18.87
N SER A 138 -13.16 3.26 -17.88
CA SER A 138 -14.00 2.87 -16.76
C SER A 138 -13.19 3.07 -15.49
N TYR A 139 -13.83 3.61 -14.45
CA TYR A 139 -13.09 3.97 -13.25
C TYR A 139 -13.75 3.40 -12.00
N VAL A 140 -12.91 3.17 -11.00
CA VAL A 140 -13.34 2.78 -9.65
C VAL A 140 -12.80 3.84 -8.70
N ALA A 141 -13.70 4.59 -8.06
CA ALA A 141 -13.32 5.72 -7.23
C ALA A 141 -13.80 5.52 -5.80
N LEU A 142 -12.95 5.91 -4.85
CA LEU A 142 -13.30 5.83 -3.44
C LEU A 142 -12.63 6.97 -2.69
N SER A 143 -13.24 7.39 -1.59
CA SER A 143 -12.70 8.46 -0.76
C SER A 143 -13.01 8.14 0.70
N ILE A 144 -11.98 8.07 1.53
CA ILE A 144 -12.12 7.71 2.94
C ILE A 144 -11.48 8.79 3.79
N ASN A 145 -11.70 8.66 5.11
CA ASN A 145 -11.25 9.63 6.11
C ASN A 145 -11.88 11.00 5.87
N GLY A 146 -13.13 11.01 5.42
CA GLY A 146 -13.85 12.24 5.16
C GLY A 146 -13.23 13.05 4.03
N ASP A 147 -13.11 12.43 2.86
CA ASP A 147 -12.52 13.05 1.67
C ASP A 147 -11.07 13.49 1.89
N LYS A 148 -10.39 12.89 2.88
CA LYS A 148 -9.00 13.21 3.14
C LYS A 148 -8.02 12.27 2.45
N PHE A 149 -8.47 11.07 2.06
CA PHE A 149 -7.63 10.17 1.29
C PHE A 149 -8.49 9.55 0.19
N GLN A 150 -8.18 9.89 -1.06
CA GLN A 150 -8.96 9.41 -2.19
C GLN A 150 -8.10 8.51 -3.07
N TYR A 151 -8.75 7.52 -3.69
CA TYR A 151 -8.11 6.64 -4.66
C TYR A 151 -9.01 6.51 -5.87
N THR A 152 -8.51 6.90 -7.03
CA THR A 152 -9.24 6.80 -8.29
C THR A 152 -8.45 5.93 -9.25
N GLY A 153 -9.04 4.82 -9.68
CA GLY A 153 -8.39 3.96 -10.64
C GLY A 153 -9.13 3.92 -11.95
N ALA A 154 -8.58 4.58 -12.97
CA ALA A 154 -9.17 4.56 -14.31
C ALA A 154 -8.51 3.49 -15.14
N MET A 155 -9.22 3.03 -16.17
CA MET A 155 -8.66 1.96 -16.99
C MET A 155 -9.32 1.97 -18.37
N THR A 156 -8.51 1.69 -19.38
CA THR A 156 -8.98 1.35 -20.70
C THR A 156 -8.88 -0.18 -20.86
N SER A 157 -8.94 -0.66 -22.10
CA SER A 157 -8.67 -2.06 -22.36
C SER A 157 -7.19 -2.35 -22.54
N LYS A 158 -6.35 -1.31 -22.56
CA LYS A 158 -4.91 -1.46 -22.78
C LYS A 158 -4.09 -1.27 -21.53
N PHE A 159 -4.45 -0.32 -20.66
CA PHE A 159 -3.68 -0.07 -19.45
C PHE A 159 -4.60 0.47 -18.36
N LEU A 160 -4.18 0.27 -17.12
CA LEU A 160 -4.85 0.78 -15.93
C LEU A 160 -3.95 1.77 -15.24
N MET A 161 -4.54 2.82 -14.66
CA MET A 161 -3.79 3.82 -13.92
C MET A 161 -4.57 4.15 -12.65
N GLY A 162 -4.03 3.76 -11.51
CA GLY A 162 -4.60 4.12 -10.21
C GLY A 162 -3.84 5.30 -9.63
N THR A 163 -4.54 6.10 -8.84
CA THR A 163 -3.97 7.32 -8.29
C THR A 163 -4.45 7.49 -6.85
N TYR A 164 -3.50 7.51 -5.92
CA TYR A 164 -3.76 7.89 -4.54
C TYR A 164 -3.49 9.39 -4.38
N LYS A 165 -4.36 10.04 -3.61
CA LYS A 165 -4.20 11.46 -3.28
C LYS A 165 -4.61 11.66 -1.83
N ARG A 166 -3.66 12.03 -0.99
CA ARG A 166 -3.94 12.32 0.41
C ARG A 166 -3.75 13.80 0.67
N VAL A 167 -4.76 14.43 1.27
CA VAL A 167 -4.72 15.84 1.63
C VAL A 167 -4.40 15.92 3.12
N THR A 168 -3.25 16.49 3.45
CA THR A 168 -2.87 16.66 4.84
C THR A 168 -3.73 17.74 5.49
N GLU A 169 -3.73 17.74 6.83
CA GLU A 169 -4.52 18.73 7.56
C GLU A 169 -4.01 20.14 7.39
N LYS A 170 -2.72 20.31 7.09
CA LYS A 170 -2.17 21.63 6.86
C LYS A 170 -2.67 22.27 5.56
N GLY A 171 -3.18 21.46 4.64
CA GLY A 171 -3.68 21.93 3.37
C GLY A 171 -2.96 21.35 2.16
N ASP A 172 -1.75 20.85 2.33
CA ASP A 172 -1.00 20.28 1.21
C ASP A 172 -1.60 18.94 0.79
N GLU A 173 -1.29 18.55 -0.44
CA GLU A 173 -1.82 17.32 -1.02
C GLU A 173 -0.69 16.56 -1.70
N HIS A 174 -0.66 15.25 -1.48
CA HIS A 174 0.35 14.37 -2.05
C HIS A 174 -0.31 13.35 -2.96
N VAL A 175 0.20 13.24 -4.18
CA VAL A 175 -0.38 12.40 -5.23
C VAL A 175 0.66 11.38 -5.69
N LEU A 176 0.20 10.17 -5.96
CA LEU A 176 1.09 9.12 -6.45
C LEU A 176 0.28 8.16 -7.31
N SER A 177 0.78 7.86 -8.52
CA SER A 177 0.05 7.03 -9.46
C SER A 177 0.83 5.77 -9.78
N LEU A 178 0.09 4.69 -10.05
CA LEU A 178 0.64 3.41 -10.48
C LEU A 178 -0.04 3.01 -11.78
N VAL A 179 0.75 2.82 -12.84
CA VAL A 179 0.24 2.46 -14.15
C VAL A 179 0.68 1.04 -14.46
N PHE A 180 -0.29 0.17 -14.74
CA PHE A 180 -0.02 -1.22 -15.05
C PHE A 180 -0.58 -1.56 -16.43
N GLY A 181 0.18 -2.34 -17.20
CA GLY A 181 -0.33 -2.75 -18.49
C GLY A 181 0.74 -3.40 -19.35
N LYS A 182 0.59 -3.25 -20.66
CA LYS A 182 1.61 -3.69 -21.60
C LYS A 182 2.55 -2.54 -21.91
N THR A 183 3.85 -2.85 -21.98
CA THR A 183 4.84 -1.81 -22.23
C THR A 183 4.57 -1.09 -23.54
N LYS A 184 4.15 -1.83 -24.57
CA LYS A 184 3.81 -1.21 -25.84
C LYS A 184 2.50 -0.43 -25.78
N ASP A 185 1.65 -0.70 -24.80
CA ASP A 185 0.33 -0.08 -24.70
C ASP A 185 0.27 1.02 -23.65
N LEU A 186 1.36 1.27 -22.93
CA LEU A 186 1.37 2.34 -21.95
C LEU A 186 1.20 3.69 -22.65
N PRO A 187 0.61 4.68 -21.96
CA PRO A 187 0.33 5.97 -22.61
C PRO A 187 1.61 6.68 -23.03
N ASP A 188 1.42 7.74 -23.82
CA ASP A 188 2.53 8.47 -24.39
C ASP A 188 3.14 9.41 -23.36
N LEU A 189 4.47 9.38 -23.26
CA LEU A 189 5.19 10.21 -22.29
C LEU A 189 5.48 11.59 -22.87
N ARG A 190 5.67 12.55 -21.97
CA ARG A 190 5.94 13.93 -22.31
C ARG A 190 7.34 14.31 -21.87
N GLY A 191 7.98 15.19 -22.65
CA GLY A 191 9.27 15.71 -22.30
C GLY A 191 10.36 14.66 -22.36
N PRO A 192 11.39 14.81 -21.52
CA PRO A 192 12.54 13.92 -21.60
C PRO A 192 12.40 12.66 -20.77
N PHE A 193 11.17 12.25 -20.49
CA PHE A 193 10.90 11.08 -19.66
C PHE A 193 10.83 9.82 -20.52
N SER A 194 11.58 8.80 -20.12
CA SER A 194 11.44 7.46 -20.67
C SER A 194 10.85 6.54 -19.61
N TYR A 195 10.56 5.32 -20.02
CA TYR A 195 9.89 4.36 -19.14
C TYR A 195 10.86 3.52 -18.31
N PRO A 196 12.01 3.09 -18.84
CA PRO A 196 12.97 2.36 -17.98
C PRO A 196 13.35 3.13 -16.72
N SER A 197 13.35 4.47 -16.76
CA SER A 197 13.66 5.25 -15.58
C SER A 197 12.52 5.33 -14.59
N LEU A 198 11.32 4.89 -14.97
CA LEU A 198 10.16 4.92 -14.08
C LEU A 198 9.58 3.54 -13.82
N THR A 199 10.10 2.49 -14.47
CA THR A 199 9.54 1.15 -14.30
C THR A 199 9.88 0.60 -12.92
N SER A 200 8.86 0.15 -12.20
CA SER A 200 9.06 -0.53 -10.92
C SER A 200 9.10 -2.05 -11.09
N ALA A 201 8.28 -2.59 -11.97
CA ALA A 201 8.30 -4.02 -12.26
C ALA A 201 8.07 -4.22 -13.75
N GLN A 202 8.60 -5.32 -14.29
CA GLN A 202 8.49 -5.57 -15.72
C GLN A 202 8.71 -7.05 -15.99
N SER A 203 7.75 -7.68 -16.65
CA SER A 203 7.89 -9.06 -17.09
C SER A 203 8.38 -9.10 -18.54
N GLY A 204 7.91 -10.07 -19.31
CA GLY A 204 8.28 -10.12 -20.72
C GLY A 204 7.58 -9.04 -21.52
N ASP A 205 6.25 -8.94 -21.36
CA ASP A 205 5.45 -7.96 -22.08
C ASP A 205 4.77 -6.94 -21.19
N TYR A 206 4.61 -7.21 -19.90
CA TYR A 206 3.87 -6.34 -19.01
C TYR A 206 4.80 -5.46 -18.18
N SER A 207 4.25 -4.37 -17.69
CA SER A 207 5.02 -3.33 -17.01
C SER A 207 4.15 -2.66 -15.95
N LEU A 208 4.79 -2.35 -14.81
CA LEU A 208 4.17 -1.63 -13.71
C LEU A 208 5.10 -0.47 -13.35
N VAL A 209 4.58 0.75 -13.50
CA VAL A 209 5.34 1.98 -13.42
C VAL A 209 4.75 2.85 -12.31
N ILE A 210 5.60 3.56 -11.59
CA ILE A 210 5.18 4.49 -10.54
C ILE A 210 5.50 5.91 -10.99
N VAL A 211 4.57 6.83 -10.74
CA VAL A 211 4.68 8.21 -11.18
C VAL A 211 4.36 9.11 -9.99
N THR A 212 5.36 9.87 -9.55
CA THR A 212 5.23 10.77 -8.41
C THR A 212 6.52 11.56 -8.29
N THR A 213 6.49 12.60 -7.46
CA THR A 213 7.67 13.40 -7.18
C THR A 213 8.46 12.79 -6.03
N PHE A 214 9.70 13.25 -5.86
CA PHE A 214 10.54 12.74 -4.77
C PHE A 214 9.96 13.08 -3.41
N VAL A 215 9.46 14.32 -3.26
CA VAL A 215 8.86 14.73 -1.98
C VAL A 215 7.62 13.89 -1.70
N HIS A 216 6.74 13.77 -2.70
CA HIS A 216 5.55 12.94 -2.53
C HIS A 216 5.91 11.48 -2.32
N TYR A 217 6.98 11.01 -2.98
CA TYR A 217 7.40 9.63 -2.79
C TYR A 217 7.85 9.39 -1.35
N ALA A 218 8.59 10.34 -0.78
CA ALA A 218 9.02 10.20 0.62
C ALA A 218 7.82 10.24 1.56
N ASN A 219 6.91 11.19 1.34
CA ASN A 219 5.74 11.30 2.20
C ASN A 219 4.87 10.05 2.13
N PHE A 220 4.79 9.41 0.97
CA PHE A 220 4.02 8.18 0.86
C PHE A 220 4.79 6.99 1.42
N HIS A 221 6.10 6.93 1.16
CA HIS A 221 6.94 5.86 1.70
C HIS A 221 6.94 5.84 3.21
N ASN A 222 6.64 6.98 3.85
CA ASN A 222 6.48 6.98 5.29
C ASN A 222 5.43 5.95 5.74
N TYR A 223 4.24 5.99 5.14
CA TYR A 223 3.14 5.15 5.56
C TYR A 223 2.64 4.20 4.47
N PHE A 224 3.38 4.04 3.37
CA PHE A 224 2.92 3.18 2.28
C PHE A 224 4.17 2.59 1.60
N VAL A 225 4.41 1.31 1.87
CA VAL A 225 5.51 0.58 1.24
C VAL A 225 4.94 -0.69 0.62
N PRO A 226 4.61 -0.68 -0.67
CA PRO A 226 4.02 -1.87 -1.29
C PRO A 226 5.06 -2.79 -1.92
N ASN A 227 4.75 -4.08 -1.86
CA ASN A 227 5.59 -5.10 -2.50
C ASN A 227 5.21 -5.14 -3.98
N LEU A 228 5.76 -4.18 -4.73
CA LEU A 228 5.41 -4.04 -6.14
C LEU A 228 5.80 -5.27 -6.95
N LYS A 229 6.83 -5.98 -6.52
CA LYS A 229 7.24 -7.18 -7.25
C LYS A 229 6.18 -8.28 -7.16
N ASP A 230 5.80 -8.64 -5.93
CA ASP A 230 4.75 -9.65 -5.76
C ASP A 230 3.40 -9.13 -6.25
N MET A 231 3.14 -7.83 -6.09
CA MET A 231 1.94 -7.22 -6.66
C MET A 231 1.85 -7.48 -8.16
N PHE A 232 2.91 -7.14 -8.89
CA PHE A 232 2.95 -7.33 -10.33
C PHE A 232 2.90 -8.81 -10.70
N SER A 233 3.55 -9.66 -9.89
CA SER A 233 3.53 -11.11 -10.15
C SER A 233 2.12 -11.65 -10.06
N ARG A 234 1.39 -11.30 -8.99
CA ARG A 234 0.01 -11.75 -8.88
C ARG A 234 -0.88 -11.13 -9.94
N ALA A 235 -0.60 -9.89 -10.35
CA ALA A 235 -1.40 -9.26 -11.39
C ALA A 235 -1.20 -9.92 -12.74
N VAL A 236 -0.01 -10.44 -13.02
CA VAL A 236 0.28 -11.00 -14.33
C VAL A 236 -0.04 -12.50 -14.39
N THR A 237 0.40 -13.26 -13.39
CA THR A 237 0.34 -14.73 -13.50
C THR A 237 -1.02 -15.31 -13.15
N MET A 238 -1.87 -14.58 -12.44
CA MET A 238 -3.17 -15.11 -12.06
C MET A 238 -4.18 -14.88 -13.18
N THR A 239 -5.28 -15.62 -13.10
CA THR A 239 -6.37 -15.46 -14.06
C THR A 239 -7.26 -14.31 -13.61
N ALA A 240 -8.38 -14.10 -14.31
CA ALA A 240 -9.28 -13.01 -13.96
C ALA A 240 -10.11 -13.37 -12.73
N ALA A 241 -10.82 -14.49 -12.78
CA ALA A 241 -11.67 -14.90 -11.67
C ALA A 241 -10.85 -15.20 -10.42
N SER A 242 -9.69 -15.83 -10.58
CA SER A 242 -8.85 -16.14 -9.43
C SER A 242 -8.34 -14.88 -8.76
N TYR A 243 -7.89 -13.90 -9.54
CA TYR A 243 -7.42 -12.65 -8.97
C TYR A 243 -8.56 -11.88 -8.32
N ALA A 244 -9.74 -11.90 -8.93
CA ALA A 244 -10.90 -11.26 -8.32
C ALA A 244 -11.25 -11.91 -6.99
N ARG A 245 -11.18 -13.24 -6.91
CA ARG A 245 -11.47 -13.93 -5.66
C ARG A 245 -10.41 -13.63 -4.61
N TYR A 246 -9.15 -13.53 -5.02
CA TYR A 246 -8.08 -13.17 -4.09
C TYR A 246 -8.32 -11.78 -3.49
N VAL A 247 -8.63 -10.81 -4.35
CA VAL A 247 -8.94 -9.47 -3.86
C VAL A 247 -10.20 -9.48 -3.00
N LEU A 248 -11.15 -10.36 -3.31
CA LEU A 248 -12.35 -10.50 -2.50
C LEU A 248 -12.02 -10.96 -1.09
N GLN A 249 -11.17 -11.99 -0.97
CA GLN A 249 -10.78 -12.46 0.35
C GLN A 249 -9.97 -11.41 1.10
N LYS A 250 -9.15 -10.64 0.38
CA LYS A 250 -8.42 -9.55 1.04
C LYS A 250 -9.37 -8.50 1.58
N LEU A 251 -10.39 -8.12 0.80
CA LEU A 251 -11.37 -7.16 1.27
C LEU A 251 -12.19 -7.71 2.44
N VAL A 252 -12.45 -9.02 2.45
CA VAL A 252 -13.15 -9.63 3.57
C VAL A 252 -12.29 -9.55 4.83
N LEU A 253 -11.00 -9.85 4.71
CA LEU A 253 -10.10 -9.73 5.85
C LEU A 253 -10.02 -8.29 6.35
N LEU A 254 -10.07 -7.32 5.43
CA LEU A 254 -10.07 -5.92 5.84
C LEU A 254 -11.37 -5.57 6.57
N GLU A 255 -12.50 -6.10 6.10
CA GLU A 255 -13.78 -5.83 6.75
C GLU A 255 -13.83 -6.48 8.13
N MET A 256 -13.13 -7.60 8.33
CA MET A 256 -13.07 -8.20 9.65
C MET A 256 -12.10 -7.44 10.56
N LYS A 257 -10.87 -7.26 10.11
CA LYS A 257 -9.83 -6.59 10.89
C LYS A 257 -10.09 -5.09 10.88
N GLY A 258 -10.71 -4.57 11.93
CA GLY A 258 -10.99 -3.16 12.02
C GLY A 258 -12.22 -2.73 11.24
N GLY A 259 -12.39 -3.30 10.05
CA GLY A 259 -13.56 -3.02 9.23
C GLY A 259 -13.44 -1.72 8.48
N CYS A 260 -14.40 -1.54 7.56
CA CYS A 260 -14.51 -0.31 6.79
C CYS A 260 -15.13 0.83 7.58
N ARG A 261 -15.50 0.60 8.84
CA ARG A 261 -15.97 1.69 9.69
C ARG A 261 -14.86 2.69 9.95
N GLU A 262 -13.64 2.19 10.20
CA GLU A 262 -12.46 3.03 10.41
C GLU A 262 -11.36 2.51 9.49
N PRO A 263 -11.32 2.99 8.25
CA PRO A 263 -10.34 2.46 7.28
C PRO A 263 -8.92 2.91 7.62
N GLU A 264 -8.02 1.95 7.75
CA GLU A 264 -6.63 2.24 8.08
C GLU A 264 -5.86 2.64 6.83
N LEU A 265 -4.90 3.54 7.02
CA LEU A 265 -3.96 3.91 5.96
C LEU A 265 -2.71 3.02 6.00
N ASP A 266 -2.92 1.72 6.10
CA ASP A 266 -1.85 0.74 6.07
C ASP A 266 -1.59 0.30 4.63
N THR A 267 -0.38 -0.23 4.40
CA THR A 267 -0.01 -0.71 3.09
C THR A 267 -1.00 -1.74 2.57
N GLU A 268 -1.56 -2.55 3.46
CA GLU A 268 -2.51 -3.58 3.04
C GLU A 268 -3.75 -2.96 2.41
N THR A 269 -4.25 -1.86 2.98
CA THR A 269 -5.48 -1.24 2.47
C THR A 269 -5.27 -0.65 1.08
N LEU A 270 -4.19 0.11 0.90
CA LEU A 270 -3.92 0.71 -0.40
C LEU A 270 -3.60 -0.35 -1.44
N THR A 271 -2.88 -1.40 -1.04
CA THR A 271 -2.65 -2.54 -1.92
C THR A 271 -3.97 -3.18 -2.34
N THR A 272 -4.91 -3.32 -1.41
CA THR A 272 -6.20 -3.90 -1.75
C THR A 272 -6.98 -3.00 -2.70
N MET A 273 -6.86 -1.68 -2.54
CA MET A 273 -7.52 -0.76 -3.47
C MET A 273 -6.96 -0.92 -4.88
N PHE A 274 -5.64 -0.85 -5.01
CA PHE A 274 -5.04 -1.02 -6.33
C PHE A 274 -5.31 -2.39 -6.90
N GLU A 275 -5.49 -3.40 -6.04
CA GLU A 275 -5.79 -4.74 -6.52
C GLU A 275 -7.24 -4.88 -6.95
N VAL A 276 -8.16 -4.11 -6.35
CA VAL A 276 -9.52 -4.00 -6.90
C VAL A 276 -9.46 -3.42 -8.31
N SER A 277 -8.70 -2.33 -8.46
CA SER A 277 -8.53 -1.73 -9.78
C SER A 277 -7.97 -2.75 -10.77
N VAL A 278 -6.93 -3.48 -10.35
CA VAL A 278 -6.32 -4.48 -11.22
C VAL A 278 -7.31 -5.61 -11.53
N ALA A 279 -8.17 -5.97 -10.57
CA ALA A 279 -9.12 -7.06 -10.80
C ALA A 279 -10.15 -6.66 -11.85
N PHE A 280 -10.58 -5.40 -11.84
CA PHE A 280 -11.47 -4.95 -12.91
C PHE A 280 -10.74 -4.84 -14.24
N PHE A 281 -9.50 -4.34 -14.20
CA PHE A 281 -8.72 -4.21 -15.42
C PHE A 281 -8.42 -5.57 -16.05
N LYS A 282 -8.27 -6.61 -15.23
CA LYS A 282 -7.91 -7.92 -15.76
C LYS A 282 -9.06 -8.57 -16.51
N VAL A 283 -10.29 -8.12 -16.27
CA VAL A 283 -11.42 -8.55 -17.09
C VAL A 283 -11.59 -7.65 -18.30
N GLY A 284 -11.50 -6.33 -18.10
CA GLY A 284 -11.64 -5.41 -19.22
C GLY A 284 -10.60 -5.65 -20.31
N HIS A 285 -9.32 -5.65 -19.92
CA HIS A 285 -8.23 -5.83 -20.87
C HIS A 285 -8.26 -7.22 -21.50
N ALA A 286 -8.66 -8.24 -20.72
CA ALA A 286 -8.75 -9.59 -21.28
C ALA A 286 -9.82 -9.66 -22.36
N VAL A 287 -10.98 -9.03 -22.12
CA VAL A 287 -12.02 -9.00 -23.13
C VAL A 287 -11.56 -8.21 -24.36
N GLY A 288 -10.84 -7.11 -24.12
CA GLY A 288 -10.43 -6.24 -25.21
C GLY A 288 -9.21 -6.68 -26.00
N GLU A 289 -8.47 -7.67 -25.51
CA GLU A 289 -7.23 -8.10 -26.16
C GLU A 289 -7.38 -9.37 -26.98
N THR A 290 -8.54 -10.03 -26.95
CA THR A 290 -8.70 -11.25 -27.72
C THR A 290 -8.79 -11.00 -29.22
N GLY A 291 -8.99 -9.75 -29.64
CA GLY A 291 -8.91 -9.41 -31.04
C GLY A 291 -10.18 -9.63 -31.84
N ASN A 292 -11.23 -8.86 -31.53
CA ASN A 292 -12.49 -8.83 -32.27
C ASN A 292 -13.17 -10.21 -32.35
N GLY A 293 -12.72 -11.18 -31.57
CA GLY A 293 -13.34 -12.49 -31.57
C GLY A 293 -14.57 -12.53 -30.69
N CYS A 294 -14.72 -13.61 -29.92
CA CYS A 294 -15.83 -13.71 -28.98
C CYS A 294 -15.34 -14.47 -27.75
N VAL A 295 -15.91 -14.09 -26.60
CA VAL A 295 -15.56 -14.69 -25.32
C VAL A 295 -16.70 -15.59 -24.86
N ASP A 296 -16.35 -16.73 -24.29
CA ASP A 296 -17.34 -17.71 -23.86
C ASP A 296 -18.27 -17.09 -22.81
N LEU A 297 -19.53 -17.51 -22.83
CA LEU A 297 -20.50 -17.01 -21.86
C LEU A 297 -20.22 -17.56 -20.47
N ARG A 298 -19.70 -18.79 -20.37
CA ARG A 298 -19.35 -19.35 -19.07
C ARG A 298 -18.25 -18.55 -18.40
N TRP A 299 -17.19 -18.25 -19.14
CA TRP A 299 -16.11 -17.40 -18.62
C TRP A 299 -16.62 -16.01 -18.26
N LEU A 300 -17.46 -15.44 -19.12
CA LEU A 300 -18.01 -14.12 -18.87
C LEU A 300 -18.80 -14.09 -17.57
N ALA A 301 -19.65 -15.09 -17.36
CA ALA A 301 -20.42 -15.15 -16.12
C ALA A 301 -19.52 -15.35 -14.91
N LYS A 302 -18.58 -16.30 -15.02
CA LYS A 302 -17.69 -16.59 -13.89
C LYS A 302 -16.86 -15.39 -13.49
N SER A 303 -16.51 -14.52 -14.43
CA SER A 303 -15.72 -13.34 -14.10
C SER A 303 -16.59 -12.17 -13.65
N PHE A 304 -17.73 -11.94 -14.31
CA PHE A 304 -18.57 -10.80 -13.95
C PHE A 304 -19.31 -11.03 -12.65
N PHE A 305 -19.53 -12.29 -12.24
CA PHE A 305 -20.05 -12.54 -10.91
C PHE A 305 -19.11 -12.01 -9.84
N GLU A 306 -17.82 -12.37 -9.95
CA GLU A 306 -16.84 -11.86 -9.00
C GLU A 306 -16.70 -10.35 -9.09
N LEU A 307 -16.79 -9.80 -10.31
CA LEU A 307 -16.71 -8.34 -10.45
C LEU A 307 -17.88 -7.65 -9.75
N THR A 308 -19.09 -8.18 -9.92
CA THR A 308 -20.26 -7.58 -9.26
C THR A 308 -20.17 -7.72 -7.75
N VAL A 309 -19.66 -8.86 -7.27
CA VAL A 309 -19.47 -9.02 -5.82
C VAL A 309 -18.48 -8.00 -5.29
N LEU A 310 -17.36 -7.80 -6.01
CA LEU A 310 -16.38 -6.80 -5.59
C LEU A 310 -16.98 -5.40 -5.58
N LYS A 311 -17.76 -5.07 -6.61
CA LYS A 311 -18.39 -3.75 -6.67
C LYS A 311 -19.35 -3.55 -5.52
N ASP A 312 -20.19 -4.55 -5.25
CA ASP A 312 -21.14 -4.46 -4.14
C ASP A 312 -20.43 -4.30 -2.82
N ILE A 313 -19.32 -5.02 -2.63
CA ILE A 313 -18.62 -4.97 -1.34
C ILE A 313 -17.93 -3.62 -1.16
N ILE A 314 -17.27 -3.10 -2.21
CA ILE A 314 -16.62 -1.81 -2.05
C ILE A 314 -17.62 -0.68 -1.95
N GLY A 315 -18.83 -0.86 -2.49
CA GLY A 315 -19.87 0.14 -2.29
C GLY A 315 -20.49 0.07 -0.91
N ILE A 316 -20.59 -1.13 -0.34
CA ILE A 316 -21.11 -1.29 1.01
C ILE A 316 -20.13 -0.74 2.03
N CYS A 317 -18.84 -1.01 1.84
CA CYS A 317 -17.83 -0.61 2.81
C CYS A 317 -17.41 0.84 2.63
N TYR A 318 -16.60 1.11 1.61
CA TYR A 318 -16.01 2.43 1.41
C TYR A 318 -16.91 3.38 0.62
N GLY A 319 -18.13 2.96 0.29
CA GLY A 319 -18.98 3.79 -0.54
C GLY A 319 -18.41 4.06 -1.92
N ALA A 320 -17.57 3.15 -2.41
CA ALA A 320 -16.89 3.38 -3.68
C ALA A 320 -17.84 3.20 -4.85
N THR A 321 -17.55 3.91 -5.94
CA THR A 321 -18.34 3.85 -7.16
C THR A 321 -17.53 3.20 -8.27
N VAL A 322 -18.24 2.48 -9.14
CA VAL A 322 -17.64 1.81 -10.30
C VAL A 322 -18.44 2.24 -11.52
N LYS A 323 -17.87 3.14 -12.32
CA LYS A 323 -18.48 3.57 -13.57
C LYS A 323 -17.80 2.82 -14.70
N GLY A 324 -18.53 1.89 -15.32
CA GLY A 324 -18.02 1.08 -16.39
C GLY A 324 -18.05 -0.40 -16.04
N MET A 325 -17.56 -1.20 -16.99
CA MET A 325 -17.50 -2.66 -16.86
C MET A 325 -18.86 -3.24 -16.50
N GLN A 326 -19.89 -2.80 -17.22
CA GLN A 326 -21.26 -3.20 -16.96
C GLN A 326 -21.81 -4.13 -18.03
N SER A 327 -21.83 -3.69 -19.29
CA SER A 327 -22.43 -4.42 -20.41
C SER A 327 -23.90 -4.71 -20.15
N TYR A 328 -24.79 -3.85 -20.65
CA TYR A 328 -26.21 -4.12 -20.52
C TYR A 328 -26.62 -5.33 -21.35
N GLY A 329 -25.88 -5.61 -22.42
CA GLY A 329 -26.17 -6.80 -23.22
C GLY A 329 -25.96 -8.09 -22.44
N LEU A 330 -24.88 -8.16 -21.66
CA LEU A 330 -24.66 -9.32 -20.81
C LEU A 330 -25.76 -9.45 -19.77
N GLU A 331 -26.23 -8.33 -19.23
CA GLU A 331 -27.32 -8.37 -18.26
C GLU A 331 -28.60 -8.88 -18.90
N ARG A 332 -28.93 -8.41 -20.10
CA ARG A 332 -30.12 -8.90 -20.79
C ARG A 332 -29.99 -10.39 -21.10
N LEU A 333 -28.82 -10.82 -21.55
CA LEU A 333 -28.63 -12.23 -21.88
C LEU A 333 -28.78 -13.12 -20.65
N ALA A 334 -28.20 -12.69 -19.52
CA ALA A 334 -28.31 -13.48 -18.29
C ALA A 334 -29.75 -13.51 -17.78
N ALA A 335 -30.43 -12.35 -17.79
CA ALA A 335 -31.82 -12.32 -17.35
C ALA A 335 -32.73 -13.13 -18.27
N MET A 336 -32.39 -13.22 -19.56
CA MET A 336 -33.16 -14.04 -20.48
C MET A 336 -32.93 -15.52 -20.20
N LEU A 337 -31.67 -15.92 -20.02
CA LEU A 337 -31.37 -17.31 -19.69
C LEU A 337 -31.92 -17.71 -18.33
N MET A 338 -32.16 -16.74 -17.44
CA MET A 338 -32.72 -17.07 -16.13
C MET A 338 -34.15 -17.57 -16.24
N ALA A 339 -34.91 -17.10 -17.22
CA ALA A 339 -36.30 -17.50 -17.39
C ALA A 339 -36.43 -18.88 -18.05
N THR A 340 -35.33 -19.59 -18.26
CA THR A 340 -35.36 -20.90 -18.89
C THR A 340 -35.22 -22.05 -17.89
N VAL A 341 -35.16 -21.75 -16.60
CA VAL A 341 -35.01 -22.77 -15.56
C VAL A 341 -35.89 -22.39 -14.39
N LYS A 342 -36.51 -23.40 -13.77
CA LYS A 342 -37.37 -23.18 -12.61
C LYS A 342 -36.51 -22.93 -11.38
N MET A 343 -36.69 -21.75 -10.76
CA MET A 343 -35.91 -21.41 -9.58
C MET A 343 -36.25 -22.33 -8.41
N GLU A 344 -37.48 -22.82 -8.34
CA GLU A 344 -37.86 -23.72 -7.26
C GLU A 344 -37.19 -25.08 -7.39
N GLU A 345 -36.85 -25.49 -8.60
CA GLU A 345 -36.19 -26.76 -8.87
C GLU A 345 -34.79 -26.55 -9.43
N LEU A 346 -34.11 -25.49 -8.95
CA LEU A 346 -32.77 -25.21 -9.42
C LEU A 346 -31.74 -26.19 -8.87
N GLY A 347 -31.98 -26.71 -7.67
CA GLY A 347 -31.06 -27.62 -7.02
C GLY A 347 -31.01 -29.03 -7.56
N HIS A 348 -31.86 -29.37 -8.54
CA HIS A 348 -31.85 -30.69 -9.15
C HIS A 348 -30.87 -30.81 -10.30
N LEU A 349 -30.23 -29.72 -10.71
CA LEU A 349 -29.31 -29.74 -11.84
C LEU A 349 -27.91 -30.11 -11.37
N THR A 350 -26.99 -30.21 -12.33
CA THR A 350 -25.60 -30.51 -12.02
C THR A 350 -24.96 -29.33 -11.29
N THR A 351 -23.95 -29.63 -10.47
CA THR A 351 -23.27 -28.59 -9.71
C THR A 351 -22.70 -27.51 -10.63
N GLU A 352 -22.15 -27.91 -11.77
CA GLU A 352 -21.69 -26.94 -12.76
C GLU A 352 -22.85 -26.10 -13.27
N LYS A 353 -23.99 -26.73 -13.56
CA LYS A 353 -25.15 -25.98 -14.00
C LYS A 353 -25.68 -25.07 -12.89
N GLN A 354 -25.59 -25.53 -11.63
CA GLN A 354 -26.02 -24.68 -10.52
C GLN A 354 -25.15 -23.44 -10.40
N GLU A 355 -23.83 -23.61 -10.50
CA GLU A 355 -22.93 -22.47 -10.46
C GLU A 355 -23.17 -21.53 -11.63
N TYR A 356 -23.41 -22.10 -12.81
CA TYR A 356 -23.73 -21.30 -13.98
C TYR A 356 -24.98 -20.46 -13.74
N ALA A 357 -26.04 -21.10 -13.23
CA ALA A 357 -27.30 -20.39 -13.00
C ALA A 357 -27.14 -19.30 -11.96
N LEU A 358 -26.37 -19.55 -10.90
CA LEU A 358 -26.19 -18.53 -9.87
C LEU A 358 -25.33 -17.38 -10.39
N ARG A 359 -24.30 -17.69 -11.17
CA ARG A 359 -23.51 -16.65 -11.83
C ARG A 359 -24.41 -15.76 -12.68
N LEU A 360 -25.26 -16.37 -13.52
CA LEU A 360 -26.13 -15.59 -14.38
C LEU A 360 -27.18 -14.82 -13.57
N ALA A 361 -27.63 -15.37 -12.45
CA ALA A 361 -28.58 -14.66 -11.61
C ALA A 361 -27.95 -13.42 -11.00
N THR A 362 -26.69 -13.51 -10.56
CA THR A 362 -26.01 -12.34 -10.02
C THR A 362 -25.69 -11.33 -11.12
N VAL A 363 -25.37 -11.81 -12.33
CA VAL A 363 -24.95 -10.91 -13.40
C VAL A 363 -26.15 -10.16 -13.96
N GLY A 364 -27.22 -10.87 -14.32
CA GLY A 364 -28.35 -10.25 -14.97
C GLY A 364 -29.26 -9.47 -14.04
N TYR A 365 -29.18 -9.71 -12.74
CA TYR A 365 -30.00 -9.01 -11.75
C TYR A 365 -29.10 -8.47 -10.64
N PRO A 366 -28.41 -7.36 -10.90
CA PRO A 366 -27.51 -6.81 -9.87
C PRO A 366 -28.13 -5.68 -9.06
N LYS A 367 -29.29 -5.19 -9.50
CA LYS A 367 -29.90 -4.00 -8.89
C LYS A 367 -30.66 -4.41 -7.62
N ALA A 368 -29.88 -4.69 -6.58
CA ALA A 368 -30.38 -4.93 -5.23
C ALA A 368 -31.44 -6.03 -5.17
N GLY A 369 -31.57 -6.82 -6.23
CA GLY A 369 -32.54 -7.88 -6.27
C GLY A 369 -33.98 -7.41 -6.18
N VAL A 370 -34.37 -6.51 -7.09
CA VAL A 370 -35.77 -6.10 -7.16
C VAL A 370 -36.65 -7.28 -7.52
N TYR A 371 -36.17 -8.15 -8.41
CA TYR A 371 -36.80 -9.44 -8.67
C TYR A 371 -36.35 -10.39 -7.57
N SER A 372 -37.19 -10.55 -6.55
CA SER A 372 -36.82 -11.33 -5.37
C SER A 372 -36.94 -12.83 -5.58
N GLY A 373 -37.53 -13.27 -6.68
CA GLY A 373 -37.68 -14.71 -6.91
C GLY A 373 -36.37 -15.45 -6.94
N LEU A 374 -35.28 -14.74 -7.27
CA LEU A 374 -33.95 -15.36 -7.25
C LEU A 374 -33.64 -16.00 -5.90
N ILE A 375 -34.19 -15.43 -4.82
CA ILE A 375 -33.99 -16.04 -3.50
C ILE A 375 -34.48 -17.48 -3.51
N GLY A 376 -35.69 -17.71 -4.02
CA GLY A 376 -36.21 -19.05 -4.13
C GLY A 376 -35.31 -19.97 -4.93
N GLY A 377 -34.51 -19.41 -5.84
CA GLY A 377 -33.50 -20.17 -6.52
C GLY A 377 -32.40 -20.60 -5.57
N ALA A 378 -31.80 -19.62 -4.88
CA ALA A 378 -30.70 -19.93 -3.97
C ALA A 378 -31.15 -20.90 -2.88
N THR A 379 -32.34 -20.69 -2.32
CA THR A 379 -32.91 -21.64 -1.37
C THR A 379 -32.92 -23.04 -1.95
N SER A 380 -33.40 -23.18 -3.19
CA SER A 380 -33.43 -24.49 -3.83
C SER A 380 -32.03 -25.06 -3.99
N VAL A 381 -31.03 -24.19 -4.17
CA VAL A 381 -29.65 -24.67 -4.23
C VAL A 381 -29.18 -25.11 -2.86
N LEU A 382 -29.65 -24.44 -1.80
CA LEU A 382 -29.25 -24.82 -0.46
C LEU A 382 -30.02 -26.04 0.03
N LEU A 383 -31.34 -26.03 -0.13
CA LEU A 383 -32.16 -27.16 0.33
C LEU A 383 -31.71 -28.46 -0.32
N SER A 384 -31.53 -28.45 -1.64
CA SER A 384 -31.03 -29.65 -2.32
C SER A 384 -29.65 -30.04 -1.82
N ALA A 385 -28.84 -29.07 -1.43
CA ALA A 385 -27.54 -29.36 -0.85
C ALA A 385 -27.65 -29.83 0.59
N TYR A 386 -28.75 -29.52 1.27
CA TYR A 386 -28.92 -29.93 2.66
C TYR A 386 -29.24 -31.42 2.76
N ASN A 387 -30.14 -31.92 1.90
CA ASN A 387 -30.57 -33.30 2.00
C ASN A 387 -29.51 -34.29 1.54
N ARG A 388 -28.58 -33.85 0.69
CA ARG A 388 -27.52 -34.72 0.17
C ARG A 388 -26.19 -34.50 0.87
N HIS A 389 -26.19 -33.85 2.03
CA HIS A 389 -24.98 -33.56 2.78
C HIS A 389 -24.93 -34.38 4.05
N PRO A 390 -23.80 -35.00 4.38
CA PRO A 390 -23.68 -35.69 5.67
C PRO A 390 -23.90 -34.72 6.83
N LEU A 391 -24.80 -35.09 7.73
CA LEU A 391 -25.23 -34.20 8.79
C LEU A 391 -24.14 -34.00 9.82
N PHE A 392 -24.06 -32.78 10.37
CA PHE A 392 -23.12 -32.41 11.43
C PHE A 392 -21.68 -32.65 10.97
N GLN A 393 -21.37 -32.19 9.76
CA GLN A 393 -20.05 -32.35 9.18
C GLN A 393 -19.65 -31.06 8.47
N PRO A 394 -18.36 -30.77 8.38
CA PRO A 394 -17.93 -29.57 7.67
C PRO A 394 -18.27 -29.65 6.19
N LEU A 395 -18.62 -28.50 5.63
CA LEU A 395 -19.02 -28.45 4.22
C LEU A 395 -17.82 -28.68 3.32
N HIS A 396 -18.00 -29.51 2.30
CA HIS A 396 -16.94 -29.78 1.35
C HIS A 396 -16.62 -28.53 0.53
N THR A 397 -15.45 -28.55 -0.12
CA THR A 397 -15.00 -27.39 -0.88
C THR A 397 -15.99 -27.08 -2.00
N VAL A 398 -16.46 -28.10 -2.72
CA VAL A 398 -17.40 -27.88 -3.81
C VAL A 398 -18.71 -27.31 -3.29
N MET A 399 -19.24 -27.91 -2.22
CA MET A 399 -20.50 -27.41 -1.64
C MET A 399 -20.33 -26.02 -1.08
N ARG A 400 -19.20 -25.74 -0.43
CA ARG A 400 -18.96 -24.42 0.12
C ARG A 400 -18.88 -23.37 -0.99
N GLU A 401 -18.21 -23.70 -2.09
CA GLU A 401 -18.12 -22.77 -3.22
C GLU A 401 -19.48 -22.53 -3.84
N THR A 402 -20.26 -23.60 -4.04
CA THR A 402 -21.60 -23.46 -4.62
C THR A 402 -22.48 -22.58 -3.75
N LEU A 403 -22.47 -22.83 -2.43
CA LEU A 403 -23.31 -22.04 -1.54
C LEU A 403 -22.81 -20.60 -1.40
N PHE A 404 -21.49 -20.38 -1.52
CA PHE A 404 -20.97 -19.02 -1.52
C PHE A 404 -21.44 -18.27 -2.76
N ILE A 405 -21.45 -18.93 -3.91
CA ILE A 405 -21.95 -18.28 -5.13
C ILE A 405 -23.44 -18.02 -5.01
N GLY A 406 -24.18 -18.93 -4.37
CA GLY A 406 -25.61 -18.76 -4.27
C GLY A 406 -26.07 -17.76 -3.22
N SER A 407 -25.26 -17.54 -2.19
CA SER A 407 -25.66 -16.70 -1.06
C SER A 407 -25.57 -15.21 -1.34
N HIS A 408 -25.04 -14.80 -2.50
CA HIS A 408 -24.88 -13.37 -2.75
C HIS A 408 -26.23 -12.67 -2.90
N VAL A 409 -27.17 -13.31 -3.60
CA VAL A 409 -28.50 -12.70 -3.74
C VAL A 409 -29.24 -12.69 -2.40
N VAL A 410 -28.96 -13.66 -1.53
CA VAL A 410 -29.56 -13.66 -0.20
C VAL A 410 -28.99 -12.51 0.63
N LEU A 411 -27.67 -12.31 0.57
CA LEU A 411 -27.06 -11.17 1.23
C LEU A 411 -27.65 -9.87 0.71
N ARG A 412 -27.87 -9.77 -0.60
CA ARG A 412 -28.43 -8.56 -1.18
C ARG A 412 -29.86 -8.31 -0.67
N GLU A 413 -30.69 -9.36 -0.65
CA GLU A 413 -32.07 -9.20 -0.22
C GLU A 413 -32.17 -8.94 1.28
N LEU A 414 -31.21 -9.42 2.07
CA LEU A 414 -31.26 -9.21 3.50
C LEU A 414 -31.00 -7.76 3.91
N ARG A 415 -30.49 -6.92 3.00
CA ARG A 415 -30.21 -5.53 3.28
C ARG A 415 -31.32 -4.60 2.80
N LEU A 416 -32.52 -5.13 2.58
CA LEU A 416 -33.65 -4.35 2.08
C LEU A 416 -34.60 -4.01 3.23
N ASN A 417 -35.20 -2.82 3.15
CA ASN A 417 -36.17 -2.42 4.15
C ASN A 417 -37.42 -3.30 4.12
N VAL A 418 -37.70 -3.94 2.98
CA VAL A 418 -38.83 -4.84 2.84
C VAL A 418 -38.46 -5.89 1.80
N THR A 419 -39.08 -7.06 1.91
CA THR A 419 -38.78 -8.17 1.01
C THR A 419 -39.99 -9.08 0.93
N THR A 420 -40.46 -9.34 -0.30
CA THR A 420 -41.61 -10.20 -0.51
C THR A 420 -41.30 -11.68 -0.33
N GLN A 421 -40.03 -12.04 -0.20
CA GLN A 421 -39.63 -13.44 -0.01
C GLN A 421 -39.37 -13.73 1.47
N GLY A 422 -40.38 -13.47 2.29
CA GLY A 422 -40.31 -13.69 3.70
C GLY A 422 -40.07 -15.14 4.07
N PRO A 423 -41.01 -16.02 3.74
CA PRO A 423 -40.83 -17.45 4.10
C PRO A 423 -39.65 -18.10 3.41
N ASN A 424 -39.31 -17.70 2.18
CA ASN A 424 -38.17 -18.28 1.50
C ASN A 424 -36.86 -17.88 2.18
N LEU A 425 -36.72 -16.60 2.53
CA LEU A 425 -35.54 -16.17 3.28
C LEU A 425 -35.49 -16.84 4.65
N ALA A 426 -36.66 -17.05 5.27
CA ALA A 426 -36.70 -17.75 6.55
C ALA A 426 -36.22 -19.18 6.41
N LEU A 427 -36.65 -19.88 5.36
CA LEU A 427 -36.20 -21.25 5.14
C LEU A 427 -34.71 -21.30 4.83
N TYR A 428 -34.21 -20.35 4.06
CA TYR A 428 -32.77 -20.29 3.79
C TYR A 428 -31.98 -20.11 5.08
N GLN A 429 -32.42 -19.17 5.93
CA GLN A 429 -31.73 -18.93 7.19
C GLN A 429 -31.84 -20.12 8.13
N LEU A 430 -32.97 -20.83 8.12
CA LEU A 430 -33.13 -21.99 8.97
C LEU A 430 -32.21 -23.13 8.52
N LEU A 431 -32.08 -23.34 7.21
CA LEU A 431 -31.15 -24.34 6.71
C LEU A 431 -29.72 -23.95 7.03
N SER A 432 -29.40 -22.65 6.93
CA SER A 432 -28.07 -22.18 7.29
C SER A 432 -27.77 -22.43 8.76
N THR A 433 -28.76 -22.23 9.62
CA THR A 433 -28.59 -22.50 11.05
C THR A 433 -28.41 -23.99 11.30
N ALA A 434 -29.24 -24.82 10.67
CA ALA A 434 -29.15 -26.26 10.84
C ALA A 434 -27.85 -26.82 10.30
N LEU A 435 -27.22 -26.14 9.35
CA LEU A 435 -25.94 -26.60 8.83
C LEU A 435 -24.78 -26.24 9.76
N CYS A 436 -24.92 -25.18 10.54
CA CYS A 436 -23.85 -24.72 11.42
C CYS A 436 -23.80 -25.61 12.67
N SER A 437 -22.80 -26.47 12.74
CA SER A 437 -22.58 -27.30 13.92
C SER A 437 -21.24 -26.94 14.55
N ALA A 438 -20.68 -27.86 15.35
CA ALA A 438 -19.39 -27.60 15.98
C ALA A 438 -18.25 -27.83 15.00
N LEU A 439 -18.33 -28.90 14.20
CA LEU A 439 -17.26 -29.20 13.25
C LEU A 439 -17.19 -28.15 12.14
N GLU A 440 -18.34 -27.64 11.70
CA GLU A 440 -18.35 -26.59 10.70
C GLU A 440 -17.68 -25.32 11.23
N ILE A 441 -18.02 -24.94 12.46
CA ILE A 441 -17.38 -23.77 13.07
C ILE A 441 -15.89 -24.00 13.23
N GLY A 442 -15.49 -25.22 13.60
CA GLY A 442 -14.07 -25.51 13.70
C GLY A 442 -13.35 -25.38 12.39
N GLU A 443 -13.96 -25.86 11.31
CA GLU A 443 -13.35 -25.72 9.98
C GLU A 443 -13.25 -24.26 9.57
N VAL A 444 -14.30 -23.48 9.85
CA VAL A 444 -14.26 -22.05 9.52
C VAL A 444 -13.15 -21.36 10.29
N LEU A 445 -13.01 -21.68 11.57
CA LEU A 445 -11.98 -21.04 12.38
C LEU A 445 -10.58 -21.45 11.94
N ARG A 446 -10.41 -22.71 11.54
CA ARG A 446 -9.13 -23.15 10.99
C ARG A 446 -8.80 -22.38 9.71
N GLY A 447 -9.77 -22.28 8.80
CA GLY A 447 -9.54 -21.54 7.57
C GLY A 447 -9.24 -20.07 7.81
N LEU A 448 -9.90 -19.47 8.80
CA LEU A 448 -9.64 -18.08 9.12
C LEU A 448 -8.29 -17.89 9.79
N ALA A 449 -7.84 -18.89 10.56
CA ALA A 449 -6.53 -18.81 11.19
C ALA A 449 -5.42 -18.92 10.15
N LEU A 450 -5.57 -19.83 9.18
CA LEU A 450 -4.56 -19.92 8.13
C LEU A 450 -4.77 -18.87 7.05
N GLY A 451 -6.02 -18.63 6.67
CA GLY A 451 -6.33 -17.75 5.55
C GLY A 451 -6.72 -18.45 4.27
N THR A 452 -7.15 -19.72 4.35
CA THR A 452 -7.48 -20.49 3.17
C THR A 452 -8.91 -20.17 2.72
N GLU A 453 -9.40 -20.93 1.74
CA GLU A 453 -10.72 -20.68 1.16
C GLU A 453 -11.86 -21.11 2.08
N SER A 454 -11.59 -21.95 3.08
CA SER A 454 -12.66 -22.43 3.95
C SER A 454 -13.28 -21.31 4.76
N GLY A 455 -12.46 -20.37 5.23
CA GLY A 455 -12.94 -19.25 6.01
C GLY A 455 -13.56 -18.13 5.23
N LEU A 456 -13.69 -18.27 3.91
CA LEU A 456 -14.27 -17.21 3.10
C LEU A 456 -15.79 -17.14 3.27
N PHE A 457 -16.45 -18.27 3.38
CA PHE A 457 -17.90 -18.31 3.50
C PHE A 457 -18.34 -19.57 4.23
N SER A 458 -19.45 -19.46 4.94
CA SER A 458 -20.11 -20.61 5.56
C SER A 458 -21.53 -20.21 5.91
N PRO A 459 -22.47 -21.16 5.94
CA PRO A 459 -23.87 -20.80 6.21
C PRO A 459 -24.07 -20.20 7.60
N CYS A 460 -23.15 -20.44 8.54
CA CYS A 460 -23.30 -19.86 9.87
C CYS A 460 -23.28 -18.35 9.85
N TYR A 461 -22.69 -17.74 8.81
CA TYR A 461 -22.74 -16.29 8.70
C TYR A 461 -24.17 -15.78 8.51
N LEU A 462 -25.03 -16.60 7.90
CA LEU A 462 -26.44 -16.26 7.73
C LEU A 462 -27.34 -17.02 8.70
N SER A 463 -26.76 -17.67 9.70
CA SER A 463 -27.53 -18.50 10.62
C SER A 463 -28.29 -17.63 11.63
N LEU A 464 -29.39 -18.19 12.14
CA LEU A 464 -30.13 -17.60 13.24
C LEU A 464 -29.64 -18.08 14.59
N ARG A 465 -28.32 -18.17 14.74
CA ARG A 465 -27.68 -18.72 15.93
C ARG A 465 -26.95 -17.58 16.63
N PHE A 466 -27.54 -17.09 17.72
CA PHE A 466 -27.02 -15.91 18.41
C PHE A 466 -26.22 -16.23 19.66
N ASP A 467 -26.20 -17.49 20.09
CA ASP A 467 -25.53 -17.87 21.33
C ASP A 467 -24.01 -17.95 21.19
N LEU A 468 -23.46 -17.71 20.00
CA LEU A 468 -22.04 -17.89 19.75
C LEU A 468 -21.27 -16.71 20.33
N THR A 469 -20.93 -16.82 21.62
CA THR A 469 -20.07 -15.84 22.28
C THR A 469 -18.62 -16.26 22.08
N ARG A 470 -17.71 -15.65 22.83
CA ARG A 470 -16.30 -16.00 22.72
C ARG A 470 -16.04 -17.42 23.21
N ASP A 471 -16.34 -17.67 24.50
CA ASP A 471 -16.00 -18.94 25.13
C ASP A 471 -16.49 -20.14 24.32
N LYS A 472 -17.75 -20.07 23.86
CA LYS A 472 -18.29 -21.15 23.04
C LYS A 472 -17.48 -21.33 21.77
N LEU A 473 -17.02 -20.24 21.18
CA LEU A 473 -16.29 -20.34 19.92
C LEU A 473 -14.90 -20.95 20.11
N LEU A 474 -14.11 -20.42 21.05
CA LEU A 474 -12.80 -21.05 21.22
C LEU A 474 -12.87 -22.39 21.94
N SER A 475 -14.04 -22.78 22.44
CA SER A 475 -14.23 -24.18 22.81
C SER A 475 -14.52 -25.04 21.60
N MET A 476 -15.28 -24.49 20.64
CA MET A 476 -15.51 -25.17 19.37
C MET A 476 -14.34 -25.01 18.40
N ALA A 477 -13.34 -24.21 18.75
CA ALA A 477 -12.19 -24.02 17.89
C ALA A 477 -11.39 -25.31 17.77
N PRO A 478 -10.73 -25.53 16.63
CA PRO A 478 -9.93 -26.76 16.48
C PRO A 478 -8.70 -26.74 17.36
N GLN A 479 -8.27 -27.93 17.76
CA GLN A 479 -7.09 -28.08 18.60
C GLN A 479 -5.86 -27.71 17.78
N GLU A 480 -5.32 -26.52 18.04
CA GLU A 480 -4.19 -25.99 17.28
C GLU A 480 -2.92 -26.79 17.53
N ALA A 481 -2.86 -28.01 16.98
CA ALA A 481 -1.65 -28.81 17.13
C ALA A 481 -0.52 -28.28 16.25
N THR A 482 -0.86 -27.78 15.07
CA THR A 482 0.11 -27.21 14.13
C THR A 482 -0.35 -25.84 13.66
N LEU A 483 -0.99 -25.09 14.54
CA LEU A 483 -1.52 -23.78 14.22
C LEU A 483 -1.01 -22.76 15.23
N ASP A 484 -1.09 -21.49 14.85
CA ASP A 484 -0.72 -20.39 15.74
C ASP A 484 -1.89 -20.06 16.66
N GLN A 485 -1.63 -20.10 17.97
CA GLN A 485 -2.70 -19.87 18.94
C GLN A 485 -3.27 -18.46 18.82
N ALA A 486 -2.40 -17.46 18.67
CA ALA A 486 -2.87 -16.10 18.46
C ALA A 486 -3.67 -16.00 17.16
N ALA A 487 -3.30 -16.77 16.14
CA ALA A 487 -4.08 -16.80 14.91
C ALA A 487 -5.47 -17.38 15.16
N VAL A 488 -5.58 -18.41 16.00
CA VAL A 488 -6.88 -18.95 16.34
C VAL A 488 -7.71 -17.93 17.10
N SER A 489 -7.07 -17.18 18.01
CA SER A 489 -7.78 -16.13 18.74
C SER A 489 -8.30 -15.07 17.79
N ASN A 490 -7.46 -14.61 16.85
CA ASN A 490 -7.88 -13.61 15.88
C ASN A 490 -8.99 -14.15 14.97
N ALA A 491 -8.92 -15.45 14.64
CA ALA A 491 -9.96 -16.06 13.82
C ALA A 491 -11.29 -16.08 14.55
N VAL A 492 -11.28 -16.44 15.83
CA VAL A 492 -12.50 -16.40 16.64
C VAL A 492 -13.03 -14.98 16.72
N ASP A 493 -12.14 -14.01 16.91
CA ASP A 493 -12.56 -12.61 17.01
C ASP A 493 -13.24 -12.15 15.72
N GLY A 494 -12.64 -12.47 14.57
CA GLY A 494 -13.24 -12.08 13.30
C GLY A 494 -14.54 -12.81 13.04
N PHE A 495 -14.61 -14.10 13.41
CA PHE A 495 -15.84 -14.87 13.24
C PHE A 495 -16.99 -14.28 14.05
N LEU A 496 -16.71 -13.87 15.27
CA LEU A 496 -17.76 -13.27 16.10
C LEU A 496 -18.04 -11.82 15.72
N GLY A 497 -17.08 -11.13 15.11
CA GLY A 497 -17.32 -9.76 14.67
C GLY A 497 -18.12 -9.69 13.38
N ARG A 498 -17.98 -10.67 12.50
CA ARG A 498 -18.81 -10.71 11.30
C ARG A 498 -20.26 -11.01 11.64
N LEU A 499 -20.49 -11.83 12.67
CA LEU A 499 -21.84 -12.20 13.09
C LEU A 499 -22.55 -11.07 13.85
N SER A 500 -21.92 -9.91 14.00
CA SER A 500 -22.50 -8.85 14.82
C SER A 500 -23.77 -8.29 14.19
N LEU A 501 -24.70 -7.87 15.04
CA LEU A 501 -25.91 -7.22 14.56
C LEU A 501 -25.59 -5.86 13.94
N GLU A 502 -24.59 -5.16 14.46
CA GLU A 502 -24.17 -3.88 13.92
C GLU A 502 -23.51 -4.00 12.55
N ARG A 503 -23.19 -5.22 12.12
CA ARG A 503 -22.49 -5.44 10.85
C ARG A 503 -23.48 -5.28 9.71
N GLU A 504 -23.49 -4.09 9.09
CA GLU A 504 -24.23 -3.80 7.87
C GLU A 504 -25.74 -3.95 8.02
N ASP A 505 -26.21 -4.22 9.24
CA ASP A 505 -27.64 -4.25 9.56
C ASP A 505 -28.39 -5.26 8.66
N ARG A 506 -28.01 -6.52 8.79
CA ARG A 506 -28.69 -7.59 8.07
C ARG A 506 -29.49 -8.45 9.03
N ASP A 507 -29.02 -9.68 9.27
CA ASP A 507 -29.63 -10.59 10.23
C ASP A 507 -31.08 -10.88 9.89
N ALA A 508 -32.01 -10.33 10.67
CA ALA A 508 -33.44 -10.62 10.50
C ALA A 508 -34.25 -9.48 11.13
N TRP A 509 -34.13 -8.28 10.55
CA TRP A 509 -34.94 -7.16 10.98
C TRP A 509 -36.36 -7.20 10.41
N HIS A 510 -36.61 -8.05 9.43
CA HIS A 510 -37.93 -8.18 8.82
C HIS A 510 -38.59 -9.53 9.15
N LEU A 511 -37.98 -10.32 10.02
CA LEU A 511 -38.60 -11.58 10.41
C LEU A 511 -39.83 -11.28 11.27
N PRO A 512 -40.98 -11.89 10.99
CA PRO A 512 -42.20 -11.53 11.74
C PRO A 512 -42.12 -11.81 13.23
N ALA A 513 -41.51 -12.93 13.62
CA ALA A 513 -41.37 -13.27 15.03
C ALA A 513 -40.23 -12.52 15.70
N TYR A 514 -39.41 -11.79 14.93
CA TYR A 514 -38.32 -11.03 15.53
C TYR A 514 -38.83 -9.92 16.44
N LYS A 515 -40.05 -9.46 16.23
CA LYS A 515 -40.64 -8.39 17.04
C LYS A 515 -41.36 -8.90 18.27
N CYS A 516 -41.58 -10.21 18.41
CA CYS A 516 -42.25 -10.73 19.59
C CYS A 516 -41.39 -10.56 20.83
N VAL A 517 -40.10 -10.86 20.73
CA VAL A 517 -39.21 -10.80 21.88
C VAL A 517 -38.98 -9.35 22.30
N ASP A 518 -38.70 -9.15 23.60
CA ASP A 518 -38.40 -7.82 24.11
C ASP A 518 -36.90 -7.70 24.36
N ARG A 519 -36.38 -8.49 25.30
CA ARG A 519 -34.96 -8.50 25.60
C ARG A 519 -34.25 -9.29 24.51
N LEU A 520 -33.96 -8.59 23.40
CA LEU A 520 -33.39 -9.22 22.23
C LEU A 520 -31.97 -9.74 22.46
N ASP A 521 -31.27 -9.22 23.47
CA ASP A 521 -29.91 -9.66 23.73
C ASP A 521 -29.85 -11.04 24.36
N LYS A 522 -30.93 -11.49 24.99
CA LYS A 522 -30.98 -12.79 25.63
C LYS A 522 -31.47 -13.90 24.71
N VAL A 523 -31.64 -13.62 23.43
CA VAL A 523 -32.06 -14.62 22.46
C VAL A 523 -30.88 -15.50 22.10
N LEU A 524 -31.12 -16.80 21.99
CA LEU A 524 -30.08 -17.76 21.65
C LEU A 524 -30.27 -18.42 20.29
N MET A 525 -31.51 -18.59 19.84
CA MET A 525 -31.76 -19.23 18.55
C MET A 525 -33.19 -18.91 18.10
N ILE A 526 -33.36 -18.74 16.80
CA ILE A 526 -34.66 -18.58 16.18
C ILE A 526 -34.84 -19.67 15.14
N ILE A 527 -36.02 -20.30 15.14
CA ILE A 527 -36.31 -21.37 14.19
C ILE A 527 -37.62 -21.04 13.48
N PRO A 528 -37.58 -20.61 12.22
CA PRO A 528 -38.83 -20.28 11.52
C PRO A 528 -39.37 -21.46 10.73
N LEU A 529 -40.42 -22.09 11.26
CA LEU A 529 -41.04 -23.23 10.59
C LEU A 529 -42.20 -22.73 9.72
N ILE A 530 -43.02 -23.66 9.24
CA ILE A 530 -44.10 -23.35 8.31
C ILE A 530 -45.17 -22.52 9.00
N ASN A 531 -45.86 -23.11 9.97
CA ASN A 531 -46.92 -22.40 10.69
C ASN A 531 -46.34 -21.55 11.82
N VAL A 532 -45.84 -22.21 12.87
CA VAL A 532 -45.33 -21.51 14.04
C VAL A 532 -43.83 -21.33 13.90
N THR A 533 -43.27 -20.42 14.71
CA THR A 533 -41.83 -20.20 14.75
C THR A 533 -41.37 -20.21 16.19
N PHE A 534 -40.31 -20.95 16.48
CA PHE A 534 -39.83 -21.14 17.84
C PHE A 534 -38.70 -20.19 18.17
N ILE A 535 -38.66 -19.74 19.43
CA ILE A 535 -37.60 -18.89 19.95
C ILE A 535 -36.99 -19.59 21.16
N ILE A 536 -35.69 -19.79 21.13
CA ILE A 536 -34.94 -20.37 22.25
C ILE A 536 -34.10 -19.24 22.84
N SER A 537 -34.38 -18.90 24.10
CA SER A 537 -33.71 -17.79 24.76
C SER A 537 -33.42 -18.16 26.21
N SER A 538 -32.82 -17.23 26.94
CA SER A 538 -32.59 -17.38 28.37
C SER A 538 -33.49 -16.46 29.19
N ASP A 539 -34.57 -15.96 28.59
CA ASP A 539 -35.50 -15.06 29.24
C ASP A 539 -36.91 -15.60 29.08
N ARG A 540 -37.70 -15.50 30.15
CA ARG A 540 -39.09 -15.94 30.12
C ARG A 540 -40.01 -14.91 29.48
N GLU A 541 -39.49 -13.77 29.04
CA GLU A 541 -40.30 -12.73 28.40
C GLU A 541 -40.07 -12.79 26.90
N VAL A 542 -40.70 -13.78 26.27
CA VAL A 542 -40.60 -13.94 24.82
C VAL A 542 -41.84 -13.44 24.09
N ARG A 543 -43.00 -13.40 24.77
CA ARG A 543 -44.25 -12.92 24.19
C ARG A 543 -44.72 -13.84 23.05
N GLY A 544 -44.99 -15.08 23.41
CA GLY A 544 -45.48 -16.06 22.45
C GLY A 544 -46.82 -16.64 22.88
N SER A 545 -47.27 -17.66 22.16
CA SER A 545 -48.53 -18.34 22.48
C SER A 545 -48.34 -19.48 23.47
N ALA A 546 -47.10 -19.78 23.86
CA ALA A 546 -46.82 -20.82 24.84
C ALA A 546 -45.46 -20.54 25.46
N LEU A 547 -45.12 -21.34 26.47
CA LEU A 547 -43.84 -21.18 27.16
C LEU A 547 -43.41 -22.53 27.70
N TYR A 548 -42.31 -23.06 27.18
CA TYR A 548 -41.73 -24.31 27.63
C TYR A 548 -40.39 -24.05 28.30
N GLU A 549 -39.94 -25.03 29.08
CA GLU A 549 -38.62 -24.95 29.71
C GLU A 549 -38.03 -26.36 29.74
N ALA A 550 -36.84 -26.50 29.17
CA ALA A 550 -36.18 -27.79 29.11
C ALA A 550 -35.33 -28.02 30.36
N SER A 551 -34.92 -29.28 30.55
CA SER A 551 -34.11 -29.63 31.71
C SER A 551 -32.72 -29.03 31.58
N THR A 552 -32.28 -28.34 32.65
CA THR A 552 -30.95 -27.74 32.66
C THR A 552 -30.44 -27.73 34.10
N THR A 553 -29.11 -27.61 34.22
CA THR A 553 -28.49 -27.62 35.54
C THR A 553 -28.72 -26.28 36.24
N TYR A 554 -28.45 -26.28 37.54
CA TYR A 554 -28.48 -25.05 38.32
C TYR A 554 -27.32 -24.14 37.91
N LEU A 555 -27.42 -22.87 38.30
CA LEU A 555 -26.41 -21.85 38.02
C LEU A 555 -26.35 -21.52 36.53
N SER A 556 -26.20 -22.55 35.68
CA SER A 556 -26.16 -22.34 34.24
C SER A 556 -27.45 -21.70 33.76
N SER A 557 -27.35 -20.90 32.70
CA SER A 557 -28.50 -20.16 32.21
C SER A 557 -29.59 -21.11 31.74
N SER A 558 -30.85 -20.72 31.98
CA SER A 558 -31.98 -21.56 31.64
C SER A 558 -32.21 -21.58 30.12
N LEU A 559 -32.94 -22.59 29.68
CA LEU A 559 -33.29 -22.76 28.26
C LEU A 559 -34.80 -22.64 28.13
N PHE A 560 -35.26 -21.51 27.60
CA PHE A 560 -36.67 -21.22 27.45
C PHE A 560 -37.06 -21.33 25.98
N LEU A 561 -37.95 -22.27 25.68
CA LEU A 561 -38.48 -22.46 24.33
C LEU A 561 -39.89 -21.90 24.29
N SER A 562 -40.12 -20.94 23.40
CA SER A 562 -41.41 -20.27 23.28
C SER A 562 -41.83 -20.24 21.82
N PRO A 563 -42.95 -20.85 21.46
CA PRO A 563 -43.42 -20.77 20.07
C PRO A 563 -44.23 -19.51 19.82
N VAL A 564 -44.36 -19.19 18.53
CA VAL A 564 -45.17 -18.07 18.05
C VAL A 564 -46.10 -18.63 16.98
N ILE A 565 -47.40 -18.52 17.22
CA ILE A 565 -48.41 -19.13 16.36
C ILE A 565 -48.60 -18.27 15.12
N MET A 566 -48.39 -18.86 13.94
CA MET A 566 -48.64 -18.21 12.65
C MET A 566 -47.95 -16.84 12.58
N ASN A 567 -46.75 -16.77 13.14
CA ASN A 567 -45.90 -15.58 13.09
C ASN A 567 -46.55 -14.36 13.76
N LYS A 568 -47.61 -14.57 14.54
CA LYS A 568 -48.31 -13.49 15.22
C LYS A 568 -48.09 -13.62 16.72
N CYS A 569 -47.49 -12.59 17.32
CA CYS A 569 -47.20 -12.61 18.75
C CYS A 569 -48.50 -12.49 19.55
N SER A 570 -48.37 -12.57 20.87
CA SER A 570 -49.48 -12.47 21.80
C SER A 570 -49.34 -11.17 22.61
N GLN A 571 -49.84 -11.17 23.84
CA GLN A 571 -49.81 -9.96 24.67
C GLN A 571 -48.49 -9.83 25.40
N GLY A 572 -48.16 -10.80 26.26
CA GLY A 572 -46.92 -10.72 27.01
C GLY A 572 -46.63 -11.99 27.79
N ALA A 573 -45.81 -12.87 27.21
CA ALA A 573 -45.35 -14.12 27.83
C ALA A 573 -46.57 -14.99 28.15
N VAL A 574 -46.47 -15.81 29.18
CA VAL A 574 -47.57 -16.67 29.61
C VAL A 574 -48.02 -16.39 31.03
N ALA A 575 -47.24 -15.65 31.82
CA ALA A 575 -47.62 -15.25 33.18
C ALA A 575 -47.96 -16.47 34.05
N GLY A 576 -47.19 -17.53 33.89
CA GLY A 576 -47.42 -18.74 34.66
C GLY A 576 -46.20 -19.63 34.65
N GLU A 577 -46.21 -20.59 35.57
CA GLU A 577 -45.14 -21.58 35.67
C GLU A 577 -44.93 -22.24 34.30
N PRO A 578 -43.71 -22.21 33.76
CA PRO A 578 -43.50 -22.71 32.39
C PRO A 578 -43.92 -24.16 32.24
N ARG A 579 -44.36 -24.50 31.03
CA ARG A 579 -44.83 -25.86 30.75
C ARG A 579 -43.68 -26.85 30.84
N GLN A 580 -44.02 -28.08 31.24
CA GLN A 580 -43.08 -29.18 31.20
C GLN A 580 -43.10 -29.79 29.81
N ILE A 581 -41.91 -30.04 29.25
CA ILE A 581 -41.79 -30.62 27.93
C ILE A 581 -42.09 -32.10 28.02
N PRO A 582 -43.14 -32.60 27.36
CA PRO A 582 -43.51 -34.01 27.49
C PRO A 582 -42.43 -34.92 26.95
N LYS A 583 -42.10 -35.96 27.74
CA LYS A 583 -41.09 -36.94 27.35
C LYS A 583 -41.72 -38.04 26.51
N ILE A 584 -40.90 -38.62 25.64
CA ILE A 584 -41.32 -39.71 24.75
C ILE A 584 -40.36 -40.87 24.95
N GLN A 585 -40.74 -41.82 25.80
CA GLN A 585 -40.05 -43.09 25.91
C GLN A 585 -40.80 -44.22 25.22
N ASN A 586 -41.97 -43.92 24.65
CA ASN A 586 -42.75 -44.90 23.90
C ASN A 586 -42.61 -44.61 22.41
N PHE A 587 -41.40 -44.86 21.91
CA PHE A 587 -41.05 -44.56 20.53
C PHE A 587 -40.20 -45.68 19.95
N THR A 588 -40.43 -46.00 18.68
CA THR A 588 -39.69 -47.04 17.99
C THR A 588 -38.70 -46.41 17.02
N ARG A 589 -37.51 -47.01 16.92
CA ARG A 589 -36.45 -46.43 16.11
C ARG A 589 -36.77 -46.54 14.62
N THR A 590 -37.23 -47.71 14.17
CA THR A 590 -37.53 -47.92 12.77
C THR A 590 -38.80 -47.16 12.39
N GLN A 591 -38.68 -46.24 11.44
CA GLN A 591 -39.81 -45.45 10.93
C GLN A 591 -39.72 -45.45 9.41
N LYS A 592 -40.34 -46.43 8.77
CA LYS A 592 -40.34 -46.49 7.32
C LYS A 592 -41.12 -45.33 6.71
N SER A 593 -42.12 -44.82 7.42
CA SER A 593 -42.92 -43.70 6.95
C SER A 593 -42.25 -42.39 7.32
N CYS A 594 -42.38 -41.40 6.43
CA CYS A 594 -41.80 -40.07 6.64
C CYS A 594 -42.75 -39.26 7.51
N ILE A 595 -42.71 -39.55 8.81
CA ILE A 595 -43.65 -38.94 9.76
C ILE A 595 -43.06 -37.74 10.49
N PHE A 596 -41.77 -37.45 10.30
CA PHE A 596 -41.12 -36.34 10.97
C PHE A 596 -40.78 -35.19 10.04
N CYS A 597 -41.17 -35.26 8.77
CA CYS A 597 -40.82 -34.22 7.82
C CYS A 597 -41.52 -32.91 8.16
N GLY A 598 -40.74 -31.84 8.24
CA GLY A 598 -41.26 -30.53 8.56
C GLY A 598 -41.10 -30.10 9.99
N PHE A 599 -40.43 -30.88 10.82
CA PHE A 599 -40.24 -30.57 12.23
C PHE A 599 -38.85 -29.97 12.44
N ALA A 600 -38.37 -29.96 13.68
CA ALA A 600 -37.03 -29.50 13.99
C ALA A 600 -36.50 -30.30 15.18
N LEU A 601 -35.19 -30.52 15.18
CA LEU A 601 -34.53 -31.32 16.21
C LEU A 601 -33.41 -30.51 16.83
N LEU A 602 -33.39 -30.47 18.16
CA LEU A 602 -32.38 -29.73 18.93
C LEU A 602 -31.70 -30.69 19.89
N SER A 603 -30.40 -30.89 19.71
CA SER A 603 -29.58 -31.60 20.68
C SER A 603 -28.85 -30.56 21.52
N TYR A 604 -29.11 -30.55 22.83
CA TYR A 604 -28.50 -29.55 23.69
C TYR A 604 -27.89 -30.22 24.91
N ASP A 605 -27.11 -29.45 25.66
CA ASP A 605 -26.45 -29.90 26.87
C ASP A 605 -26.81 -28.97 28.01
N GLU A 606 -27.14 -29.55 29.17
CA GLU A 606 -27.64 -28.75 30.28
C GLU A 606 -26.57 -27.81 30.83
N LYS A 607 -25.32 -28.23 30.83
CA LYS A 607 -24.24 -27.43 31.42
C LYS A 607 -23.67 -26.41 30.44
N GLU A 608 -23.46 -26.80 29.18
CA GLU A 608 -22.88 -25.90 28.18
C GLU A 608 -23.95 -25.08 27.48
N GLY A 609 -24.85 -25.75 26.75
CA GLY A 609 -25.90 -25.06 26.02
C GLY A 609 -26.38 -25.90 24.85
N LEU A 610 -26.78 -25.22 23.79
CA LEU A 610 -27.22 -25.91 22.58
C LEU A 610 -26.01 -26.45 21.82
N GLU A 611 -26.18 -27.64 21.26
CA GLU A 611 -25.13 -28.30 20.49
C GLU A 611 -25.46 -28.34 19.00
N THR A 612 -26.56 -28.98 18.61
CA THR A 612 -26.91 -29.16 17.22
C THR A 612 -28.36 -28.76 16.97
N THR A 613 -28.60 -28.11 15.83
CA THR A 613 -29.92 -27.81 15.32
C THR A 613 -30.08 -28.48 13.96
N THR A 614 -31.27 -29.01 13.70
CA THR A 614 -31.51 -29.72 12.45
C THR A 614 -32.92 -29.49 11.97
N TYR A 615 -33.07 -28.92 10.77
CA TYR A 615 -34.35 -28.92 10.08
C TYR A 615 -34.51 -30.28 9.41
N ILE A 616 -35.41 -31.10 9.95
CA ILE A 616 -35.60 -32.46 9.47
C ILE A 616 -36.54 -32.40 8.26
N THR A 617 -35.96 -32.39 7.06
CA THR A 617 -36.70 -32.09 5.84
C THR A 617 -37.20 -33.35 5.14
N SER A 618 -36.41 -33.88 4.21
CA SER A 618 -36.84 -35.00 3.39
C SER A 618 -36.71 -36.31 4.17
N GLN A 619 -36.95 -37.43 3.48
CA GLN A 619 -36.81 -38.73 4.13
C GLN A 619 -35.36 -39.07 4.40
N GLU A 620 -34.43 -38.53 3.61
CA GLU A 620 -33.01 -38.80 3.83
C GLU A 620 -32.52 -38.20 5.15
N VAL A 621 -32.93 -36.96 5.44
CA VAL A 621 -32.51 -36.31 6.68
C VAL A 621 -33.11 -37.02 7.88
N GLN A 622 -34.40 -37.35 7.81
CA GLN A 622 -35.05 -38.08 8.90
C GLN A 622 -34.38 -39.43 9.12
N ASN A 623 -34.04 -40.13 8.03
CA ASN A 623 -33.35 -41.40 8.13
C ASN A 623 -32.00 -41.22 8.84
N SER A 624 -31.14 -40.37 8.28
CA SER A 624 -29.82 -40.15 8.86
C SER A 624 -29.90 -39.70 10.31
N ILE A 625 -31.00 -39.04 10.70
CA ILE A 625 -31.16 -38.62 12.08
C ILE A 625 -31.52 -39.80 12.96
N LEU A 626 -32.50 -40.60 12.55
CA LEU A 626 -33.07 -41.62 13.43
C LEU A 626 -32.07 -42.71 13.79
N SER A 627 -32.00 -43.78 12.99
CA SER A 627 -31.17 -44.94 13.32
C SER A 627 -29.74 -44.66 12.89
N SER A 628 -28.97 -44.03 13.77
CA SER A 628 -27.57 -43.72 13.50
C SER A 628 -26.88 -43.49 14.84
N ASN A 629 -25.60 -43.11 14.77
CA ASN A 629 -24.82 -42.80 15.96
C ASN A 629 -25.20 -41.48 16.60
N TYR A 630 -26.19 -40.78 16.04
CA TYR A 630 -26.56 -39.46 16.55
C TYR A 630 -27.23 -39.54 17.91
N PHE A 631 -28.03 -40.59 18.14
CA PHE A 631 -28.80 -40.71 19.38
C PHE A 631 -27.95 -41.40 20.44
N ASP A 632 -27.34 -40.61 21.31
CA ASP A 632 -26.61 -41.15 22.45
C ASP A 632 -27.36 -40.80 23.73
N PHE A 633 -27.57 -41.80 24.58
CA PHE A 633 -28.26 -41.64 25.85
C PHE A 633 -27.32 -41.97 27.02
N ASP A 634 -26.04 -41.65 26.85
CA ASP A 634 -25.03 -41.90 27.89
C ASP A 634 -24.97 -40.74 28.87
N ASN A 635 -24.58 -39.56 28.40
CA ASN A 635 -24.50 -38.40 29.27
C ASN A 635 -25.89 -37.97 29.72
N LEU A 636 -26.03 -37.73 31.03
CA LEU A 636 -27.29 -37.26 31.57
C LEU A 636 -27.52 -35.78 31.34
N HIS A 637 -26.55 -35.07 30.76
CA HIS A 637 -26.67 -33.65 30.48
C HIS A 637 -27.12 -33.35 29.05
N VAL A 638 -26.91 -34.28 28.12
CA VAL A 638 -27.33 -34.08 26.74
C VAL A 638 -28.76 -34.57 26.58
N HIS A 639 -29.58 -33.77 25.92
CA HIS A 639 -30.98 -34.10 25.67
C HIS A 639 -31.34 -33.78 24.22
N TYR A 640 -32.30 -34.55 23.71
CA TYR A 640 -32.81 -34.42 22.35
C TYR A 640 -34.26 -33.96 22.42
N LEU A 641 -34.54 -32.83 21.77
CA LEU A 641 -35.84 -32.17 21.82
C LEU A 641 -36.38 -32.01 20.41
N LEU A 642 -37.69 -32.15 20.25
CA LEU A 642 -38.34 -32.08 18.96
C LEU A 642 -39.40 -30.98 18.98
N LEU A 643 -39.45 -30.22 17.88
CA LEU A 643 -40.39 -29.11 17.73
C LEU A 643 -41.22 -29.37 16.49
N THR A 644 -42.54 -29.37 16.66
CA THR A 644 -43.48 -29.68 15.59
C THR A 644 -44.03 -28.40 14.96
N THR A 645 -44.76 -28.58 13.86
CA THR A 645 -45.44 -27.46 13.21
C THR A 645 -46.68 -27.02 13.97
N ASN A 646 -47.26 -27.89 14.80
CA ASN A 646 -48.41 -27.53 15.62
C ASN A 646 -48.04 -26.73 16.84
N GLY A 647 -46.77 -26.37 17.01
CA GLY A 647 -46.32 -25.62 18.16
C GLY A 647 -46.10 -26.45 19.41
N THR A 648 -46.10 -27.77 19.31
CA THR A 648 -45.95 -28.65 20.45
C THR A 648 -44.49 -29.09 20.57
N VAL A 649 -43.92 -28.93 21.76
CA VAL A 649 -42.54 -29.30 22.05
C VAL A 649 -42.52 -30.64 22.77
N MET A 650 -41.60 -31.52 22.37
CA MET A 650 -41.46 -32.83 22.98
C MET A 650 -39.98 -33.09 23.24
N GLU A 651 -39.70 -34.08 24.08
CA GLU A 651 -38.33 -34.48 24.38
C GLU A 651 -38.21 -35.99 24.19
N ILE A 652 -37.41 -36.41 23.22
CA ILE A 652 -37.28 -37.82 22.88
C ILE A 652 -36.12 -38.42 23.68
N ALA A 653 -36.39 -39.54 24.35
CA ALA A 653 -35.37 -40.18 25.18
C ALA A 653 -35.44 -41.70 25.16
N GLY A 654 -36.29 -42.28 24.32
CA GLY A 654 -36.43 -43.73 24.26
C GLY A 654 -36.43 -44.23 22.84
N LEU A 655 -35.69 -45.32 22.61
CA LEU A 655 -35.59 -45.92 21.29
C LEU A 655 -35.43 -47.42 21.45
N TYR A 656 -36.22 -48.18 20.69
CA TYR A 656 -36.14 -49.64 20.72
C TYR A 656 -36.43 -50.23 19.34
N PRO B 4 25.39 25.64 -37.67
CA PRO B 4 25.28 24.18 -37.48
C PRO B 4 24.46 23.80 -36.26
N CYS B 5 24.70 24.47 -35.13
CA CYS B 5 23.99 24.23 -33.89
C CYS B 5 23.10 25.43 -33.56
N CYS B 6 22.48 25.39 -32.38
CA CYS B 6 21.51 26.41 -31.99
C CYS B 6 21.44 26.49 -30.48
N HIS B 7 20.65 27.45 -30.00
CA HIS B 7 20.35 27.61 -28.59
C HIS B 7 18.88 27.94 -28.43
N VAL B 8 18.30 27.54 -27.31
CA VAL B 8 16.86 27.61 -27.09
C VAL B 8 16.58 28.56 -25.93
N THR B 9 15.80 29.61 -26.20
CA THR B 9 15.23 30.47 -25.17
C THR B 9 13.74 30.64 -25.44
N GLN B 10 13.01 31.07 -24.43
CA GLN B 10 11.57 31.29 -24.55
C GLN B 10 11.22 32.77 -24.38
N HIS B 15 8.36 36.69 -32.25
CA HIS B 15 8.80 35.89 -31.10
C HIS B 15 8.12 34.53 -31.08
N LEU B 16 6.81 34.53 -30.90
CA LEU B 16 6.02 33.30 -30.84
C LEU B 16 5.41 33.02 -32.21
N LEU B 17 5.71 31.84 -32.75
CA LEU B 17 5.15 31.39 -34.02
C LEU B 17 4.38 30.09 -33.78
N ALA B 18 3.15 30.05 -34.26
CA ALA B 18 2.28 28.91 -34.01
C ALA B 18 2.61 27.75 -34.94
N LEU B 19 1.94 26.62 -34.70
CA LEU B 19 2.16 25.43 -35.52
C LEU B 19 1.65 25.61 -36.94
N GLU B 20 0.79 26.60 -37.19
CA GLU B 20 0.30 26.83 -38.54
C GLU B 20 1.41 27.35 -39.46
N ASN B 21 2.24 28.26 -38.96
CA ASN B 21 3.32 28.85 -39.73
C ASN B 21 4.61 28.04 -39.67
N ILE B 22 4.52 26.75 -39.34
CA ILE B 22 5.67 25.86 -39.33
C ILE B 22 5.62 24.98 -40.57
N SER B 23 6.71 24.92 -41.29
CA SER B 23 6.79 24.10 -42.50
C SER B 23 7.92 23.07 -42.46
N ASP B 24 9.11 23.46 -42.02
CA ASP B 24 10.27 22.56 -42.04
C ASP B 24 10.87 22.47 -40.64
N ILE B 25 10.82 21.29 -40.03
CA ILE B 25 11.52 21.09 -38.76
C ILE B 25 12.73 20.20 -39.03
N TYR B 26 13.82 20.48 -38.31
CA TYR B 26 15.10 19.83 -38.51
C TYR B 26 15.54 19.26 -37.17
N LEU B 27 15.66 17.94 -37.10
CA LEU B 27 16.03 17.24 -35.87
C LEU B 27 17.43 16.66 -36.02
N VAL B 28 18.32 17.00 -35.09
CA VAL B 28 19.71 16.54 -35.12
C VAL B 28 19.81 15.16 -34.51
N SER B 29 21.00 14.57 -34.55
CA SER B 29 21.24 13.21 -34.08
C SER B 29 21.99 13.24 -32.75
N ASN B 30 22.26 12.04 -32.23
CA ASN B 30 22.93 11.88 -30.94
C ASN B 30 24.41 12.20 -30.98
N GLN B 31 24.97 12.53 -32.15
CA GLN B 31 26.39 12.85 -32.27
C GLN B 31 26.64 14.24 -32.81
N THR B 32 25.65 14.91 -33.38
CA THR B 32 25.83 16.24 -33.98
C THR B 32 26.17 17.28 -32.92
N CYS B 33 25.15 17.74 -32.18
CA CYS B 33 25.34 18.76 -31.15
C CYS B 33 25.47 18.06 -29.81
N ASP B 34 26.69 17.59 -29.52
CA ASP B 34 26.98 16.83 -28.32
C ASP B 34 26.01 15.66 -28.19
N GLY B 35 25.19 15.69 -27.14
CA GLY B 35 24.08 14.76 -27.00
C GLY B 35 22.79 15.53 -26.84
N PHE B 36 22.77 16.77 -27.35
CA PHE B 36 21.63 17.64 -27.20
C PHE B 36 20.61 17.35 -28.30
N SER B 37 19.37 17.08 -27.89
CA SER B 37 18.27 16.96 -28.86
C SER B 37 17.74 18.35 -29.14
N LEU B 38 18.05 18.89 -30.31
CA LEU B 38 17.67 20.23 -30.70
C LEU B 38 16.87 20.18 -32.00
N ALA B 39 15.93 21.11 -32.15
CA ALA B 39 15.05 21.13 -33.31
C ALA B 39 14.97 22.54 -33.87
N SER B 40 15.28 22.69 -35.15
CA SER B 40 15.17 23.97 -35.83
C SER B 40 13.85 24.02 -36.59
N LEU B 41 12.96 24.93 -36.21
CA LEU B 41 11.67 25.08 -36.85
C LEU B 41 11.70 26.29 -37.77
N ASN B 42 11.40 26.08 -39.05
CA ASN B 42 11.50 27.07 -40.09
C ASN B 42 10.15 27.24 -40.77
N SER B 43 9.80 28.51 -41.04
CA SER B 43 8.54 28.88 -41.65
C SER B 43 8.53 28.52 -43.13
N PRO B 44 7.38 28.64 -43.79
CA PRO B 44 7.33 28.39 -45.24
C PRO B 44 8.32 29.26 -46.01
N LYS B 45 8.79 28.71 -47.12
CA LYS B 45 9.75 29.39 -48.00
C LYS B 45 9.08 30.11 -49.17
N ASN B 46 7.78 29.93 -49.36
CA ASN B 46 7.10 30.49 -50.52
C ASN B 46 7.18 32.01 -50.53
N GLY B 47 7.80 32.55 -51.57
CA GLY B 47 7.88 33.97 -51.78
C GLY B 47 9.28 34.52 -51.49
N SER B 48 9.53 35.71 -52.03
CA SER B 48 10.74 36.47 -51.71
C SER B 48 10.46 37.72 -50.90
N ASN B 49 9.24 38.28 -51.00
CA ASN B 49 8.80 39.28 -50.04
C ASN B 49 8.68 38.70 -48.64
N GLN B 50 8.62 37.38 -48.53
CA GLN B 50 8.37 36.68 -47.26
C GLN B 50 9.62 35.92 -46.88
N LEU B 51 10.27 36.35 -45.80
CA LEU B 51 11.47 35.68 -45.30
C LEU B 51 11.09 34.50 -44.42
N VAL B 52 11.93 33.47 -44.44
CA VAL B 52 11.75 32.29 -43.61
C VAL B 52 12.40 32.55 -42.25
N ILE B 53 11.63 32.35 -41.18
CA ILE B 53 12.10 32.57 -39.82
C ILE B 53 12.39 31.21 -39.19
N SER B 54 13.53 31.10 -38.51
CA SER B 54 13.98 29.85 -37.92
C SER B 54 14.17 30.06 -36.42
N ARG B 55 13.46 29.28 -35.63
CA ARG B 55 13.55 29.32 -34.18
C ARG B 55 13.86 27.93 -33.66
N CYS B 56 14.74 27.84 -32.67
CA CYS B 56 15.13 26.53 -32.16
C CYS B 56 14.33 26.16 -30.93
N ALA B 57 14.26 24.86 -30.67
CA ALA B 57 13.39 24.30 -29.65
C ALA B 57 13.96 22.98 -29.16
N ASN B 58 13.37 22.49 -28.07
CA ASN B 58 13.82 21.28 -27.40
C ASN B 58 13.50 20.06 -28.26
N GLY B 59 14.53 19.46 -28.85
CA GLY B 59 14.29 18.35 -29.78
C GLY B 59 13.58 17.17 -29.14
N LEU B 60 13.88 16.89 -27.88
CA LEU B 60 13.20 15.79 -27.19
C LEU B 60 11.70 16.03 -27.12
N ASN B 61 11.30 17.27 -26.81
CA ASN B 61 9.87 17.57 -26.70
C ASN B 61 9.18 17.47 -28.07
N VAL B 62 9.83 17.93 -29.13
CA VAL B 62 9.24 17.83 -30.46
C VAL B 62 9.09 16.38 -30.86
N VAL B 63 10.14 15.59 -30.63
CA VAL B 63 10.10 14.17 -31.00
C VAL B 63 9.01 13.45 -30.22
N SER B 64 8.85 13.79 -28.93
CA SER B 64 7.79 13.17 -28.14
C SER B 64 6.41 13.60 -28.62
N PHE B 65 6.26 14.87 -28.98
CA PHE B 65 4.99 15.35 -29.53
C PHE B 65 4.62 14.60 -30.80
N PHE B 66 5.59 14.40 -31.70
CA PHE B 66 5.29 13.72 -32.94
C PHE B 66 5.07 12.23 -32.74
N ILE B 67 5.80 11.62 -31.80
CA ILE B 67 5.52 10.23 -31.44
C ILE B 67 4.10 10.09 -30.91
N SER B 68 3.67 11.03 -30.07
CA SER B 68 2.31 10.99 -29.54
C SER B 68 1.27 11.16 -30.63
N ILE B 69 1.50 12.12 -31.55
CA ILE B 69 0.54 12.34 -32.63
C ILE B 69 0.45 11.11 -33.54
N LEU B 70 1.60 10.54 -33.89
CA LEU B 70 1.61 9.38 -34.77
C LEU B 70 1.04 8.14 -34.08
N LYS B 71 1.20 8.04 -32.76
CA LYS B 71 0.65 6.90 -32.03
C LYS B 71 -0.86 7.02 -31.90
N ARG B 72 -1.35 8.24 -31.64
CA ARG B 72 -2.78 8.49 -31.52
C ARG B 72 -3.52 8.39 -32.84
N SER B 73 -2.82 8.14 -33.94
CA SER B 73 -3.41 7.99 -35.26
C SER B 73 -2.85 6.77 -35.97
N SER B 74 -2.47 5.74 -35.22
CA SER B 74 -1.85 4.56 -35.81
C SER B 74 -2.82 3.82 -36.73
N SER B 75 -4.13 3.92 -36.46
CA SER B 75 -5.11 3.23 -37.28
C SER B 75 -5.11 3.75 -38.71
N ALA B 76 -4.88 5.05 -38.89
CA ALA B 76 -4.88 5.69 -40.19
C ALA B 76 -3.49 6.26 -40.45
N LEU B 77 -2.53 5.37 -40.67
CA LEU B 77 -1.13 5.75 -40.84
C LEU B 77 -0.53 4.99 -42.01
N THR B 78 0.17 5.71 -42.89
CA THR B 78 0.84 5.09 -44.01
C THR B 78 2.18 4.50 -43.58
N GLY B 79 2.75 3.66 -44.45
CA GLY B 79 4.06 3.10 -44.17
C GLY B 79 5.14 4.16 -44.03
N HIS B 80 4.96 5.29 -44.72
CA HIS B 80 5.88 6.42 -44.57
C HIS B 80 5.84 6.94 -43.14
N LEU B 81 4.65 7.22 -42.63
CA LEU B 81 4.52 7.73 -41.27
C LEU B 81 4.88 6.65 -40.24
N ARG B 82 4.68 5.37 -40.59
CA ARG B 82 5.10 4.29 -39.71
C ARG B 82 6.62 4.25 -39.58
N GLU B 83 7.33 4.39 -40.71
CA GLU B 83 8.78 4.51 -40.67
C GLU B 83 9.21 5.73 -39.88
N LEU B 84 8.50 6.84 -40.04
CA LEU B 84 8.76 8.04 -39.24
C LEU B 84 8.66 7.73 -37.75
N LEU B 85 7.59 7.02 -37.36
CA LEU B 85 7.40 6.64 -35.97
C LEU B 85 8.56 5.79 -35.46
N THR B 86 8.95 4.78 -36.22
CA THR B 86 10.03 3.89 -35.78
C THR B 86 11.34 4.64 -35.64
N THR B 87 11.70 5.45 -36.64
CA THR B 87 12.96 6.17 -36.59
C THR B 87 12.96 7.26 -35.52
N LEU B 88 11.79 7.85 -35.22
CA LEU B 88 11.70 8.84 -34.16
C LEU B 88 11.78 8.18 -32.79
N GLU B 89 11.23 6.97 -32.66
CA GLU B 89 11.35 6.22 -31.41
C GLU B 89 12.80 5.85 -31.15
N THR B 90 13.53 5.41 -32.19
CA THR B 90 14.94 5.13 -32.02
C THR B 90 15.77 6.40 -31.85
N LEU B 91 15.28 7.54 -32.35
CA LEU B 91 15.97 8.81 -32.12
C LEU B 91 15.76 9.29 -30.71
N TYR B 92 14.56 9.12 -30.16
CA TYR B 92 14.30 9.47 -28.77
C TYR B 92 15.19 8.67 -27.83
N GLY B 93 15.34 7.37 -28.10
CA GLY B 93 16.22 6.53 -27.32
C GLY B 93 17.70 6.74 -27.58
N SER B 94 18.07 7.58 -28.52
CA SER B 94 19.47 7.90 -28.78
C SER B 94 19.99 9.02 -27.89
N PHE B 95 19.11 9.88 -27.39
CA PHE B 95 19.48 10.95 -26.47
C PHE B 95 19.18 10.51 -25.04
N SER B 96 20.11 10.78 -24.13
CA SER B 96 19.94 10.50 -22.73
C SER B 96 19.73 11.81 -21.98
N VAL B 97 18.61 11.93 -21.28
CA VAL B 97 18.41 13.08 -20.42
C VAL B 97 19.39 13.05 -19.24
N GLU B 98 19.79 11.87 -18.81
CA GLU B 98 20.92 11.76 -17.90
C GLU B 98 22.21 12.02 -18.68
N ASP B 99 23.32 12.12 -17.94
CA ASP B 99 24.60 12.57 -18.50
C ASP B 99 24.44 13.93 -19.17
N LEU B 100 23.57 14.77 -18.58
CA LEU B 100 23.34 16.12 -19.06
C LEU B 100 23.29 17.09 -17.88
N PHE B 101 23.65 16.63 -16.68
CA PHE B 101 23.45 17.43 -15.47
C PHE B 101 24.57 18.44 -15.29
N GLY B 102 25.81 18.00 -15.36
CA GLY B 102 26.96 18.87 -15.27
C GLY B 102 27.38 19.53 -16.56
N ALA B 103 26.62 19.32 -17.62
CA ALA B 103 26.92 19.93 -18.91
C ALA B 103 26.31 21.33 -18.99
N ASN B 104 26.99 22.20 -19.74
CA ASN B 104 26.51 23.58 -19.94
C ASN B 104 25.22 23.53 -20.74
N LEU B 105 24.09 23.72 -20.07
CA LEU B 105 22.79 23.75 -20.73
C LEU B 105 22.63 24.97 -21.64
N ASN B 106 23.61 25.87 -21.66
CA ASN B 106 23.64 26.98 -22.61
C ASN B 106 24.94 26.92 -23.41
N ARG B 107 25.24 25.75 -23.96
CA ARG B 107 26.52 25.52 -24.62
C ARG B 107 26.67 26.37 -25.89
N TYR B 108 25.56 26.74 -26.52
CA TYR B 108 25.59 27.37 -27.84
C TYR B 108 24.90 28.73 -27.83
N ALA B 109 24.93 29.42 -26.70
CA ALA B 109 24.45 30.79 -26.59
C ALA B 109 25.65 31.73 -26.64
N TRP B 110 25.74 32.53 -27.69
CA TRP B 110 26.90 33.39 -27.90
C TRP B 110 26.69 34.81 -27.38
N HIS B 111 25.48 35.16 -26.96
CA HIS B 111 25.18 36.48 -26.41
C HIS B 111 25.66 37.62 -27.32
N THR C 11 -50.94 -43.57 16.29
CA THR C 11 -50.17 -43.60 15.06
C THR C 11 -49.79 -42.19 14.61
N TRP C 12 -48.64 -42.07 13.95
CA TRP C 12 -48.19 -40.79 13.43
C TRP C 12 -48.64 -40.62 11.99
N VAL C 13 -48.78 -39.37 11.57
CA VAL C 13 -49.26 -39.03 10.23
C VAL C 13 -48.07 -38.76 9.33
N PRO C 14 -48.02 -39.32 8.13
CA PRO C 14 -46.91 -39.00 7.21
C PRO C 14 -47.03 -37.58 6.69
N LYS C 15 -45.90 -37.07 6.19
CA LYS C 15 -45.81 -35.71 5.69
C LYS C 15 -44.97 -35.70 4.43
N PRO C 16 -45.27 -34.80 3.49
CA PRO C 16 -44.45 -34.70 2.27
C PRO C 16 -43.10 -34.08 2.57
N ASN C 17 -42.22 -34.15 1.57
CA ASN C 17 -40.89 -33.60 1.72
C ASN C 17 -40.93 -32.07 1.70
N VAL C 18 -40.12 -31.45 2.55
CA VAL C 18 -40.07 -29.99 2.63
C VAL C 18 -39.45 -29.45 1.36
N GLU C 19 -40.20 -28.60 0.65
CA GLU C 19 -39.73 -27.97 -0.57
C GLU C 19 -39.72 -26.47 -0.40
N VAL C 20 -38.96 -25.81 -1.28
CA VAL C 20 -38.84 -24.35 -1.25
C VAL C 20 -40.18 -23.73 -1.63
N TRP C 21 -40.54 -22.64 -0.98
CA TRP C 21 -41.79 -21.96 -1.27
C TRP C 21 -41.81 -21.50 -2.72
N PRO C 22 -42.98 -21.56 -3.38
CA PRO C 22 -43.03 -21.17 -4.79
C PRO C 22 -42.74 -19.69 -5.00
N VAL C 23 -42.09 -19.39 -6.11
CA VAL C 23 -41.74 -18.01 -6.46
C VAL C 23 -42.49 -17.61 -7.72
N ASP C 24 -42.32 -16.36 -8.13
CA ASP C 24 -42.97 -15.82 -9.32
C ASP C 24 -42.05 -15.91 -10.53
N PRO C 25 -42.62 -15.96 -11.73
CA PRO C 25 -41.79 -15.97 -12.94
C PRO C 25 -40.97 -14.69 -13.06
N PRO C 26 -39.86 -14.73 -13.78
CA PRO C 26 -39.03 -13.53 -13.90
C PRO C 26 -39.77 -12.43 -14.64
N PRO C 27 -39.45 -11.17 -14.39
CA PRO C 27 -40.12 -10.07 -15.09
C PRO C 27 -39.76 -10.06 -16.57
N PRO C 28 -40.58 -9.41 -17.40
CA PRO C 28 -40.28 -9.35 -18.84
C PRO C 28 -39.03 -8.50 -19.09
N VAL C 29 -38.06 -9.09 -19.78
CA VAL C 29 -36.82 -8.38 -20.07
C VAL C 29 -37.07 -7.30 -21.11
N ASN C 30 -36.48 -6.12 -20.88
CA ASN C 30 -36.64 -4.99 -21.79
C ASN C 30 -35.53 -5.05 -22.84
N PHE C 31 -35.76 -5.85 -23.87
CA PHE C 31 -34.80 -6.02 -24.95
C PHE C 31 -34.81 -4.87 -25.95
N ASN C 32 -35.77 -3.97 -25.86
CA ASN C 32 -35.87 -2.86 -26.80
C ASN C 32 -35.50 -1.54 -26.14
N LYS C 33 -34.29 -1.48 -25.57
CA LYS C 33 -33.79 -0.27 -24.92
C LYS C 33 -32.40 0.04 -25.45
N THR C 34 -32.15 1.32 -25.69
CA THR C 34 -30.88 1.76 -26.27
C THR C 34 -29.84 1.99 -25.17
N ALA C 35 -28.58 2.06 -25.59
CA ALA C 35 -27.48 2.27 -24.65
C ALA C 35 -27.54 3.65 -24.02
N GLU C 36 -28.02 4.65 -24.76
CA GLU C 36 -28.16 5.99 -24.19
C GLU C 36 -29.21 6.01 -23.09
N GLN C 37 -30.18 5.11 -23.15
CA GLN C 37 -31.17 5.00 -22.08
C GLN C 37 -30.62 4.17 -20.92
N GLU C 38 -29.91 3.08 -21.22
CA GLU C 38 -29.41 2.21 -20.16
C GLU C 38 -28.24 2.84 -19.43
N TYR C 39 -27.40 3.59 -20.16
CA TYR C 39 -26.25 4.28 -19.57
C TYR C 39 -26.51 5.78 -19.52
N GLY C 40 -25.52 6.51 -19.04
CA GLY C 40 -25.62 7.94 -18.82
C GLY C 40 -25.28 8.77 -20.03
N ASP C 41 -24.71 9.94 -19.78
CA ASP C 41 -24.40 10.91 -20.82
C ASP C 41 -23.11 10.58 -21.58
N LYS C 42 -22.52 9.41 -21.35
CA LYS C 42 -21.32 8.96 -22.04
C LYS C 42 -20.11 9.83 -21.71
N GLU C 43 -20.29 11.15 -21.71
CA GLU C 43 -19.24 12.06 -21.30
C GLU C 43 -19.17 12.10 -19.77
N VAL C 44 -18.04 11.68 -19.21
CA VAL C 44 -17.88 11.57 -17.77
C VAL C 44 -16.76 12.49 -17.30
N LYS C 45 -16.92 13.01 -16.10
CA LYS C 45 -15.89 13.78 -15.41
C LYS C 45 -15.44 12.97 -14.19
N LEU C 46 -14.14 12.73 -14.09
CA LEU C 46 -13.62 11.90 -13.02
C LEU C 46 -13.90 12.56 -11.67
N PRO C 47 -14.43 11.81 -10.70
CA PRO C 47 -14.87 12.45 -9.44
C PRO C 47 -13.70 12.94 -8.61
N HIS C 48 -13.87 14.13 -8.05
CA HIS C 48 -12.91 14.73 -7.13
C HIS C 48 -13.66 15.17 -5.88
N TRP C 49 -12.92 15.28 -4.78
CA TRP C 49 -13.51 15.63 -3.49
C TRP C 49 -12.76 16.82 -2.89
N THR C 50 -13.52 17.73 -2.27
CA THR C 50 -12.94 18.86 -1.57
C THR C 50 -12.98 18.58 -0.08
N PRO C 51 -11.86 18.31 0.58
CA PRO C 51 -11.90 18.01 2.01
C PRO C 51 -12.18 19.25 2.84
N THR C 52 -13.21 19.17 3.67
CA THR C 52 -13.58 20.27 4.57
C THR C 52 -12.63 20.24 5.76
N LEU C 53 -11.42 20.74 5.54
CA LEU C 53 -10.40 20.72 6.57
C LEU C 53 -10.74 21.71 7.68
N HIS C 54 -10.78 21.22 8.91
CA HIS C 54 -11.06 22.03 10.09
C HIS C 54 -9.81 22.15 10.96
N THR C 55 -9.65 23.31 11.58
CA THR C 55 -8.50 23.57 12.43
C THR C 55 -8.74 23.06 13.84
N PHE C 56 -7.66 22.64 14.49
CA PHE C 56 -7.72 22.13 15.85
C PHE C 56 -7.39 23.24 16.84
N GLN C 57 -8.20 23.35 17.89
CA GLN C 57 -7.99 24.32 18.95
C GLN C 57 -8.11 23.63 20.30
N VAL C 58 -7.30 24.08 21.26
CA VAL C 58 -7.39 23.52 22.60
C VAL C 58 -8.69 23.95 23.25
N PRO C 59 -9.42 23.05 23.92
CA PRO C 59 -10.71 23.45 24.50
C PRO C 59 -10.60 24.51 25.60
N GLN C 60 -9.40 24.76 26.12
CA GLN C 60 -9.15 25.78 27.13
C GLN C 60 -9.88 25.47 28.44
N ASN C 61 -11.20 25.34 28.40
CA ASN C 61 -11.94 25.05 29.62
C ASN C 61 -11.58 23.69 30.19
N TYR C 62 -11.18 22.74 29.34
CA TYR C 62 -10.67 21.46 29.79
C TYR C 62 -9.15 21.55 29.90
N THR C 63 -8.63 21.35 31.11
CA THR C 63 -7.20 21.48 31.36
C THR C 63 -6.81 20.52 32.47
N LYS C 64 -5.55 20.59 32.90
CA LYS C 64 -5.07 19.74 33.97
C LYS C 64 -5.76 20.11 35.28
N ALA C 65 -6.29 19.10 35.97
CA ALA C 65 -6.95 19.31 37.24
C ALA C 65 -5.89 19.55 38.32
N ASN C 66 -5.88 20.75 38.90
CA ASN C 66 -4.99 21.03 40.01
C ASN C 66 -5.36 20.26 41.28
N CYS C 67 -6.56 19.68 41.31
CA CYS C 67 -6.93 18.77 42.38
C CYS C 67 -6.19 17.44 42.22
N THR C 68 -6.11 16.69 43.31
CA THR C 68 -5.35 15.44 43.37
C THR C 68 -6.22 14.34 43.95
N TYR C 69 -6.21 13.18 43.30
CA TYR C 69 -7.11 12.08 43.65
C TYR C 69 -6.49 10.78 43.13
N CYS C 70 -7.05 9.65 43.56
CA CYS C 70 -6.73 8.36 42.97
C CYS C 70 -7.83 7.36 43.33
N ASN C 71 -8.40 6.72 42.32
CA ASN C 71 -9.46 5.72 42.51
C ASN C 71 -8.80 4.35 42.64
N THR C 72 -8.65 3.87 43.88
CA THR C 72 -8.00 2.58 44.07
C THR C 72 -8.88 1.43 43.61
N ARG C 73 -10.20 1.63 43.55
CA ARG C 73 -11.11 0.53 43.24
C ARG C 73 -10.99 0.07 41.80
N GLU C 74 -10.84 1.00 40.86
CA GLU C 74 -10.94 0.66 39.44
C GLU C 74 -9.90 1.41 38.61
N TYR C 75 -8.71 1.61 39.15
CA TYR C 75 -7.64 2.20 38.36
C TYR C 75 -6.89 1.11 37.60
N THR C 76 -6.44 1.44 36.38
CA THR C 76 -5.77 0.46 35.55
C THR C 76 -4.40 0.11 36.12
N PHE C 77 -3.56 1.11 36.37
CA PHE C 77 -2.26 0.83 36.97
C PHE C 77 -1.64 2.10 37.54
N SER C 78 -0.77 1.94 38.52
CA SER C 78 -0.13 3.06 39.19
C SER C 78 1.36 3.09 38.89
N TYR C 79 1.90 4.29 38.81
CA TYR C 79 3.34 4.49 38.64
C TYR C 79 3.71 5.84 39.24
N LYS C 80 4.69 5.84 40.13
CA LYS C 80 5.11 7.03 40.90
C LYS C 80 3.86 7.55 41.60
N GLY C 81 3.56 8.85 41.53
CA GLY C 81 2.36 9.37 42.15
C GLY C 81 1.21 9.51 41.17
N CYS C 82 1.24 8.72 40.11
CA CYS C 82 0.25 8.79 39.04
C CYS C 82 -0.60 7.53 39.04
N CYS C 83 -1.92 7.72 38.98
CA CYS C 83 -2.86 6.62 38.86
C CYS C 83 -3.51 6.71 37.48
N PHE C 84 -3.38 5.64 36.69
CA PHE C 84 -3.77 5.62 35.29
C PHE C 84 -4.99 4.73 35.09
N TYR C 85 -5.97 5.26 34.35
CA TYR C 85 -7.16 4.54 33.95
C TYR C 85 -7.23 4.47 32.43
N PHE C 86 -7.63 3.30 31.92
CA PHE C 86 -7.99 3.12 30.53
C PHE C 86 -9.51 3.09 30.45
N THR C 87 -10.09 4.10 29.79
CA THR C 87 -11.54 4.24 29.76
C THR C 87 -12.17 3.03 29.09
N LYS C 88 -13.28 2.55 29.67
CA LYS C 88 -13.96 1.39 29.12
C LYS C 88 -14.58 1.70 27.76
N LYS C 89 -15.29 2.83 27.66
CA LYS C 89 -15.88 3.24 26.40
C LYS C 89 -14.82 3.84 25.48
N LYS C 90 -14.94 3.56 24.19
CA LYS C 90 -14.05 4.14 23.21
C LYS C 90 -14.52 5.53 22.82
N HIS C 91 -13.57 6.44 22.65
CA HIS C 91 -13.88 7.84 22.36
C HIS C 91 -13.00 8.34 21.22
N THR C 92 -13.46 9.43 20.60
CA THR C 92 -12.60 10.14 19.66
C THR C 92 -11.51 10.87 20.42
N TRP C 93 -10.36 11.05 19.75
CA TRP C 93 -9.22 11.66 20.41
C TRP C 93 -9.54 13.06 20.91
N ASN C 94 -10.19 13.88 20.07
CA ASN C 94 -10.54 15.23 20.49
C ASN C 94 -11.63 15.22 21.55
N GLY C 95 -12.60 14.30 21.44
CA GLY C 95 -13.69 14.21 22.37
C GLY C 95 -13.36 13.53 23.68
N CYS C 96 -12.10 13.17 23.92
CA CYS C 96 -11.74 12.48 25.15
C CYS C 96 -11.30 13.42 26.26
N PHE C 97 -10.89 14.65 25.92
CA PHE C 97 -10.62 15.67 26.94
C PHE C 97 -11.77 15.75 27.94
N GLN C 98 -13.00 15.73 27.45
CA GLN C 98 -14.17 15.70 28.33
C GLN C 98 -14.42 14.30 28.87
N ALA C 99 -14.16 13.28 28.05
CA ALA C 99 -14.49 11.90 28.42
C ALA C 99 -13.74 11.43 29.66
N CYS C 100 -12.70 12.17 30.09
CA CYS C 100 -12.04 11.88 31.35
C CYS C 100 -12.26 12.93 32.41
N ALA C 101 -12.69 14.14 32.02
CA ALA C 101 -13.15 15.12 33.01
C ALA C 101 -14.43 14.67 33.68
N GLU C 102 -15.06 13.58 33.20
CA GLU C 102 -16.27 13.04 33.78
C GLU C 102 -16.12 11.59 34.23
N LEU C 103 -15.02 10.93 33.90
CA LEU C 103 -14.79 9.54 34.31
C LEU C 103 -14.73 9.44 35.82
N TYR C 104 -13.68 9.99 36.42
CA TYR C 104 -13.47 10.01 37.86
C TYR C 104 -13.22 11.45 38.28
N PRO C 105 -13.32 11.74 39.58
CA PRO C 105 -12.99 13.09 40.04
C PRO C 105 -11.50 13.37 39.89
N CYS C 106 -11.19 14.58 39.40
CA CYS C 106 -9.82 15.09 39.36
C CYS C 106 -8.90 14.25 38.49
N THR C 107 -9.39 13.87 37.30
CA THR C 107 -8.57 13.18 36.32
C THR C 107 -8.77 13.84 34.96
N TYR C 108 -7.77 13.67 34.09
CA TYR C 108 -7.76 14.36 32.81
C TYR C 108 -6.96 13.55 31.79
N PHE C 109 -7.01 14.00 30.55
CA PHE C 109 -6.30 13.35 29.46
C PHE C 109 -4.81 13.61 29.60
N TYR C 110 -4.02 12.55 29.71
CA TYR C 110 -2.60 12.65 30.03
C TYR C 110 -1.75 12.25 28.83
N GLY C 111 -0.60 12.92 28.68
CA GLY C 111 0.36 12.58 27.66
C GLY C 111 1.58 11.91 28.26
N PRO C 112 1.76 10.62 27.96
CA PRO C 112 2.86 9.87 28.56
C PRO C 112 4.22 10.39 28.11
N THR C 113 5.13 10.50 29.06
CA THR C 113 6.51 10.88 28.82
C THR C 113 7.37 9.64 28.64
N PRO C 114 8.61 9.79 28.14
CA PRO C 114 9.49 8.61 27.98
C PRO C 114 9.69 7.81 29.25
N ASP C 115 9.44 8.42 30.41
CA ASP C 115 9.60 7.72 31.69
C ASP C 115 8.41 6.82 31.98
N ILE C 116 7.19 7.28 31.70
CA ILE C 116 6.00 6.49 31.96
C ILE C 116 5.60 5.61 30.77
N LEU C 117 6.14 5.88 29.59
CA LEU C 117 5.66 5.23 28.37
C LEU C 117 5.84 3.71 28.39
N PRO C 118 7.00 3.15 28.75
CA PRO C 118 7.11 1.68 28.73
C PRO C 118 6.14 0.98 29.66
N VAL C 119 5.85 1.58 30.82
CA VAL C 119 4.89 0.98 31.73
C VAL C 119 3.50 1.00 31.11
N VAL C 120 3.18 2.02 30.33
CA VAL C 120 1.89 2.07 29.63
C VAL C 120 1.82 0.99 28.57
N THR C 121 2.85 0.91 27.72
CA THR C 121 2.85 -0.10 26.66
C THR C 121 2.91 -1.53 27.21
N ARG C 122 3.39 -1.70 28.43
CA ARG C 122 3.46 -3.04 29.02
C ARG C 122 2.07 -3.55 29.37
N ASN C 123 1.22 -2.69 29.93
CA ASN C 123 -0.14 -3.06 30.28
C ASN C 123 -1.05 -2.84 29.08
N LEU C 124 -0.85 -3.68 28.06
CA LEU C 124 -1.56 -3.54 26.81
C LEU C 124 -1.48 -4.85 26.03
N ASN C 125 -2.58 -5.23 25.41
CA ASN C 125 -2.58 -6.39 24.52
C ASN C 125 -2.02 -6.00 23.15
N ALA C 126 -1.84 -7.01 22.30
CA ALA C 126 -1.15 -6.81 21.03
C ALA C 126 -2.05 -6.29 19.92
N ILE C 127 -3.34 -6.09 20.17
CA ILE C 127 -4.27 -5.72 19.11
C ILE C 127 -4.85 -4.31 19.31
N GLU C 128 -5.02 -3.87 20.55
CA GLU C 128 -5.68 -2.60 20.80
C GLU C 128 -4.67 -1.45 20.90
N SER C 129 -5.19 -0.23 20.79
CA SER C 129 -4.40 0.99 20.87
C SER C 129 -5.08 1.96 21.82
N LEU C 130 -4.45 3.13 22.03
CA LEU C 130 -4.92 4.07 23.03
C LEU C 130 -4.66 5.50 22.57
N TRP C 131 -5.62 6.38 22.82
CA TRP C 131 -5.42 7.80 22.63
C TRP C 131 -4.64 8.37 23.82
N VAL C 132 -3.66 9.22 23.53
CA VAL C 132 -2.83 9.83 24.56
C VAL C 132 -2.93 11.35 24.44
N GLY C 133 -2.43 12.04 25.47
CA GLY C 133 -2.63 13.46 25.59
C GLY C 133 -1.56 14.34 24.98
N VAL C 134 -0.79 13.81 24.03
CA VAL C 134 0.20 14.60 23.31
C VAL C 134 -0.48 15.22 22.10
N TYR C 135 -0.22 16.51 21.88
CA TYR C 135 -0.88 17.24 20.81
C TYR C 135 -0.02 18.41 20.37
N ARG C 136 -0.27 18.86 19.14
CA ARG C 136 0.39 20.03 18.56
C ARG C 136 -0.68 20.97 18.02
N VAL C 137 -0.61 22.23 18.39
CA VAL C 137 -1.58 23.22 17.94
C VAL C 137 -1.08 23.91 16.69
N GLY C 138 0.10 24.52 16.77
CA GLY C 138 0.68 25.22 15.65
C GLY C 138 1.38 24.30 14.66
N GLU C 139 2.68 24.53 14.46
CA GLU C 139 3.49 23.75 13.55
C GLU C 139 4.78 23.28 14.23
N GLY C 140 4.66 22.80 15.45
CA GLY C 140 5.82 22.33 16.18
C GLY C 140 5.57 22.36 17.67
N ASN C 141 6.59 21.88 18.41
CA ASN C 141 6.55 21.82 19.87
C ASN C 141 5.33 21.05 20.37
N TRP C 142 5.39 19.73 20.30
CA TRP C 142 4.32 18.90 20.83
C TRP C 142 4.27 19.00 22.34
N THR C 143 3.09 19.30 22.88
CA THR C 143 2.90 19.47 24.31
C THR C 143 1.76 18.59 24.79
N SER C 144 1.62 18.53 26.12
CA SER C 144 0.52 17.84 26.78
C SER C 144 -0.14 18.80 27.74
N LEU C 145 -1.12 18.29 28.50
CA LEU C 145 -1.77 19.12 29.51
C LEU C 145 -0.86 19.44 30.69
N ASP C 146 0.28 18.77 30.81
CA ASP C 146 1.26 19.08 31.84
C ASP C 146 2.40 19.97 31.36
N GLY C 147 2.60 20.07 30.05
CA GLY C 147 3.66 20.88 29.48
C GLY C 147 4.80 20.01 28.96
N GLY C 148 5.89 20.69 28.60
CA GLY C 148 7.06 20.02 28.08
C GLY C 148 6.95 19.69 26.61
N THR C 149 8.03 19.14 26.08
CA THR C 149 8.14 18.77 24.68
C THR C 149 8.18 17.26 24.53
N PHE C 150 7.70 16.78 23.38
CA PHE C 150 7.67 15.36 23.07
C PHE C 150 8.26 15.14 21.69
N LYS C 151 9.10 14.11 21.57
CA LYS C 151 9.78 13.79 20.31
C LYS C 151 8.90 12.88 19.45
N VAL C 152 7.69 13.36 19.18
CA VAL C 152 6.67 12.57 18.51
C VAL C 152 7.16 12.05 17.17
N TYR C 153 6.85 10.77 16.89
CA TYR C 153 7.11 10.15 15.60
C TYR C 153 6.04 10.63 14.61
N GLN C 154 6.27 11.81 14.07
CA GLN C 154 5.30 12.47 13.21
C GLN C 154 5.47 12.01 11.77
N ILE C 155 4.42 11.41 11.22
CA ILE C 155 4.39 11.03 9.81
C ILE C 155 3.12 11.43 9.09
N PHE C 156 2.02 11.71 9.78
CA PHE C 156 0.76 12.09 9.15
C PHE C 156 0.54 13.60 9.31
N GLY C 157 -0.71 14.03 9.28
CA GLY C 157 -1.13 15.40 9.49
C GLY C 157 -1.02 15.92 10.90
N SER C 158 -0.37 15.21 11.81
CA SER C 158 -0.15 15.65 13.19
C SER C 158 -1.47 15.89 13.92
N HIS C 159 -1.50 16.91 14.78
CA HIS C 159 -2.67 17.32 15.54
C HIS C 159 -3.02 16.37 16.69
N CYS C 160 -2.70 15.09 16.55
CA CYS C 160 -3.07 14.11 17.57
C CYS C 160 -2.06 12.97 17.58
N THR C 161 -2.10 12.17 18.65
CA THR C 161 -1.16 11.08 18.85
C THR C 161 -1.87 9.89 19.48
N TYR C 162 -1.19 8.74 19.44
CA TYR C 162 -1.69 7.51 20.02
C TYR C 162 -0.51 6.59 20.27
N VAL C 163 -0.76 5.49 21.01
CA VAL C 163 0.25 4.51 21.32
C VAL C 163 -0.33 3.10 21.16
N SER C 164 0.57 2.14 20.94
CA SER C 164 0.19 0.74 20.87
C SER C 164 1.07 -0.08 21.82
N LYS C 165 1.04 -1.41 21.67
CA LYS C 165 1.84 -2.25 22.57
C LYS C 165 3.33 -2.10 22.31
N PHE C 166 3.73 -1.99 21.04
CA PHE C 166 5.13 -1.88 20.68
C PHE C 166 5.54 -0.43 20.40
N SER C 167 4.91 0.53 21.08
CA SER C 167 5.22 1.94 20.88
C SER C 167 6.35 2.38 21.78
N THR C 168 7.29 3.14 21.21
CA THR C 168 8.36 3.77 21.96
C THR C 168 8.13 5.25 22.17
N VAL C 169 7.48 5.92 21.21
CA VAL C 169 7.14 7.33 21.29
C VAL C 169 5.72 7.51 20.79
N PRO C 170 4.99 8.48 21.35
CA PRO C 170 3.66 8.79 20.81
C PRO C 170 3.70 8.97 19.30
N VAL C 171 2.76 8.31 18.61
CA VAL C 171 2.73 8.27 17.15
C VAL C 171 1.49 9.00 16.68
N SER C 172 1.68 9.89 15.70
CA SER C 172 0.55 10.65 15.16
C SER C 172 -0.37 9.75 14.35
N HIS C 173 -1.66 10.05 14.40
CA HIS C 173 -2.68 9.31 13.68
C HIS C 173 -3.20 10.13 12.50
N HIS C 174 -3.67 9.42 11.47
CA HIS C 174 -4.13 10.10 10.27
C HIS C 174 -5.51 10.72 10.46
N GLU C 175 -6.51 9.91 10.81
CA GLU C 175 -7.87 10.37 11.04
C GLU C 175 -8.22 10.12 12.50
N CYS C 176 -8.27 11.19 13.29
CA CYS C 176 -8.52 11.08 14.72
C CYS C 176 -9.98 11.23 15.09
N SER C 177 -10.89 10.80 14.21
CA SER C 177 -12.29 10.64 14.54
C SER C 177 -12.64 9.18 14.81
N PHE C 178 -11.63 8.34 15.03
CA PHE C 178 -11.83 6.91 15.22
C PHE C 178 -12.32 6.64 16.64
N LEU C 179 -12.33 5.38 17.05
CA LEU C 179 -12.78 4.97 18.37
C LEU C 179 -11.69 4.16 19.03
N LYS C 180 -11.06 4.72 20.06
CA LYS C 180 -10.03 4.06 20.84
C LYS C 180 -10.16 4.50 22.29
N PRO C 181 -9.78 3.65 23.24
CA PRO C 181 -9.73 4.08 24.63
C PRO C 181 -8.65 5.13 24.83
N CYS C 182 -8.74 5.84 25.95
CA CYS C 182 -7.78 6.88 26.30
C CYS C 182 -7.16 6.59 27.65
N LEU C 183 -5.86 6.83 27.76
CA LEU C 183 -5.17 6.81 29.04
C LEU C 183 -5.40 8.14 29.77
N CYS C 184 -5.74 8.06 31.05
CA CYS C 184 -5.96 9.27 31.83
C CYS C 184 -5.35 9.10 33.21
N VAL C 185 -4.93 10.23 33.80
CA VAL C 185 -4.11 10.22 35.00
C VAL C 185 -4.80 10.97 36.12
N SER C 186 -4.46 10.58 37.35
CA SER C 186 -4.76 11.34 38.55
C SER C 186 -3.48 11.48 39.36
N GLN C 187 -3.27 12.66 39.92
CA GLN C 187 -1.98 13.08 40.46
C GLN C 187 -2.05 13.19 41.99
N ARG C 188 -0.94 13.64 42.58
CA ARG C 188 -0.88 13.99 43.99
C ARG C 188 -0.18 15.33 44.17
N GLN D 1 13.11 -0.67 -58.80
CA GLN D 1 12.61 -0.05 -60.02
C GLN D 1 12.25 1.42 -59.75
N SER D 2 11.22 1.90 -60.45
CA SER D 2 10.71 3.26 -60.28
C SER D 2 11.79 4.31 -60.55
N VAL D 3 12.26 4.33 -61.78
CA VAL D 3 13.20 5.34 -62.24
C VAL D 3 12.42 6.52 -62.77
N LEU D 4 13.01 7.71 -62.70
CA LEU D 4 12.34 8.91 -63.16
C LEU D 4 12.64 9.16 -64.63
N THR D 5 11.76 9.91 -65.28
CA THR D 5 11.80 10.09 -66.72
C THR D 5 12.37 11.48 -67.06
N GLN D 6 13.24 11.51 -68.06
CA GLN D 6 13.82 12.74 -68.58
C GLN D 6 14.14 12.54 -70.05
N PRO D 7 14.01 13.57 -70.88
CA PRO D 7 14.27 13.40 -72.32
C PRO D 7 15.74 13.13 -72.59
N ALA D 8 16.00 12.29 -73.59
CA ALA D 8 17.36 11.92 -73.93
C ALA D 8 18.02 12.95 -74.85
N SER D 9 17.24 13.59 -75.72
CA SER D 9 17.78 14.52 -76.70
C SER D 9 17.65 15.95 -76.17
N VAL D 10 18.78 16.64 -76.06
CA VAL D 10 18.83 18.03 -75.61
C VAL D 10 19.89 18.75 -76.43
N SER D 11 19.54 19.91 -76.99
CA SER D 11 20.46 20.68 -77.81
C SER D 11 20.25 22.16 -77.55
N GLY D 12 21.33 22.93 -77.70
CA GLY D 12 21.28 24.36 -77.52
C GLY D 12 22.37 25.09 -78.28
N SER D 13 22.02 26.21 -78.92
CA SER D 13 22.99 26.96 -79.71
C SER D 13 24.00 27.66 -78.81
N LEU D 14 25.19 27.88 -79.37
CA LEU D 14 26.30 28.45 -78.59
C LEU D 14 25.97 29.86 -78.12
N GLY D 15 26.28 30.13 -76.84
CA GLY D 15 26.15 31.45 -76.29
C GLY D 15 24.84 31.76 -75.61
N GLN D 16 23.81 30.93 -75.81
CA GLN D 16 22.50 31.22 -75.24
C GLN D 16 22.25 30.39 -73.99
N SER D 17 21.18 29.58 -74.01
CA SER D 17 20.83 28.79 -72.84
C SER D 17 19.97 27.61 -73.28
N VAL D 18 19.94 26.59 -72.43
CA VAL D 18 19.17 25.37 -72.69
C VAL D 18 18.65 24.84 -71.36
N THR D 19 17.45 24.25 -71.39
CA THR D 19 16.78 23.75 -70.20
C THR D 19 16.58 22.25 -70.30
N ILE D 20 16.93 21.53 -69.23
CA ILE D 20 16.69 20.10 -69.10
C ILE D 20 15.72 19.89 -67.96
N SER D 21 14.95 18.80 -68.01
CA SER D 21 13.98 18.50 -66.97
C SER D 21 13.92 16.99 -66.77
N CYS D 22 13.58 16.58 -65.54
CA CYS D 22 13.40 15.16 -65.22
C CYS D 22 12.18 15.03 -64.31
N THR D 23 11.07 14.60 -64.89
CA THR D 23 9.81 14.51 -64.15
C THR D 23 9.91 13.43 -63.07
N GLY D 24 9.02 13.55 -62.08
CA GLY D 24 8.98 12.60 -60.99
C GLY D 24 7.61 12.51 -60.34
N THR D 25 7.52 11.75 -59.24
CA THR D 25 6.27 11.61 -58.51
C THR D 25 6.41 12.17 -57.10
N SER D 26 6.41 11.28 -56.10
CA SER D 26 6.69 11.69 -54.73
C SER D 26 8.16 11.92 -54.47
N SER D 27 9.02 11.73 -55.48
CA SER D 27 10.44 12.04 -55.32
C SER D 27 10.69 13.54 -55.32
N ASP D 28 9.85 14.31 -56.01
CA ASP D 28 9.94 15.76 -56.01
C ASP D 28 9.12 16.40 -54.90
N VAL D 29 8.51 15.58 -54.04
CA VAL D 29 7.82 15.97 -52.80
C VAL D 29 7.03 17.27 -52.93
N GLY D 30 6.44 17.50 -54.10
CA GLY D 30 5.63 18.69 -54.32
C GLY D 30 6.44 19.98 -54.19
N GLY D 31 6.53 20.51 -52.97
CA GLY D 31 7.38 21.65 -52.74
C GLY D 31 8.83 21.30 -53.00
N TYR D 32 9.55 22.25 -53.60
CA TYR D 32 10.91 21.98 -54.05
C TYR D 32 11.82 21.64 -52.86
N ASP D 33 12.43 20.46 -52.91
CA ASP D 33 13.27 19.97 -51.82
C ASP D 33 14.22 18.92 -52.34
N TYR D 34 15.52 19.21 -52.30
CA TYR D 34 16.58 18.23 -52.50
C TYR D 34 16.53 17.54 -53.86
N VAL D 35 16.93 18.25 -54.91
CA VAL D 35 17.12 17.70 -56.24
C VAL D 35 18.51 18.11 -56.72
N SER D 36 19.24 17.17 -57.32
CA SER D 36 20.62 17.42 -57.73
C SER D 36 20.80 17.11 -59.21
N TRP D 37 21.79 17.78 -59.80
CA TRP D 37 22.16 17.65 -61.20
C TRP D 37 23.68 17.52 -61.29
N TYR D 38 24.14 16.45 -61.94
CA TYR D 38 25.55 16.18 -62.15
C TYR D 38 25.85 16.11 -63.64
N GLN D 39 27.08 16.48 -64.00
CA GLN D 39 27.60 16.28 -65.34
C GLN D 39 28.55 15.08 -65.34
N GLN D 40 28.59 14.37 -66.47
CA GLN D 40 29.28 13.10 -66.54
C GLN D 40 30.61 13.17 -67.28
N HIS D 41 30.63 13.76 -68.49
CA HIS D 41 31.80 13.85 -69.36
C HIS D 41 32.21 12.47 -69.85
N PRO D 42 32.97 12.37 -70.96
CA PRO D 42 33.36 11.04 -71.46
C PRO D 42 34.37 10.34 -70.56
N GLY D 43 33.93 9.29 -69.87
CA GLY D 43 34.81 8.49 -69.05
C GLY D 43 35.17 9.09 -67.71
N LYS D 44 34.56 10.21 -67.32
CA LYS D 44 34.89 10.85 -66.06
C LYS D 44 34.01 10.31 -64.94
N ALA D 45 34.20 10.85 -63.73
CA ALA D 45 33.60 10.32 -62.52
C ALA D 45 32.54 11.27 -61.94
N LEU D 46 31.91 12.07 -62.79
CA LEU D 46 30.81 12.96 -62.41
C LEU D 46 31.24 14.10 -61.48
N LYS D 47 30.52 15.21 -61.56
CA LYS D 47 30.76 16.38 -60.72
C LYS D 47 29.42 17.04 -60.42
N LEU D 48 29.17 17.30 -59.14
CA LEU D 48 27.91 17.91 -58.73
C LEU D 48 27.83 19.34 -59.26
N MET D 49 26.87 19.59 -60.15
CA MET D 49 26.65 20.93 -60.68
C MET D 49 25.61 21.71 -59.89
N ILE D 50 24.51 21.05 -59.51
CA ILE D 50 23.42 21.70 -58.77
C ILE D 50 22.94 20.75 -57.69
N PHE D 51 22.59 21.29 -56.54
CA PHE D 51 21.97 20.49 -55.48
C PHE D 51 20.90 21.32 -54.80
N GLU D 52 20.01 20.62 -54.09
CA GLU D 52 18.88 21.25 -53.40
C GLU D 52 18.11 22.18 -54.34
N VAL D 53 17.66 21.60 -55.44
CA VAL D 53 16.85 22.28 -56.45
C VAL D 53 17.67 23.36 -57.16
N ASN D 54 18.10 24.38 -56.43
CA ASN D 54 18.82 25.50 -57.03
C ASN D 54 19.88 26.05 -56.07
N ASN D 55 20.88 25.23 -55.77
CA ASN D 55 22.01 25.66 -54.95
C ASN D 55 23.29 25.21 -55.62
N ARG D 56 24.28 26.10 -55.66
CA ARG D 56 25.53 25.83 -56.36
C ARG D 56 26.68 25.66 -55.37
N PRO D 57 27.56 24.68 -55.59
CA PRO D 57 28.71 24.50 -54.70
C PRO D 57 29.84 25.46 -55.07
N SER D 58 30.84 25.48 -54.19
CA SER D 58 32.01 26.34 -54.42
C SER D 58 32.88 25.75 -55.52
N GLY D 59 33.23 26.61 -56.50
CA GLY D 59 34.04 26.21 -57.64
C GLY D 59 33.26 26.18 -58.94
N VAL D 60 31.95 25.94 -58.87
CA VAL D 60 31.13 25.93 -60.08
C VAL D 60 30.76 27.35 -60.47
N SER D 61 30.38 27.52 -61.73
CA SER D 61 30.01 28.83 -62.25
C SER D 61 28.51 29.08 -62.10
N THR D 62 28.12 30.34 -62.27
CA THR D 62 26.72 30.73 -62.23
C THR D 62 25.99 30.49 -63.53
N ARG D 63 26.64 29.82 -64.49
CA ARG D 63 25.96 29.48 -65.74
C ARG D 63 24.83 28.48 -65.52
N PHE D 64 24.98 27.62 -64.52
CA PHE D 64 23.99 26.60 -64.21
C PHE D 64 23.05 27.10 -63.11
N SER D 65 21.76 26.87 -63.28
CA SER D 65 20.76 27.26 -62.30
C SER D 65 19.69 26.18 -62.22
N GLY D 66 18.99 26.16 -61.09
CA GLY D 66 17.92 25.22 -60.85
C GLY D 66 16.58 25.93 -60.87
N SER D 67 15.53 25.20 -61.25
CA SER D 67 14.18 25.75 -61.36
C SER D 67 13.27 25.09 -60.34
N LYS D 68 12.11 25.70 -60.14
CA LYS D 68 11.12 25.18 -59.22
C LYS D 68 10.74 23.76 -59.58
N SER D 69 10.76 22.87 -58.59
CA SER D 69 10.41 21.47 -58.84
C SER D 69 8.94 21.34 -59.24
N GLY D 70 8.04 21.70 -58.34
CA GLY D 70 6.62 21.43 -58.56
C GLY D 70 6.38 19.94 -58.66
N ASN D 71 6.66 19.38 -59.82
CA ASN D 71 6.68 17.93 -59.99
C ASN D 71 7.62 17.48 -61.09
N THR D 72 8.36 18.39 -61.74
CA THR D 72 9.18 18.05 -62.89
C THR D 72 10.61 18.55 -62.73
N ALA D 73 10.79 19.70 -62.09
CA ALA D 73 12.10 20.32 -61.87
C ALA D 73 12.80 20.66 -63.18
N SER D 74 13.92 21.38 -63.09
CA SER D 74 14.63 21.77 -64.30
C SER D 74 16.01 22.31 -63.95
N LEU D 75 16.96 22.10 -64.86
CA LEU D 75 18.29 22.66 -64.81
C LEU D 75 18.52 23.49 -66.06
N THR D 76 18.86 24.77 -65.88
CA THR D 76 19.07 25.70 -66.98
C THR D 76 20.55 26.01 -67.07
N ILE D 77 21.14 25.77 -68.24
CA ILE D 77 22.54 26.07 -68.52
C ILE D 77 22.57 27.27 -69.46
N SER D 78 23.12 28.37 -68.97
CA SER D 78 23.23 29.60 -69.75
C SER D 78 24.66 29.80 -70.24
N GLY D 79 24.78 30.38 -71.43
CA GLY D 79 26.09 30.59 -72.03
C GLY D 79 26.84 29.28 -72.24
N LEU D 80 26.30 28.42 -73.10
CA LEU D 80 26.89 27.11 -73.32
C LEU D 80 28.31 27.24 -73.84
N GLN D 81 29.27 26.77 -73.04
CA GLN D 81 30.68 26.85 -73.38
C GLN D 81 31.06 25.61 -74.21
N ALA D 82 32.37 25.31 -74.28
CA ALA D 82 32.85 24.14 -75.00
C ALA D 82 32.80 22.87 -74.14
N GLU D 83 33.12 22.98 -72.86
CA GLU D 83 33.11 21.82 -71.97
C GLU D 83 31.71 21.48 -71.46
N ASP D 84 30.67 22.12 -71.99
CA ASP D 84 29.32 21.91 -71.49
C ASP D 84 28.63 20.70 -72.12
N GLU D 85 28.89 20.41 -73.40
CA GLU D 85 28.19 19.32 -74.06
C GLU D 85 28.71 17.99 -73.52
N ALA D 86 27.80 17.21 -72.91
CA ALA D 86 28.15 15.96 -72.25
C ALA D 86 26.90 15.27 -71.73
N ASP D 87 27.06 14.29 -70.85
CA ASP D 87 25.94 13.59 -70.24
C ASP D 87 25.58 14.26 -68.92
N TYR D 88 24.29 14.52 -68.72
CA TYR D 88 23.77 15.18 -67.54
C TYR D 88 22.74 14.28 -66.89
N TYR D 89 22.88 14.06 -65.57
CA TYR D 89 21.97 13.23 -64.80
C TYR D 89 21.36 14.03 -63.67
N CYS D 90 20.16 13.65 -63.26
CA CYS D 90 19.50 14.25 -62.12
C CYS D 90 19.20 13.17 -61.08
N ASN D 91 19.19 13.59 -59.81
CA ASN D 91 19.06 12.69 -58.68
C ASN D 91 18.14 13.30 -57.65
N SER D 92 17.44 12.45 -56.90
CA SER D 92 16.50 12.92 -55.91
C SER D 92 16.34 11.89 -54.79
N TYR D 93 15.91 12.40 -53.64
CA TYR D 93 15.54 11.56 -52.51
C TYR D 93 14.15 10.96 -52.76
N SER D 94 14.04 9.65 -52.61
CA SER D 94 12.79 8.93 -52.81
C SER D 94 12.43 8.21 -51.51
N THR D 95 11.25 8.51 -50.98
CA THR D 95 10.80 7.88 -49.74
C THR D 95 10.60 6.38 -49.91
N THR D 96 10.51 5.88 -51.14
CA THR D 96 10.29 4.47 -51.41
C THR D 96 11.57 3.72 -51.76
N THR D 97 12.45 4.32 -52.57
CA THR D 97 13.65 3.66 -53.05
C THR D 97 14.93 4.44 -52.71
N THR D 98 14.94 5.10 -51.54
CA THR D 98 16.11 5.81 -51.05
C THR D 98 16.59 6.87 -52.03
N TRP D 99 17.30 6.45 -53.09
CA TRP D 99 17.77 7.35 -54.13
C TRP D 99 17.09 7.00 -55.44
N VAL D 100 16.60 8.01 -56.16
CA VAL D 100 16.09 7.85 -57.51
C VAL D 100 16.96 8.67 -58.45
N PHE D 101 17.51 8.02 -59.46
CA PHE D 101 18.55 8.62 -60.29
C PHE D 101 18.03 8.82 -61.71
N GLY D 102 18.80 9.60 -62.48
CA GLY D 102 18.39 9.97 -63.82
C GLY D 102 18.75 8.95 -64.88
N GLY D 103 18.09 9.08 -66.02
CA GLY D 103 18.34 8.21 -67.15
C GLY D 103 19.46 8.72 -68.05
N GLY D 104 19.69 10.03 -68.02
CA GLY D 104 20.77 10.62 -68.79
C GLY D 104 20.30 11.48 -69.95
N THR D 105 20.89 12.67 -70.08
CA THR D 105 20.60 13.57 -71.20
C THR D 105 21.91 13.95 -71.86
N SER D 106 22.01 13.70 -73.16
CA SER D 106 23.23 14.03 -73.92
C SER D 106 23.07 15.42 -74.51
N LEU D 107 23.59 16.43 -73.80
CA LEU D 107 23.54 17.80 -74.30
C LEU D 107 24.68 18.02 -75.29
N THR D 108 24.34 18.59 -76.45
CA THR D 108 25.32 18.94 -77.46
C THR D 108 25.08 20.38 -77.91
N VAL D 109 26.16 21.11 -78.15
CA VAL D 109 26.09 22.49 -78.61
C VAL D 109 26.08 22.50 -80.13
N LEU D 110 25.11 23.21 -80.71
CA LEU D 110 24.93 23.24 -82.15
C LEU D 110 25.77 24.34 -82.83
N GLY D 111 25.92 25.49 -82.18
CA GLY D 111 26.66 26.59 -82.77
C GLY D 111 28.16 26.41 -82.75
N GLN D 112 28.66 25.34 -83.38
CA GLN D 112 30.08 25.07 -83.41
C GLN D 112 30.67 25.38 -84.78
N PRO D 113 31.89 25.89 -84.84
CA PRO D 113 32.53 26.10 -86.14
C PRO D 113 32.83 24.78 -86.82
N LYS D 114 32.53 24.71 -88.12
CA LYS D 114 32.67 23.46 -88.85
C LYS D 114 34.13 23.06 -89.01
N ALA D 115 34.35 21.76 -89.14
CA ALA D 115 35.70 21.21 -89.33
C ALA D 115 35.65 20.17 -90.43
N ALA D 116 36.78 20.00 -91.12
CA ALA D 116 36.85 19.07 -92.25
C ALA D 116 37.44 17.75 -91.82
N PRO D 117 36.83 16.62 -92.18
CA PRO D 117 37.40 15.31 -91.82
C PRO D 117 38.71 15.06 -92.54
N SER D 118 39.75 14.76 -91.77
CA SER D 118 41.06 14.38 -92.31
C SER D 118 41.19 12.87 -92.18
N VAL D 119 40.60 12.17 -93.14
CA VAL D 119 40.50 10.72 -93.10
C VAL D 119 41.85 10.11 -93.49
N THR D 120 42.25 9.06 -92.76
CA THR D 120 43.43 8.27 -93.10
C THR D 120 43.05 6.80 -93.06
N LEU D 121 43.32 6.09 -94.16
CA LEU D 121 43.02 4.67 -94.28
C LEU D 121 44.33 3.91 -94.45
N PHE D 122 44.52 2.86 -93.63
CA PHE D 122 45.73 2.06 -93.57
C PHE D 122 45.53 0.72 -94.28
N PRO D 123 46.58 0.17 -94.86
CA PRO D 123 46.48 -1.17 -95.47
C PRO D 123 46.84 -2.24 -94.46
N PRO D 124 46.50 -3.49 -94.72
CA PRO D 124 46.91 -4.58 -93.82
C PRO D 124 48.43 -4.73 -93.79
N SER D 125 48.93 -5.15 -92.63
CA SER D 125 50.36 -5.29 -92.42
C SER D 125 50.83 -6.68 -92.86
N SER D 126 52.14 -6.90 -92.79
CA SER D 126 52.69 -8.21 -93.11
C SER D 126 52.37 -9.23 -92.03
N GLU D 127 52.32 -8.80 -90.77
CA GLU D 127 51.94 -9.70 -89.69
C GLU D 127 50.51 -10.21 -89.88
N GLU D 128 49.61 -9.33 -90.32
CA GLU D 128 48.26 -9.76 -90.64
C GLU D 128 48.23 -10.62 -91.89
N LEU D 129 49.11 -10.34 -92.86
CA LEU D 129 49.19 -11.17 -94.06
C LEU D 129 49.57 -12.61 -93.72
N GLN D 130 50.53 -12.78 -92.81
CA GLN D 130 50.95 -14.12 -92.40
C GLN D 130 50.00 -14.74 -91.37
N ALA D 131 48.99 -14.01 -90.90
CA ALA D 131 48.04 -14.51 -89.93
C ALA D 131 46.68 -14.84 -90.55
N ASN D 132 46.58 -14.78 -91.88
CA ASN D 132 45.37 -15.10 -92.64
C ASN D 132 44.19 -14.19 -92.30
N LYS D 133 44.40 -13.14 -91.52
CA LYS D 133 43.37 -12.16 -91.18
C LYS D 133 43.77 -10.82 -91.74
N ALA D 134 42.81 -10.13 -92.37
CA ALA D 134 43.06 -8.83 -92.97
C ALA D 134 41.97 -7.85 -92.54
N THR D 135 42.39 -6.72 -91.97
CA THR D 135 41.47 -5.67 -91.55
C THR D 135 41.93 -4.35 -92.15
N LEU D 136 40.96 -3.51 -92.48
CA LEU D 136 41.21 -2.20 -93.06
C LEU D 136 40.75 -1.13 -92.07
N VAL D 137 41.71 -0.39 -91.53
CA VAL D 137 41.45 0.64 -90.52
C VAL D 137 41.39 1.99 -91.24
N CYS D 138 40.19 2.55 -91.34
CA CYS D 138 39.97 3.86 -91.95
C CYS D 138 39.46 4.79 -90.86
N LEU D 139 40.37 5.56 -90.26
CA LEU D 139 40.02 6.43 -89.15
C LEU D 139 39.89 7.87 -89.63
N ILE D 140 38.84 8.54 -89.16
CA ILE D 140 38.47 9.87 -89.63
C ILE D 140 39.16 10.90 -88.73
N SER D 141 38.84 12.18 -88.93
CA SER D 141 39.31 13.23 -88.04
C SER D 141 38.16 14.14 -87.63
N ASP D 142 38.45 15.42 -87.42
CA ASP D 142 37.45 16.34 -86.88
C ASP D 142 36.28 16.53 -87.84
N PHE D 143 35.08 16.55 -87.28
CA PHE D 143 33.87 16.87 -88.04
C PHE D 143 32.99 17.76 -87.16
N TYR D 144 31.74 17.95 -87.58
CA TYR D 144 30.82 18.81 -86.84
C TYR D 144 29.78 18.01 -86.07
N PRO D 145 29.03 17.08 -86.71
CA PRO D 145 28.04 16.32 -85.95
C PRO D 145 28.55 14.95 -85.52
N GLY D 146 27.98 14.40 -84.44
CA GLY D 146 28.34 13.06 -84.02
C GLY D 146 27.90 11.99 -84.99
N ALA D 147 26.94 12.29 -85.86
CA ALA D 147 26.46 11.34 -86.86
C ALA D 147 27.21 11.60 -88.16
N VAL D 148 28.12 10.70 -88.51
CA VAL D 148 28.91 10.79 -89.74
C VAL D 148 28.92 9.40 -90.37
N THR D 149 28.17 9.22 -91.45
CA THR D 149 28.06 7.92 -92.08
C THR D 149 29.26 7.64 -92.99
N VAL D 150 29.54 6.37 -93.19
CA VAL D 150 30.69 5.92 -93.96
C VAL D 150 30.26 4.77 -94.86
N ALA D 151 30.52 4.90 -96.16
CA ALA D 151 30.23 3.85 -97.13
C ALA D 151 31.54 3.25 -97.61
N TRP D 152 31.62 1.92 -97.61
CA TRP D 152 32.85 1.23 -97.96
C TRP D 152 32.74 0.58 -99.33
N LYS D 153 33.78 0.75 -100.14
CA LYS D 153 33.79 0.27 -101.51
C LYS D 153 35.04 -0.57 -101.75
N ALA D 154 34.88 -1.63 -102.53
CA ALA D 154 36.02 -2.38 -103.05
C ALA D 154 36.38 -1.78 -104.41
N ASP D 155 35.56 -2.07 -105.42
CA ASP D 155 35.58 -1.36 -106.69
C ASP D 155 34.34 -0.52 -106.91
N SER D 156 33.17 -1.05 -106.56
CA SER D 156 31.91 -0.31 -106.64
C SER D 156 30.80 -0.99 -105.85
N SER D 157 30.45 -0.41 -104.70
CA SER D 157 29.29 -0.77 -103.88
C SER D 157 29.27 -2.23 -103.43
N PRO D 158 30.18 -2.65 -102.54
CA PRO D 158 29.97 -3.91 -101.81
C PRO D 158 29.38 -3.66 -100.44
N VAL D 159 28.53 -4.56 -99.96
CA VAL D 159 27.83 -4.40 -98.68
C VAL D 159 27.77 -5.76 -98.00
N LYS D 160 27.33 -5.74 -96.73
CA LYS D 160 27.18 -6.94 -95.91
C LYS D 160 28.51 -7.66 -95.73
N ALA D 161 29.53 -6.88 -95.37
CA ALA D 161 30.86 -7.40 -95.10
C ALA D 161 31.15 -7.25 -93.59
N GLY D 162 32.43 -7.20 -93.24
CA GLY D 162 32.82 -7.07 -91.86
C GLY D 162 32.91 -5.63 -91.38
N VAL D 163 31.98 -4.79 -91.84
CA VAL D 163 32.02 -3.37 -91.52
C VAL D 163 31.71 -3.17 -90.04
N GLU D 164 32.59 -2.45 -89.34
CA GLU D 164 32.42 -2.11 -87.94
C GLU D 164 32.64 -0.61 -87.78
N THR D 165 31.60 0.10 -87.37
CA THR D 165 31.67 1.55 -87.25
C THR D 165 31.22 1.98 -85.86
N THR D 166 31.83 3.08 -85.38
CA THR D 166 31.48 3.69 -84.11
C THR D 166 31.38 5.21 -84.31
N THR D 167 31.00 5.91 -83.25
CA THR D 167 30.94 7.37 -83.23
C THR D 167 31.47 7.89 -81.90
N PRO D 168 32.79 7.83 -81.70
CA PRO D 168 33.38 8.30 -80.43
C PRO D 168 33.07 9.78 -80.17
N SER D 169 33.37 10.18 -78.94
CA SER D 169 33.01 11.50 -78.44
C SER D 169 34.12 12.50 -78.77
N LYS D 170 34.09 13.65 -78.10
CA LYS D 170 35.06 14.71 -78.34
C LYS D 170 36.43 14.34 -77.78
N GLN D 171 37.48 14.73 -78.48
CA GLN D 171 38.84 14.64 -77.97
C GLN D 171 39.31 16.02 -77.52
N SER D 172 40.50 16.05 -76.92
CA SER D 172 41.03 17.25 -76.29
C SER D 172 41.10 18.43 -77.25
N ASN D 173 40.14 19.36 -77.13
CA ASN D 173 40.12 20.60 -77.90
C ASN D 173 40.05 20.35 -79.40
N ASN D 174 39.45 19.24 -79.80
CA ASN D 174 39.29 18.92 -81.22
C ASN D 174 37.83 18.94 -81.66
N LYS D 175 36.96 19.54 -80.85
CA LYS D 175 35.52 19.64 -81.15
C LYS D 175 34.97 18.22 -81.29
N TYR D 176 34.10 17.96 -82.28
CA TYR D 176 33.43 16.67 -82.39
C TYR D 176 34.39 15.50 -82.61
N ALA D 177 35.65 15.78 -82.95
CA ALA D 177 36.72 14.77 -83.01
C ALA D 177 36.36 13.75 -84.10
N ALA D 178 36.66 12.47 -83.90
CA ALA D 178 36.70 11.52 -85.00
C ALA D 178 36.05 10.20 -84.63
N SER D 179 35.91 9.35 -85.65
CA SER D 179 35.53 7.94 -85.51
C SER D 179 36.56 7.11 -86.25
N SER D 180 36.34 5.79 -86.31
CA SER D 180 37.34 4.91 -86.91
C SER D 180 36.73 3.57 -87.27
N TYR D 181 37.54 2.77 -87.97
CA TYR D 181 37.37 1.33 -88.16
C TYR D 181 36.35 0.96 -89.22
N LEU D 182 36.39 -0.30 -89.66
CA LEU D 182 35.60 -0.73 -90.80
C LEU D 182 35.63 -2.23 -91.05
N SER D 183 35.92 -2.61 -92.29
CA SER D 183 35.67 -3.95 -92.79
C SER D 183 36.83 -4.90 -92.48
N LEU D 184 36.49 -6.19 -92.41
CA LEU D 184 37.46 -7.27 -92.23
C LEU D 184 37.43 -8.13 -93.51
N THR D 185 38.42 -7.95 -94.37
CA THR D 185 38.47 -8.71 -95.61
C THR D 185 39.22 -10.01 -95.41
N PRO D 186 38.92 -11.06 -96.19
CA PRO D 186 39.61 -12.34 -96.00
C PRO D 186 41.05 -12.32 -96.46
N GLU D 187 41.63 -13.52 -96.62
CA GLU D 187 43.01 -13.62 -97.11
C GLU D 187 43.15 -13.07 -98.52
N GLN D 188 42.07 -13.15 -99.31
CA GLN D 188 42.10 -12.73 -100.71
C GLN D 188 41.51 -11.33 -100.82
N TRP D 189 42.32 -10.33 -100.46
CA TRP D 189 42.00 -8.95 -100.72
C TRP D 189 42.76 -8.39 -101.92
N LYS D 190 43.86 -9.05 -102.31
CA LYS D 190 44.59 -8.68 -103.51
C LYS D 190 43.87 -9.12 -104.78
N SER D 191 42.84 -9.95 -104.67
CA SER D 191 42.05 -10.34 -105.84
C SER D 191 41.31 -9.14 -106.43
N HIS D 192 40.95 -8.17 -105.60
CA HIS D 192 40.31 -6.96 -106.06
C HIS D 192 41.34 -5.87 -106.36
N ARG D 193 40.90 -4.84 -107.06
CA ARG D 193 41.81 -3.78 -107.48
C ARG D 193 42.30 -2.96 -106.28
N SER D 194 41.37 -2.43 -105.50
CA SER D 194 41.71 -1.59 -104.36
C SER D 194 40.55 -1.60 -103.38
N TYR D 195 40.64 -0.76 -102.35
CA TYR D 195 39.59 -0.61 -101.35
C TYR D 195 39.59 0.83 -100.86
N SER D 196 38.40 1.42 -100.73
CA SER D 196 38.26 2.80 -100.33
C SER D 196 37.15 2.95 -99.31
N CYS D 197 37.30 3.96 -98.46
CA CYS D 197 36.24 4.39 -97.55
C CYS D 197 35.81 5.79 -97.96
N GLN D 198 34.53 5.96 -98.25
CA GLN D 198 33.95 7.26 -98.58
C GLN D 198 33.17 7.72 -97.35
N VAL D 199 33.75 8.67 -96.63
CA VAL D 199 33.09 9.28 -95.49
C VAL D 199 32.17 10.37 -96.01
N THR D 200 31.01 10.51 -95.36
CA THR D 200 30.02 11.52 -95.74
C THR D 200 29.81 12.46 -94.57
N HIS D 201 29.98 13.75 -94.81
CA HIS D 201 29.84 14.75 -93.76
C HIS D 201 28.55 15.54 -93.93
N GLU D 202 28.65 16.85 -94.19
CA GLU D 202 27.49 17.71 -94.35
C GLU D 202 27.25 17.90 -95.85
N GLY D 203 26.60 16.89 -96.44
CA GLY D 203 26.27 16.92 -97.85
C GLY D 203 27.44 16.71 -98.80
N SER D 204 28.63 16.45 -98.29
CA SER D 204 29.81 16.23 -99.12
C SER D 204 30.44 14.90 -98.77
N THR D 205 31.06 14.27 -99.77
CA THR D 205 31.72 12.98 -99.60
C THR D 205 33.22 13.14 -99.83
N VAL D 206 34.01 12.49 -98.99
CA VAL D 206 35.47 12.50 -99.08
C VAL D 206 35.94 11.06 -98.96
N GLU D 207 36.68 10.59 -99.96
CA GLU D 207 37.10 9.20 -100.00
C GLU D 207 38.60 9.08 -99.78
N LYS D 208 39.00 7.90 -99.30
CA LYS D 208 40.41 7.53 -99.19
C LYS D 208 40.56 6.09 -99.64
N THR D 209 41.55 5.85 -100.50
CA THR D 209 41.72 4.57 -101.18
C THR D 209 43.12 4.03 -100.96
N VAL D 210 43.22 2.71 -100.82
CA VAL D 210 44.48 2.00 -100.74
C VAL D 210 44.40 0.75 -101.59
N ALA D 211 45.56 0.22 -101.97
CA ALA D 211 45.64 -0.94 -102.84
C ALA D 211 46.80 -1.82 -102.41
N PRO D 212 46.73 -3.12 -102.67
CA PRO D 212 47.86 -4.01 -102.35
C PRO D 212 49.09 -3.64 -103.17
N THR D 213 50.18 -3.31 -102.46
CA THR D 213 51.44 -2.93 -103.09
C THR D 213 52.57 -3.60 -102.31
N GLU D 214 52.92 -4.81 -102.72
CA GLU D 214 54.00 -5.58 -102.09
C GLU D 214 53.77 -5.76 -100.59
N VAL E 2 41.49 14.82 -50.54
CA VAL E 2 40.13 14.31 -50.55
C VAL E 2 39.97 13.23 -51.61
N GLN E 3 41.10 12.66 -52.04
CA GLN E 3 41.08 11.63 -53.07
C GLN E 3 40.28 10.41 -52.62
N LEU E 4 39.60 9.79 -53.59
CA LEU E 4 38.73 8.65 -53.31
C LEU E 4 38.92 7.65 -54.44
N VAL E 5 39.42 6.46 -54.10
CA VAL E 5 39.82 5.46 -55.08
C VAL E 5 39.08 4.15 -54.79
N GLU E 6 38.55 3.53 -55.84
CA GLU E 6 37.87 2.25 -55.72
C GLU E 6 38.86 1.08 -55.67
N SER E 7 39.32 0.64 -56.85
CA SER E 7 40.16 -0.55 -57.02
C SER E 7 39.43 -1.82 -56.61
N GLY E 8 39.97 -2.97 -56.99
CA GLY E 8 39.40 -4.24 -56.61
C GLY E 8 38.41 -4.84 -57.59
N GLY E 9 38.29 -4.30 -58.80
CA GLY E 9 37.36 -4.80 -59.79
C GLY E 9 38.07 -5.49 -60.95
N GLY E 10 37.27 -6.21 -61.73
CA GLY E 10 37.80 -6.91 -62.88
C GLY E 10 36.75 -7.82 -63.51
N LEU E 11 37.23 -8.80 -64.26
CA LEU E 11 36.37 -9.75 -64.95
C LEU E 11 36.05 -10.91 -64.01
N VAL E 12 34.76 -11.30 -63.98
CA VAL E 12 34.29 -12.37 -63.12
C VAL E 12 33.30 -13.23 -63.90
N LYS E 13 33.14 -14.47 -63.44
CA LYS E 13 32.22 -15.42 -64.07
C LYS E 13 30.80 -15.20 -63.56
N PRO E 14 29.79 -15.57 -64.34
CA PRO E 14 28.41 -15.40 -63.88
C PRO E 14 28.08 -16.37 -62.76
N GLY E 15 27.39 -15.84 -61.74
CA GLY E 15 27.09 -16.61 -60.55
C GLY E 15 28.21 -16.71 -59.55
N GLY E 16 29.33 -16.04 -59.79
CA GLY E 16 30.47 -16.09 -58.89
C GLY E 16 30.41 -15.02 -57.81
N SER E 17 31.58 -14.71 -57.26
CA SER E 17 31.71 -13.75 -56.19
C SER E 17 32.81 -12.74 -56.52
N LEU E 18 32.69 -11.54 -55.95
CA LEU E 18 33.67 -10.50 -56.22
C LEU E 18 33.64 -9.46 -55.10
N ARG E 19 34.82 -9.07 -54.62
CA ARG E 19 34.95 -8.17 -53.48
C ARG E 19 35.59 -6.87 -53.96
N LEU E 20 34.81 -5.79 -53.99
CA LEU E 20 35.31 -4.48 -54.36
C LEU E 20 35.77 -3.72 -53.13
N SER E 21 36.95 -3.13 -53.20
CA SER E 21 37.44 -2.22 -52.18
C SER E 21 37.21 -0.78 -52.60
N CYS E 22 37.45 0.14 -51.67
CA CYS E 22 37.27 1.56 -51.93
C CYS E 22 38.00 2.40 -50.89
N ALA E 23 39.23 2.78 -51.16
CA ALA E 23 40.03 3.55 -50.22
C ALA E 23 39.77 5.04 -50.38
N ALA E 24 39.57 5.72 -49.26
CA ALA E 24 39.33 7.16 -49.24
C ALA E 24 40.25 7.81 -48.23
N SER E 25 40.60 9.07 -48.49
CA SER E 25 41.49 9.82 -47.62
C SER E 25 41.21 11.29 -47.78
N GLY E 26 41.89 12.10 -46.96
CA GLY E 26 41.74 13.54 -47.00
C GLY E 26 40.55 14.09 -46.24
N PHE E 27 39.80 13.24 -45.54
CA PHE E 27 38.64 13.69 -44.79
C PHE E 27 38.30 12.65 -43.73
N THR E 28 37.56 13.08 -42.72
CA THR E 28 37.09 12.18 -41.67
C THR E 28 36.09 11.20 -42.27
N PHE E 29 36.50 9.94 -42.41
CA PHE E 29 35.71 8.93 -43.09
C PHE E 29 34.60 8.37 -42.22
N SER E 30 34.60 8.65 -40.92
CA SER E 30 33.57 8.16 -40.00
C SER E 30 32.46 9.16 -39.76
N THR E 31 32.47 10.31 -40.43
CA THR E 31 31.44 11.33 -40.27
C THR E 31 30.37 11.27 -41.35
N TYR E 32 30.70 10.72 -42.52
CA TYR E 32 29.81 10.77 -43.67
C TYR E 32 29.36 9.36 -44.05
N ALA E 33 28.16 9.27 -44.61
CA ALA E 33 27.67 8.02 -45.16
C ALA E 33 28.19 7.83 -46.57
N MET E 34 28.52 6.60 -46.93
CA MET E 34 29.12 6.29 -48.22
C MET E 34 28.19 5.38 -49.01
N ASP E 35 27.95 5.73 -50.26
CA ASP E 35 27.06 4.97 -51.13
C ASP E 35 27.84 4.33 -52.27
N TRP E 36 27.35 3.18 -52.72
CA TRP E 36 27.83 2.56 -53.95
C TRP E 36 26.79 2.77 -55.04
N VAL E 37 27.22 3.33 -56.17
CA VAL E 37 26.37 3.60 -57.31
C VAL E 37 27.05 3.04 -58.56
N ARG E 38 26.32 2.28 -59.35
CA ARG E 38 26.88 1.67 -60.55
C ARG E 38 26.27 2.29 -61.80
N GLN E 39 27.02 2.16 -62.90
CA GLN E 39 26.61 2.68 -64.20
C GLN E 39 26.95 1.65 -65.27
N ALA E 40 25.93 1.11 -65.93
CA ALA E 40 26.17 0.17 -67.00
C ALA E 40 26.96 0.86 -68.12
N PRO E 41 27.80 0.13 -68.84
CA PRO E 41 28.64 0.76 -69.87
C PRO E 41 27.79 1.41 -70.95
N GLY E 42 27.95 2.71 -71.12
CA GLY E 42 27.15 3.45 -72.07
C GLY E 42 25.69 3.56 -71.72
N LYS E 43 25.34 3.45 -70.45
CA LYS E 43 23.96 3.50 -69.99
C LYS E 43 23.87 4.42 -68.78
N GLY E 44 22.67 4.55 -68.23
CA GLY E 44 22.43 5.47 -67.13
C GLY E 44 22.98 4.97 -65.81
N LEU E 45 22.77 5.79 -64.79
CA LEU E 45 23.26 5.53 -63.43
C LEU E 45 22.14 5.00 -62.55
N GLU E 46 22.47 4.05 -61.69
CA GLU E 46 21.52 3.46 -60.76
C GLU E 46 22.19 3.27 -59.41
N TRP E 47 21.46 3.60 -58.34
CA TRP E 47 21.98 3.46 -56.99
C TRP E 47 21.98 2.01 -56.55
N VAL E 48 23.07 1.58 -55.92
CA VAL E 48 23.19 0.20 -55.47
C VAL E 48 22.94 0.12 -53.98
N SER E 49 23.77 0.79 -53.18
CA SER E 49 23.69 0.58 -51.73
C SER E 49 24.18 1.82 -50.99
N LEU E 50 23.95 1.82 -49.67
CA LEU E 50 24.27 2.94 -48.82
C LEU E 50 24.63 2.43 -47.43
N ILE E 51 25.79 2.83 -46.92
CA ILE E 51 26.17 2.53 -45.54
C ILE E 51 26.36 3.85 -44.79
N SER E 52 26.01 3.83 -43.51
CA SER E 52 26.07 5.00 -42.66
C SER E 52 27.35 4.98 -41.83
N SER E 53 27.48 5.96 -40.94
CA SER E 53 28.64 6.03 -40.07
C SER E 53 28.58 4.92 -39.02
N ARG E 54 29.67 4.19 -38.87
CA ARG E 54 29.78 3.05 -37.95
C ARG E 54 28.78 1.94 -38.29
N SER E 55 28.30 1.90 -39.52
CA SER E 55 27.53 0.77 -40.05
C SER E 55 26.27 0.50 -39.22
N SER E 56 25.55 1.57 -38.87
CA SER E 56 24.34 1.41 -38.09
C SER E 56 23.23 0.78 -38.92
N ASN E 57 22.61 1.57 -39.79
CA ASN E 57 21.55 1.10 -40.67
C ASN E 57 22.01 1.21 -42.12
N ILE E 58 21.83 0.13 -42.88
CA ILE E 58 22.27 0.07 -44.27
C ILE E 58 21.04 -0.11 -45.16
N TYR E 59 21.16 0.36 -46.39
CA TYR E 59 20.08 0.30 -47.37
C TYR E 59 20.56 -0.41 -48.63
N TYR E 60 19.70 -1.26 -49.18
CA TYR E 60 19.95 -1.93 -50.44
C TYR E 60 18.81 -1.66 -51.40
N SER E 61 19.14 -1.51 -52.68
CA SER E 61 18.11 -1.43 -53.71
C SER E 61 17.47 -2.79 -53.92
N ASP E 62 16.26 -2.79 -54.49
CA ASP E 62 15.58 -4.04 -54.79
C ASP E 62 16.28 -4.86 -55.86
N SER E 63 17.22 -4.25 -56.59
CA SER E 63 17.95 -4.95 -57.64
C SER E 63 19.10 -5.80 -57.09
N VAL E 64 19.46 -5.64 -55.81
CA VAL E 64 20.52 -6.43 -55.20
C VAL E 64 19.99 -7.29 -54.05
N LYS E 65 19.16 -6.73 -53.18
CA LYS E 65 18.49 -7.46 -52.11
C LYS E 65 19.45 -8.29 -51.28
N GLY E 66 19.42 -9.61 -51.47
CA GLY E 66 20.28 -10.50 -50.72
C GLY E 66 21.44 -11.05 -51.54
N ARG E 67 22.09 -10.17 -52.29
CA ARG E 67 23.23 -10.56 -53.11
C ARG E 67 24.46 -9.70 -52.84
N PHE E 68 24.28 -8.40 -52.60
CA PHE E 68 25.38 -7.50 -52.28
C PHE E 68 25.35 -7.14 -50.80
N THR E 69 26.53 -6.96 -50.22
CA THR E 69 26.66 -6.57 -48.83
C THR E 69 27.71 -5.48 -48.70
N ILE E 70 27.49 -4.54 -47.80
CA ILE E 70 28.39 -3.43 -47.59
C ILE E 70 29.27 -3.74 -46.38
N SER E 71 30.44 -3.10 -46.32
CA SER E 71 31.36 -3.26 -45.20
C SER E 71 32.13 -1.97 -45.02
N ARG E 72 32.45 -1.67 -43.76
CA ARG E 72 33.20 -0.46 -43.44
C ARG E 72 34.22 -0.77 -42.36
N ASP E 73 35.13 0.17 -42.13
CA ASP E 73 36.17 0.03 -41.12
C ASP E 73 36.26 1.33 -40.34
N ASN E 74 37.29 1.45 -39.50
CA ASN E 74 37.41 2.56 -38.56
C ASN E 74 38.28 3.67 -39.14
N ALA E 75 37.99 4.89 -38.69
CA ALA E 75 38.78 6.09 -39.00
C ALA E 75 38.82 6.27 -40.53
N LYS E 76 39.95 6.64 -41.11
CA LYS E 76 40.07 6.88 -42.55
C LYS E 76 40.39 5.61 -43.33
N ASN E 77 39.90 4.46 -42.90
CA ASN E 77 40.13 3.21 -43.61
C ASN E 77 39.22 3.14 -44.84
N SER E 78 39.10 1.95 -45.43
CA SER E 78 38.41 1.79 -46.69
C SER E 78 37.01 1.21 -46.50
N LEU E 79 36.20 1.41 -47.53
CA LEU E 79 34.87 0.82 -47.65
C LEU E 79 34.94 -0.39 -48.58
N PHE E 80 33.97 -1.30 -48.43
CA PHE E 80 33.99 -2.55 -49.19
C PHE E 80 32.59 -2.94 -49.60
N LEU E 81 32.50 -3.67 -50.71
CA LEU E 81 31.24 -4.26 -51.16
C LEU E 81 31.51 -5.68 -51.62
N GLN E 82 30.82 -6.64 -51.02
CA GLN E 82 30.91 -8.04 -51.41
C GLN E 82 29.72 -8.38 -52.31
N MET E 83 30.00 -9.03 -53.44
CA MET E 83 29.00 -9.41 -54.42
C MET E 83 28.97 -10.92 -54.50
N ASN E 84 27.80 -11.51 -54.20
CA ASN E 84 27.59 -12.94 -54.27
C ASN E 84 26.50 -13.25 -55.28
N SER E 85 26.70 -14.30 -56.08
CA SER E 85 25.76 -14.73 -57.11
C SER E 85 25.47 -13.59 -58.09
N LEU E 86 26.50 -13.26 -58.86
CA LEU E 86 26.41 -12.18 -59.83
C LEU E 86 25.71 -12.65 -61.09
N ARG E 87 25.04 -11.70 -61.76
CA ARG E 87 24.35 -11.97 -63.01
C ARG E 87 24.84 -11.00 -64.08
N ALA E 88 24.38 -11.22 -65.31
CA ALA E 88 24.85 -10.43 -66.44
C ALA E 88 24.50 -8.95 -66.29
N GLU E 89 23.37 -8.65 -65.65
CA GLU E 89 22.96 -7.26 -65.47
C GLU E 89 23.86 -6.47 -64.55
N ASP E 90 24.74 -7.14 -63.81
CA ASP E 90 25.66 -6.46 -62.89
C ASP E 90 26.90 -5.91 -63.59
N THR E 91 27.03 -6.10 -64.90
CA THR E 91 28.16 -5.55 -65.65
C THR E 91 28.05 -4.03 -65.69
N ALA E 92 28.95 -3.35 -64.99
CA ALA E 92 28.88 -1.89 -64.88
C ALA E 92 30.18 -1.39 -64.27
N VAL E 93 30.36 -0.07 -64.30
CA VAL E 93 31.41 0.59 -63.54
C VAL E 93 30.82 1.05 -62.22
N TYR E 94 31.46 0.65 -61.13
CA TYR E 94 31.00 0.94 -59.77
C TYR E 94 31.81 2.07 -59.18
N TYR E 95 31.11 3.11 -58.72
CA TYR E 95 31.71 4.21 -57.97
C TYR E 95 31.25 4.13 -56.52
N CYS E 96 32.12 4.56 -55.62
CA CYS E 96 31.77 4.72 -54.20
C CYS E 96 31.85 6.21 -53.90
N ALA E 97 30.70 6.84 -53.76
CA ALA E 97 30.60 8.28 -53.55
C ALA E 97 30.27 8.58 -52.09
N ARG E 98 30.53 9.81 -51.69
CA ARG E 98 30.31 10.28 -50.33
C ARG E 98 29.03 11.11 -50.29
N GLU E 99 28.16 10.81 -49.32
CA GLU E 99 26.97 11.60 -49.12
C GLU E 99 27.31 12.94 -48.48
N ALA E 100 26.38 13.89 -48.58
CA ALA E 100 26.62 15.23 -48.09
C ALA E 100 26.42 15.29 -46.58
N GLY E 101 26.59 16.49 -46.02
CA GLY E 101 26.53 16.68 -44.58
C GLY E 101 25.14 16.80 -44.01
N GLY E 102 24.98 17.67 -43.02
CA GLY E 102 23.73 17.79 -42.29
C GLY E 102 22.55 18.28 -43.12
N PHE E 103 21.46 17.50 -43.11
CA PHE E 103 20.21 17.86 -43.77
C PHE E 103 20.44 18.10 -45.27
N HIS E 104 21.14 17.17 -45.91
CA HIS E 104 21.44 17.26 -47.33
C HIS E 104 21.26 15.88 -47.97
N SER E 105 20.61 15.85 -49.13
CA SER E 105 20.33 14.62 -49.87
C SER E 105 20.92 14.74 -51.26
N HIS E 106 22.24 14.59 -51.36
CA HIS E 106 22.93 14.59 -52.65
C HIS E 106 24.35 14.07 -52.40
N PHE E 107 25.05 13.79 -53.49
CA PHE E 107 26.39 13.24 -53.42
C PHE E 107 27.43 14.36 -53.47
N ASP E 108 28.53 14.15 -52.76
CA ASP E 108 29.63 15.11 -52.72
C ASP E 108 30.71 14.74 -53.74
N MET E 109 31.69 13.95 -53.31
CA MET E 109 32.79 13.53 -54.16
C MET E 109 32.60 12.08 -54.57
N TRP E 110 33.08 11.75 -55.78
CA TRP E 110 33.00 10.41 -56.33
C TRP E 110 34.41 9.85 -56.52
N GLY E 111 34.47 8.56 -56.82
CA GLY E 111 35.71 7.89 -57.15
C GLY E 111 35.78 7.55 -58.64
N GLN E 112 36.96 7.11 -59.06
CA GLN E 112 37.17 6.82 -60.48
C GLN E 112 36.31 5.65 -60.93
N GLY E 113 36.11 4.66 -60.09
CA GLY E 113 35.24 3.55 -60.39
C GLY E 113 36.01 2.32 -60.86
N THR E 114 35.36 1.17 -60.76
CA THR E 114 35.91 -0.10 -61.19
C THR E 114 34.98 -0.80 -62.16
N LEU E 115 35.55 -1.34 -63.23
CA LEU E 115 34.76 -2.05 -64.23
C LEU E 115 34.55 -3.50 -63.79
N VAL E 116 33.30 -3.87 -63.55
CA VAL E 116 32.92 -5.24 -63.18
C VAL E 116 32.15 -5.82 -64.36
N THR E 117 32.75 -6.80 -65.03
CA THR E 117 32.15 -7.46 -66.17
C THR E 117 31.75 -8.87 -65.78
N VAL E 118 30.46 -9.17 -65.85
CA VAL E 118 29.91 -10.47 -65.50
C VAL E 118 29.51 -11.15 -66.81
N SER E 119 30.37 -12.03 -67.31
CA SER E 119 30.11 -12.73 -68.56
C SER E 119 30.81 -14.08 -68.52
N SER E 120 30.17 -15.07 -69.13
CA SER E 120 30.78 -16.40 -69.25
C SER E 120 31.98 -16.41 -70.18
N ALA E 121 32.17 -15.36 -70.96
CA ALA E 121 33.31 -15.29 -71.86
C ALA E 121 34.60 -15.10 -71.06
N SER E 122 35.63 -15.85 -71.45
CA SER E 122 36.92 -15.77 -70.79
C SER E 122 37.69 -14.54 -71.30
N THR E 123 38.92 -14.40 -70.81
CA THR E 123 39.77 -13.28 -71.22
C THR E 123 40.67 -13.69 -72.37
N LYS E 124 41.02 -12.71 -73.20
CA LYS E 124 41.87 -12.94 -74.37
C LYS E 124 42.78 -11.74 -74.55
N GLY E 125 44.06 -12.00 -74.80
CA GLY E 125 45.02 -10.94 -75.02
C GLY E 125 44.91 -10.37 -76.42
N PRO E 126 45.08 -9.05 -76.53
CA PRO E 126 44.96 -8.40 -77.84
C PRO E 126 46.20 -8.59 -78.70
N SER E 127 45.99 -8.77 -79.99
CA SER E 127 47.08 -8.87 -80.94
C SER E 127 47.42 -7.48 -81.49
N VAL E 128 48.70 -7.20 -81.61
CA VAL E 128 49.19 -5.91 -82.08
C VAL E 128 49.79 -6.08 -83.47
N PHE E 129 49.45 -5.15 -84.37
CA PHE E 129 49.90 -5.18 -85.75
C PHE E 129 50.30 -3.77 -86.16
N PRO E 130 51.45 -3.60 -86.82
CA PRO E 130 51.92 -2.24 -87.15
C PRO E 130 51.32 -1.67 -88.42
N LEU E 131 50.57 -0.57 -88.30
CA LEU E 131 50.02 0.14 -89.45
C LEU E 131 51.09 1.11 -89.94
N ALA E 132 51.83 0.71 -91.01
CA ALA E 132 53.00 1.36 -91.57
C ALA E 132 52.60 2.44 -92.58
N PRO E 133 53.40 3.50 -92.68
CA PRO E 133 53.13 4.55 -93.67
C PRO E 133 53.80 4.27 -95.00
N SER E 134 53.45 5.09 -95.99
CA SER E 134 54.05 5.04 -97.31
C SER E 134 55.13 6.11 -97.39
N SER E 135 56.37 5.70 -97.71
CA SER E 135 57.51 6.60 -97.73
C SER E 135 57.50 7.43 -99.02
N LYS E 136 56.58 8.39 -99.05
CA LYS E 136 56.47 9.31 -100.16
C LYS E 136 57.36 10.53 -99.94
N SER E 137 58.03 10.97 -100.99
CA SER E 137 58.95 12.10 -100.90
C SER E 137 58.16 13.40 -101.03
N THR E 138 58.11 14.18 -99.94
CA THR E 138 57.39 15.44 -99.94
C THR E 138 57.97 16.31 -98.83
N SER E 139 57.53 17.57 -98.81
CA SER E 139 57.97 18.54 -97.81
C SER E 139 56.96 18.52 -96.67
N GLY E 140 57.33 17.88 -95.56
CA GLY E 140 56.46 17.80 -94.40
C GLY E 140 55.25 16.91 -94.62
N GLY E 141 54.06 17.48 -94.54
CA GLY E 141 52.84 16.73 -94.73
C GLY E 141 52.46 15.90 -93.52
N THR E 142 52.48 14.59 -93.65
CA THR E 142 52.13 13.68 -92.56
C THR E 142 52.72 12.32 -92.86
N ALA E 143 52.42 11.36 -91.99
CA ALA E 143 52.88 9.98 -92.16
C ALA E 143 51.85 9.04 -91.57
N ALA E 144 51.42 8.07 -92.36
CA ALA E 144 50.44 7.08 -91.90
C ALA E 144 51.06 6.15 -90.86
N LEU E 145 51.40 6.70 -89.70
CA LEU E 145 52.07 5.94 -88.64
C LEU E 145 51.05 5.53 -87.60
N GLY E 146 51.02 4.23 -87.29
CA GLY E 146 50.12 3.78 -86.24
C GLY E 146 50.27 2.29 -85.98
N CYS E 147 49.38 1.80 -85.12
CA CYS E 147 49.35 0.37 -84.80
C CYS E 147 47.95 0.02 -84.30
N LEU E 148 47.67 -1.28 -84.38
CA LEU E 148 46.32 -1.84 -84.27
C LEU E 148 46.32 -2.93 -83.21
N VAL E 149 45.51 -2.76 -82.17
CA VAL E 149 45.30 -3.80 -81.16
C VAL E 149 43.91 -4.37 -81.37
N LYS E 150 43.83 -5.69 -81.46
CA LYS E 150 42.69 -6.39 -82.05
C LYS E 150 42.32 -7.60 -81.21
N ASP E 151 41.02 -7.89 -81.14
CA ASP E 151 40.52 -9.13 -80.54
C ASP E 151 40.92 -9.27 -79.09
N TYR E 152 40.20 -8.58 -78.20
CA TYR E 152 40.37 -8.73 -76.76
C TYR E 152 39.03 -8.49 -76.09
N PHE E 153 38.75 -9.26 -75.04
CA PHE E 153 37.42 -9.21 -74.43
C PHE E 153 37.35 -8.21 -73.26
N PRO E 154 38.26 -8.25 -72.28
CA PRO E 154 38.17 -7.29 -71.19
C PRO E 154 38.37 -5.86 -71.70
N GLU E 155 37.47 -4.97 -71.29
CA GLU E 155 37.36 -3.66 -71.92
C GLU E 155 38.62 -2.80 -71.82
N PRO E 156 39.22 -2.58 -70.64
CA PRO E 156 40.28 -1.57 -70.55
C PRO E 156 41.57 -2.02 -71.23
N VAL E 157 42.10 -1.15 -72.10
CA VAL E 157 43.38 -1.35 -72.76
C VAL E 157 44.02 0.02 -72.96
N THR E 158 45.27 0.17 -72.54
CA THR E 158 45.96 1.46 -72.58
C THR E 158 47.22 1.38 -73.42
N VAL E 159 47.34 2.26 -74.41
CA VAL E 159 48.51 2.29 -75.28
C VAL E 159 49.23 3.63 -75.11
N SER E 160 50.52 3.62 -75.39
CA SER E 160 51.33 4.84 -75.33
C SER E 160 52.55 4.66 -76.22
N TRP E 161 52.86 5.70 -76.99
CA TRP E 161 53.97 5.62 -77.94
C TRP E 161 55.29 5.93 -77.25
N ASN E 162 56.23 4.98 -77.34
CA ASN E 162 57.56 5.09 -76.76
C ASN E 162 57.51 5.61 -75.32
N SER E 163 56.56 5.07 -74.55
CA SER E 163 56.33 5.42 -73.15
C SER E 163 55.84 6.86 -72.99
N GLY E 164 55.06 7.35 -73.95
CA GLY E 164 54.42 8.65 -73.84
C GLY E 164 55.34 9.85 -73.79
N ALA E 165 56.42 9.85 -74.56
CA ALA E 165 57.31 11.00 -74.65
C ALA E 165 56.83 12.02 -75.67
N LEU E 166 55.66 11.82 -76.27
CA LEU E 166 55.09 12.76 -77.23
C LEU E 166 53.77 13.30 -76.71
N THR E 167 53.53 14.59 -76.94
CA THR E 167 52.28 15.24 -76.57
C THR E 167 51.46 15.69 -77.77
N SER E 168 51.99 15.57 -78.97
CA SER E 168 51.28 15.93 -80.20
C SER E 168 50.90 14.67 -80.97
N GLY E 169 49.79 14.75 -81.68
CA GLY E 169 49.25 13.60 -82.38
C GLY E 169 48.49 12.68 -81.45
N VAL E 170 47.23 12.38 -81.79
CA VAL E 170 46.40 11.56 -80.92
C VAL E 170 47.02 10.17 -80.80
N HIS E 171 46.86 9.57 -79.61
CA HIS E 171 47.43 8.27 -79.32
C HIS E 171 46.39 7.18 -79.15
N THR E 172 45.10 7.52 -79.20
CA THR E 172 44.05 6.55 -78.96
C THR E 172 42.86 6.83 -79.87
N PHE E 173 42.15 5.75 -80.21
CA PHE E 173 40.83 5.82 -80.82
C PHE E 173 39.94 4.88 -80.01
N PRO E 174 38.79 5.33 -79.54
CA PRO E 174 37.93 4.47 -78.72
C PRO E 174 37.59 3.17 -79.45
N ALA E 175 37.75 2.05 -78.74
CA ALA E 175 37.65 0.73 -79.34
C ALA E 175 36.24 0.47 -79.85
N VAL E 176 36.14 -0.46 -80.79
CA VAL E 176 34.88 -0.87 -81.37
C VAL E 176 34.46 -2.19 -80.73
N LEU E 177 33.16 -2.44 -80.75
CA LEU E 177 32.60 -3.68 -80.23
C LEU E 177 32.09 -4.51 -81.41
N GLN E 178 32.86 -5.52 -81.79
CA GLN E 178 32.52 -6.36 -82.92
C GLN E 178 31.28 -7.19 -82.62
N SER E 179 30.76 -7.85 -83.67
CA SER E 179 29.60 -8.71 -83.50
C SER E 179 29.91 -9.96 -82.67
N SER E 180 31.18 -10.37 -82.63
CA SER E 180 31.55 -11.55 -81.84
C SER E 180 31.63 -11.24 -80.35
N GLY E 181 31.90 -9.99 -79.99
CA GLY E 181 32.01 -9.58 -78.60
C GLY E 181 33.37 -9.07 -78.19
N LEU E 182 34.37 -9.14 -79.06
CA LEU E 182 35.71 -8.67 -78.73
C LEU E 182 35.89 -7.20 -79.12
N TYR E 183 36.97 -6.61 -78.63
CA TYR E 183 37.25 -5.20 -78.83
C TYR E 183 38.52 -5.02 -79.68
N SER E 184 38.65 -3.83 -80.25
CA SER E 184 39.84 -3.49 -81.03
C SER E 184 39.90 -1.98 -81.16
N LEU E 185 41.09 -1.42 -80.88
CA LEU E 185 41.33 0.00 -81.07
C LEU E 185 42.66 0.21 -81.77
N SER E 186 42.97 1.47 -82.07
CA SER E 186 44.10 1.81 -82.90
C SER E 186 44.76 3.08 -82.39
N SER E 187 46.08 3.04 -82.26
CA SER E 187 46.87 4.20 -81.86
C SER E 187 47.54 4.76 -83.10
N VAL E 188 47.22 6.00 -83.46
CA VAL E 188 47.71 6.62 -84.69
C VAL E 188 48.21 8.02 -84.33
N VAL E 189 49.48 8.11 -83.95
CA VAL E 189 50.13 9.40 -83.75
C VAL E 189 50.70 9.86 -85.08
N THR E 190 50.47 11.12 -85.42
CA THR E 190 50.90 11.69 -86.69
C THR E 190 52.20 12.46 -86.49
N VAL E 191 53.31 11.88 -86.94
CA VAL E 191 54.62 12.52 -86.86
C VAL E 191 54.96 12.96 -88.29
N PRO E 192 55.70 14.06 -88.47
CA PRO E 192 56.08 14.47 -89.82
C PRO E 192 56.86 13.39 -90.55
N SER E 193 56.94 13.55 -91.88
CA SER E 193 57.47 12.49 -92.73
C SER E 193 58.98 12.30 -92.54
N SER E 194 59.71 13.38 -92.25
CA SER E 194 61.16 13.27 -92.14
C SER E 194 61.60 12.65 -90.82
N SER E 195 60.74 12.65 -89.80
CA SER E 195 61.10 12.11 -88.50
C SER E 195 61.11 10.58 -88.53
N LEU E 196 62.06 10.00 -89.25
CA LEU E 196 62.16 8.55 -89.38
C LEU E 196 63.37 8.02 -88.61
N GLY E 197 64.56 8.16 -89.19
CA GLY E 197 65.77 7.64 -88.57
C GLY E 197 66.16 8.35 -87.30
N THR E 198 65.65 9.56 -87.06
CA THR E 198 65.99 10.29 -85.86
C THR E 198 65.44 9.60 -84.61
N GLN E 199 64.22 9.05 -84.71
CA GLN E 199 63.62 8.32 -83.60
C GLN E 199 62.61 7.33 -84.17
N THR E 200 62.89 6.05 -84.02
CA THR E 200 61.96 5.02 -84.48
C THR E 200 60.72 4.98 -83.59
N TYR E 201 59.59 4.64 -84.20
CA TYR E 201 58.32 4.63 -83.49
C TYR E 201 58.04 3.26 -82.89
N ILE E 202 57.41 3.27 -81.72
CA ILE E 202 57.01 2.05 -81.03
C ILE E 202 55.83 2.36 -80.11
N CYS E 203 54.81 1.51 -80.14
CA CYS E 203 53.60 1.70 -79.33
C CYS E 203 53.52 0.57 -78.31
N ASN E 204 53.70 0.91 -77.03
CA ASN E 204 53.54 -0.05 -75.96
C ASN E 204 52.08 -0.16 -75.58
N VAL E 205 51.52 -1.36 -75.69
CA VAL E 205 50.14 -1.64 -75.34
C VAL E 205 50.13 -2.44 -74.03
N ASN E 206 49.17 -2.12 -73.17
CA ASN E 206 49.03 -2.78 -71.88
C ASN E 206 47.57 -3.20 -71.71
N HIS E 207 47.36 -4.49 -71.45
CA HIS E 207 46.05 -5.06 -71.16
C HIS E 207 46.19 -5.78 -69.82
N LYS E 208 45.81 -5.10 -68.75
CA LYS E 208 45.98 -5.59 -67.39
C LYS E 208 45.06 -6.77 -67.06
N PRO E 209 43.77 -6.74 -67.40
CA PRO E 209 42.90 -7.88 -67.07
C PRO E 209 43.34 -9.18 -67.69
N SER E 210 44.19 -9.15 -68.71
CA SER E 210 44.81 -10.36 -69.25
C SER E 210 46.29 -10.44 -68.92
N ASN E 211 46.85 -9.43 -68.26
CA ASN E 211 48.27 -9.36 -67.89
C ASN E 211 49.15 -9.55 -69.13
N THR E 212 49.06 -8.58 -70.03
CA THR E 212 49.75 -8.64 -71.32
C THR E 212 50.30 -7.26 -71.65
N LYS E 213 51.62 -7.13 -71.66
CA LYS E 213 52.29 -5.87 -72.02
C LYS E 213 53.17 -6.14 -73.24
N VAL E 214 52.83 -5.52 -74.37
CA VAL E 214 53.51 -5.78 -75.63
C VAL E 214 54.07 -4.47 -76.16
N ASP E 215 55.14 -4.57 -76.95
CA ASP E 215 55.75 -3.41 -77.61
C ASP E 215 56.37 -3.90 -78.91
N LYS E 216 55.96 -3.30 -80.03
CA LYS E 216 56.35 -3.77 -81.35
C LYS E 216 56.85 -2.61 -82.21
N LYS E 217 57.81 -2.92 -83.08
CA LYS E 217 58.33 -1.95 -84.02
C LYS E 217 57.23 -1.46 -84.96
N VAL E 218 57.39 -0.23 -85.45
CA VAL E 218 56.38 0.39 -86.31
C VAL E 218 57.07 0.96 -87.54
N GLU E 219 58.37 0.72 -87.66
CA GLU E 219 59.12 1.21 -88.81
C GLU E 219 58.64 0.51 -90.08
N PRO E 220 58.36 1.24 -91.16
CA PRO E 220 57.73 0.63 -92.33
C PRO E 220 58.73 -0.08 -93.24
N LYS E 221 58.17 -0.82 -94.20
CA LYS E 221 58.95 -1.49 -95.23
C LYS E 221 59.11 -0.60 -96.46
N ASP F 1 4.90 22.83 56.95
CA ASP F 1 3.75 21.93 57.05
C ASP F 1 2.46 22.71 57.32
N ILE F 2 1.38 21.98 57.55
CA ILE F 2 0.08 22.56 57.87
C ILE F 2 -0.26 22.20 59.30
N VAL F 3 -0.55 23.21 60.12
CA VAL F 3 -0.91 23.02 61.51
C VAL F 3 -2.43 23.03 61.63
N LEU F 4 -2.97 22.04 62.34
CA LEU F 4 -4.40 21.97 62.62
C LEU F 4 -4.63 22.28 64.08
N THR F 5 -5.58 23.17 64.35
CA THR F 5 -5.93 23.60 65.70
C THR F 5 -7.39 23.27 65.96
N GLN F 6 -7.63 22.39 66.94
CA GLN F 6 -8.99 22.04 67.34
C GLN F 6 -9.43 22.98 68.46
N SER F 7 -10.48 23.75 68.23
CA SER F 7 -10.92 24.77 69.16
C SER F 7 -11.43 24.17 70.48
N PRO F 8 -12.22 23.08 70.49
CA PRO F 8 -12.65 22.53 71.77
C PRO F 8 -11.80 21.37 72.23
N ALA F 9 -10.79 21.64 73.06
CA ALA F 9 -9.97 20.56 73.60
C ALA F 9 -10.77 19.63 74.48
N SER F 10 -11.75 20.15 75.20
CA SER F 10 -12.65 19.36 76.03
C SER F 10 -14.07 19.85 75.82
N LEU F 11 -15.02 18.92 75.89
CA LEU F 11 -16.41 19.25 75.63
C LEU F 11 -17.32 18.23 76.31
N ALA F 12 -18.24 18.71 77.13
CA ALA F 12 -19.21 17.87 77.83
C ALA F 12 -20.60 18.25 77.36
N VAL F 13 -21.33 17.27 76.82
CA VAL F 13 -22.65 17.49 76.23
C VAL F 13 -23.59 16.43 76.76
N SER F 14 -24.79 16.85 77.16
CA SER F 14 -25.79 15.91 77.66
C SER F 14 -26.21 14.93 76.57
N LEU F 15 -26.49 13.70 76.98
CA LEU F 15 -26.88 12.66 76.04
C LEU F 15 -28.16 13.04 75.32
N GLY F 16 -28.14 12.91 73.99
CA GLY F 16 -29.27 13.29 73.17
C GLY F 16 -29.20 14.70 72.61
N GLN F 17 -28.22 15.51 73.03
CA GLN F 17 -28.07 16.86 72.55
C GLN F 17 -26.98 16.92 71.48
N ARG F 18 -26.69 18.13 71.01
CA ARG F 18 -25.78 18.35 69.90
C ARG F 18 -24.39 18.70 70.40
N ALA F 19 -23.39 18.01 69.87
CA ALA F 19 -21.99 18.33 70.13
C ALA F 19 -21.36 18.86 68.85
N THR F 20 -20.47 19.85 68.99
CA THR F 20 -19.86 20.47 67.82
C THR F 20 -18.38 20.69 68.08
N ILE F 21 -17.55 20.23 67.15
CA ILE F 21 -16.10 20.34 67.24
C ILE F 21 -15.61 21.18 66.06
N SER F 22 -14.62 22.04 66.30
CA SER F 22 -14.07 22.91 65.28
C SER F 22 -12.63 22.54 64.99
N CYS F 23 -12.20 22.79 63.76
CA CYS F 23 -10.83 22.56 63.33
C CYS F 23 -10.43 23.65 62.36
N ARG F 24 -9.25 24.23 62.58
CA ARG F 24 -8.74 25.34 61.79
C ARG F 24 -7.38 24.97 61.21
N ALA F 25 -7.22 25.18 59.91
CA ALA F 25 -5.95 24.93 59.23
C ALA F 25 -5.19 26.24 59.08
N SER F 26 -3.85 26.13 59.09
CA SER F 26 -3.01 27.30 58.91
C SER F 26 -3.23 27.93 57.53
N LYS F 27 -3.00 27.16 56.47
CA LYS F 27 -3.32 27.55 55.11
C LYS F 27 -4.52 26.74 54.61
N SER F 28 -5.03 27.14 53.45
CA SER F 28 -6.23 26.51 52.92
C SER F 28 -5.93 25.11 52.41
N VAL F 29 -6.71 24.13 52.87
CA VAL F 29 -6.58 22.76 52.39
C VAL F 29 -7.56 22.45 51.26
N SER F 30 -8.40 23.41 50.89
CA SER F 30 -9.38 23.21 49.83
C SER F 30 -8.77 23.63 48.50
N THR F 31 -8.76 22.70 47.54
CA THR F 31 -8.26 22.98 46.20
C THR F 31 -9.26 22.46 45.17
N SER F 32 -9.57 23.29 44.17
CA SER F 32 -10.49 22.94 43.09
C SER F 32 -11.84 22.49 43.63
N GLY F 33 -12.28 23.09 44.74
CA GLY F 33 -13.59 22.81 45.31
C GLY F 33 -13.66 21.61 46.22
N TYR F 34 -12.57 20.88 46.41
CA TYR F 34 -12.54 19.72 47.28
C TYR F 34 -11.71 20.04 48.52
N SER F 35 -12.27 19.78 49.69
CA SER F 35 -11.66 20.13 50.97
C SER F 35 -11.07 18.88 51.60
N TYR F 36 -9.74 18.76 51.59
CA TYR F 36 -9.03 17.62 52.16
C TYR F 36 -8.97 17.78 53.67
N MET F 37 -10.04 17.38 54.34
CA MET F 37 -10.12 17.48 55.80
C MET F 37 -11.05 16.40 56.32
N HIS F 38 -10.48 15.37 56.92
CA HIS F 38 -11.20 14.20 57.41
C HIS F 38 -11.29 14.24 58.94
N TRP F 39 -12.23 13.47 59.47
CA TRP F 39 -12.49 13.40 60.90
C TRP F 39 -12.41 11.94 61.35
N TYR F 40 -11.61 11.69 62.38
CA TYR F 40 -11.40 10.34 62.91
C TYR F 40 -11.80 10.29 64.38
N GLN F 41 -12.24 9.11 64.82
CA GLN F 41 -12.58 8.85 66.20
C GLN F 41 -11.71 7.73 66.74
N GLN F 42 -11.03 8.00 67.86
CA GLN F 42 -10.23 7.00 68.55
C GLN F 42 -10.85 6.73 69.91
N LYS F 43 -11.18 5.46 70.16
CA LYS F 43 -11.65 4.95 71.44
C LYS F 43 -10.47 4.43 72.25
N PRO F 44 -10.43 4.74 73.54
CA PRO F 44 -9.29 4.28 74.38
C PRO F 44 -9.17 2.76 74.35
N GLY F 45 -7.99 2.30 73.95
CA GLY F 45 -7.74 0.89 73.78
C GLY F 45 -8.07 0.33 72.42
N GLN F 46 -8.43 1.18 71.46
CA GLN F 46 -8.79 0.78 70.11
C GLN F 46 -8.12 1.70 69.10
N PRO F 47 -7.88 1.21 67.88
CA PRO F 47 -7.29 2.07 66.84
C PRO F 47 -8.27 3.14 66.40
N PRO F 48 -7.78 4.20 65.76
CA PRO F 48 -8.70 5.26 65.32
C PRO F 48 -9.68 4.75 64.28
N LYS F 49 -10.93 5.23 64.40
CA LYS F 49 -12.00 4.86 63.49
C LYS F 49 -12.29 6.00 62.54
N LEU F 50 -12.48 5.68 61.26
CA LEU F 50 -12.75 6.67 60.24
C LEU F 50 -14.20 7.12 60.36
N LEU F 51 -14.39 8.38 60.76
CA LEU F 51 -15.75 8.94 60.86
C LEU F 51 -16.16 9.57 59.52
N ILE F 52 -15.52 10.68 59.17
CA ILE F 52 -15.88 11.45 57.98
C ILE F 52 -14.65 11.52 57.07
N TYR F 53 -14.84 11.28 55.79
CA TYR F 53 -13.79 11.48 54.80
C TYR F 53 -14.16 12.64 53.90
N LEU F 54 -13.16 13.43 53.53
CA LEU F 54 -13.35 14.73 52.89
C LEU F 54 -14.21 15.63 53.77
N ALA F 55 -14.73 16.72 53.21
CA ALA F 55 -15.36 17.75 54.02
C ALA F 55 -16.61 17.25 54.71
N SER F 56 -17.44 16.47 54.01
CA SER F 56 -18.76 16.13 54.54
C SER F 56 -19.19 14.68 54.34
N ASN F 57 -18.37 13.85 53.71
CA ASN F 57 -18.82 12.53 53.29
C ASN F 57 -18.74 11.55 54.46
N LEU F 58 -19.87 10.94 54.79
CA LEU F 58 -19.95 9.97 55.88
C LEU F 58 -19.52 8.60 55.37
N GLU F 59 -18.52 8.02 56.02
CA GLU F 59 -18.04 6.70 55.63
C GLU F 59 -19.10 5.64 55.93
N SER F 60 -19.26 4.70 55.00
CA SER F 60 -20.25 3.63 55.18
C SER F 60 -19.96 2.83 56.44
N GLY F 61 -21.01 2.57 57.22
CA GLY F 61 -20.87 1.93 58.51
C GLY F 61 -20.83 2.88 59.69
N VAL F 62 -21.30 4.11 59.52
CA VAL F 62 -21.27 5.12 60.57
C VAL F 62 -22.65 5.74 60.67
N PRO F 63 -23.20 5.92 61.88
CA PRO F 63 -24.54 6.50 62.01
C PRO F 63 -24.59 7.92 61.45
N ALA F 64 -25.77 8.30 60.97
CA ALA F 64 -25.95 9.59 60.32
C ALA F 64 -25.80 10.77 61.27
N ARG F 65 -25.71 10.54 62.57
CA ARG F 65 -25.53 11.65 63.50
C ARG F 65 -24.16 12.30 63.35
N PHE F 66 -23.14 11.51 63.01
CA PHE F 66 -21.83 12.06 62.69
C PHE F 66 -21.91 12.81 61.36
N SER F 67 -21.64 14.11 61.38
CA SER F 67 -21.75 14.92 60.16
C SER F 67 -20.59 15.89 60.09
N GLY F 68 -19.72 15.72 59.10
CA GLY F 68 -18.66 16.67 58.86
C GLY F 68 -19.10 17.79 57.93
N SER F 69 -18.43 18.94 58.05
CA SER F 69 -18.74 20.08 57.20
C SER F 69 -17.58 21.06 57.28
N GLY F 70 -17.65 22.10 56.47
CA GLY F 70 -16.65 23.14 56.44
C GLY F 70 -15.95 23.25 55.10
N SER F 71 -15.12 24.27 55.00
CA SER F 71 -14.42 24.55 53.76
C SER F 71 -13.25 25.48 54.03
N GLY F 72 -12.41 25.67 53.01
CA GLY F 72 -11.28 26.57 53.07
C GLY F 72 -10.32 26.30 54.21
N THR F 73 -10.48 27.03 55.31
CA THR F 73 -9.63 26.90 56.48
C THR F 73 -10.40 26.57 57.74
N ASP F 74 -11.72 26.46 57.68
CA ASP F 74 -12.55 26.24 58.87
C ASP F 74 -13.45 25.05 58.64
N PHE F 75 -13.41 24.08 59.54
CA PHE F 75 -14.21 22.86 59.42
C PHE F 75 -14.85 22.54 60.76
N THR F 76 -15.98 21.83 60.70
CA THR F 76 -16.74 21.47 61.89
C THR F 76 -17.20 20.03 61.78
N LEU F 77 -17.46 19.44 62.95
CA LEU F 77 -18.00 18.09 63.07
C LEU F 77 -19.15 18.14 64.08
N ASN F 78 -20.33 17.69 63.64
CA ASN F 78 -21.56 17.82 64.42
C ASN F 78 -22.12 16.44 64.74
N ILE F 79 -22.58 16.30 65.99
CA ILE F 79 -23.29 15.11 66.45
C ILE F 79 -24.61 15.62 67.05
N HIS F 80 -25.66 15.66 66.23
CA HIS F 80 -26.91 16.27 66.69
C HIS F 80 -27.57 15.44 67.78
N PRO F 81 -27.74 14.11 67.65
CA PRO F 81 -28.16 13.31 68.80
C PRO F 81 -27.03 12.48 69.38
N VAL F 82 -26.23 13.08 70.28
CA VAL F 82 -25.15 12.32 70.89
C VAL F 82 -25.72 11.17 71.70
N GLU F 83 -24.91 10.13 71.90
CA GLU F 83 -25.35 8.89 72.50
C GLU F 83 -24.26 8.34 73.40
N GLU F 84 -24.64 7.42 74.28
CA GLU F 84 -23.65 6.64 75.00
C GLU F 84 -22.88 5.77 74.01
N GLU F 85 -21.59 5.56 74.32
CA GLU F 85 -20.57 4.89 73.50
C GLU F 85 -19.95 5.86 72.49
N ASP F 86 -20.59 7.00 72.25
CA ASP F 86 -19.99 8.01 71.40
C ASP F 86 -18.86 8.77 72.09
N ALA F 87 -18.71 8.63 73.40
CA ALA F 87 -17.67 9.35 74.14
C ALA F 87 -16.31 8.75 73.84
N ALA F 88 -15.48 9.50 73.13
CA ALA F 88 -14.13 9.07 72.79
C ALA F 88 -13.32 10.32 72.42
N THR F 89 -12.19 10.12 71.75
CA THR F 89 -11.35 11.22 71.29
C THR F 89 -11.59 11.44 69.80
N TYR F 90 -11.53 12.70 69.38
CA TYR F 90 -11.86 13.08 68.01
C TYR F 90 -10.74 13.92 67.43
N TYR F 91 -10.27 13.55 66.24
CA TYR F 91 -9.17 14.23 65.57
C TYR F 91 -9.60 14.70 64.19
N CYS F 92 -9.03 15.81 63.75
CA CYS F 92 -9.15 16.29 62.38
C CYS F 92 -7.80 16.14 61.68
N LEU F 93 -7.85 15.77 60.40
CA LEU F 93 -6.67 15.47 59.63
C LEU F 93 -6.77 16.12 58.25
N HIS F 94 -5.64 16.56 57.72
CA HIS F 94 -5.59 17.16 56.39
C HIS F 94 -4.75 16.29 55.47
N SER F 95 -5.15 16.25 54.19
CA SER F 95 -4.40 15.52 53.18
C SER F 95 -4.10 16.39 51.96
N ARG F 96 -4.13 17.71 52.13
CA ARG F 96 -3.91 18.62 51.01
C ARG F 96 -2.48 18.51 50.48
N ASP F 97 -1.50 18.80 51.33
CA ASP F 97 -0.10 18.71 50.96
C ASP F 97 0.44 17.32 51.28
N LEU F 98 1.75 17.14 51.07
CA LEU F 98 2.34 15.81 51.23
C LEU F 98 2.34 15.35 52.68
N PRO F 99 2.83 16.11 53.66
CA PRO F 99 2.83 15.64 55.04
C PRO F 99 1.48 15.86 55.70
N PRO F 100 0.76 14.78 56.02
CA PRO F 100 -0.54 14.94 56.69
C PRO F 100 -0.41 15.04 58.20
N THR F 101 -0.82 16.17 58.77
CA THR F 101 -0.76 16.40 60.20
C THR F 101 -2.15 16.28 60.80
N PHE F 102 -2.26 15.57 61.93
CA PHE F 102 -3.52 15.45 62.64
C PHE F 102 -3.79 16.71 63.45
N GLY F 103 -4.87 16.68 64.23
CA GLY F 103 -5.23 17.77 65.10
C GLY F 103 -4.77 17.54 66.54
N GLY F 104 -5.06 18.52 67.38
CA GLY F 104 -4.72 18.41 68.79
C GLY F 104 -5.56 17.39 69.52
N GLY F 105 -6.77 17.15 69.05
CA GLY F 105 -7.67 16.19 69.67
C GLY F 105 -8.80 16.88 70.42
N THR F 106 -9.82 16.07 70.73
CA THR F 106 -10.98 16.56 71.46
C THR F 106 -11.64 15.38 72.16
N LYS F 107 -11.74 15.46 73.49
CA LYS F 107 -12.36 14.42 74.29
C LYS F 107 -13.82 14.80 74.58
N LEU F 108 -14.73 13.88 74.32
CA LEU F 108 -16.16 14.11 74.50
C LEU F 108 -16.62 13.46 75.80
N GLU F 109 -17.41 14.20 76.57
CA GLU F 109 -17.97 13.73 77.82
C GLU F 109 -19.49 13.79 77.76
N ILE F 110 -20.15 12.81 78.38
CA ILE F 110 -21.60 12.70 78.39
C ILE F 110 -22.11 13.19 79.74
N LYS F 111 -22.93 14.23 79.72
CA LYS F 111 -23.50 14.80 80.94
C LYS F 111 -24.70 13.97 81.35
N ARG F 112 -24.46 12.93 82.15
CA ARG F 112 -25.51 12.09 82.67
C ARG F 112 -25.81 12.47 84.11
N THR F 113 -26.78 11.79 84.71
CA THR F 113 -27.16 12.06 86.08
C THR F 113 -26.07 11.58 87.05
N VAL F 114 -26.05 12.19 88.23
CA VAL F 114 -25.06 11.85 89.24
C VAL F 114 -25.35 10.45 89.78
N ALA F 115 -24.34 9.59 89.78
CA ALA F 115 -24.46 8.22 90.23
C ALA F 115 -23.62 8.01 91.49
N ALA F 116 -24.14 7.18 92.40
CA ALA F 116 -23.43 6.91 93.65
C ALA F 116 -22.32 5.90 93.41
N PRO F 117 -21.11 6.15 93.90
CA PRO F 117 -20.01 5.22 93.68
C PRO F 117 -20.16 3.97 94.54
N SER F 118 -19.78 2.83 93.97
CA SER F 118 -19.68 1.58 94.70
C SER F 118 -18.23 1.35 95.07
N VAL F 119 -17.98 1.17 96.36
CA VAL F 119 -16.63 1.07 96.91
C VAL F 119 -16.41 -0.36 97.40
N PHE F 120 -15.25 -0.92 97.06
CA PHE F 120 -14.86 -2.25 97.51
C PHE F 120 -13.39 -2.21 97.90
N ILE F 121 -12.98 -3.18 98.72
CA ILE F 121 -11.59 -3.26 99.18
C ILE F 121 -11.17 -4.72 99.18
N PHE F 122 -9.95 -4.97 98.68
CA PHE F 122 -9.43 -6.32 98.57
C PHE F 122 -8.06 -6.39 99.22
N PRO F 123 -7.82 -7.37 100.10
CA PRO F 123 -6.51 -7.51 100.73
C PRO F 123 -5.63 -8.47 99.96
N PRO F 124 -4.34 -8.55 100.30
CA PRO F 124 -3.47 -9.56 99.67
C PRO F 124 -3.83 -10.97 100.11
N SER F 125 -3.40 -11.93 99.29
CA SER F 125 -3.58 -13.35 99.57
C SER F 125 -2.23 -13.96 99.99
N ASP F 126 -2.23 -15.28 100.15
CA ASP F 126 -1.00 -15.95 100.59
C ASP F 126 0.05 -15.97 99.49
N GLU F 127 -0.37 -15.93 98.23
CA GLU F 127 0.58 -15.95 97.12
C GLU F 127 1.47 -14.71 97.08
N GLN F 128 1.02 -13.60 97.67
CA GLN F 128 1.78 -12.35 97.64
C GLN F 128 2.56 -12.10 98.92
N LEU F 129 2.04 -12.52 100.07
CA LEU F 129 2.68 -12.20 101.34
C LEU F 129 4.06 -12.85 101.47
N LYS F 130 4.23 -14.04 100.92
CA LYS F 130 5.51 -14.73 101.01
C LYS F 130 6.57 -14.16 100.07
N SER F 131 6.19 -13.25 99.17
CA SER F 131 7.15 -12.68 98.23
C SER F 131 8.04 -11.64 98.89
N GLY F 132 7.44 -10.76 99.70
CA GLY F 132 8.20 -9.71 100.36
C GLY F 132 7.53 -8.36 100.26
N THR F 133 6.35 -8.31 99.63
CA THR F 133 5.61 -7.08 99.46
C THR F 133 4.15 -7.33 99.78
N ALA F 134 3.41 -6.24 100.00
CA ALA F 134 1.98 -6.31 100.27
C ALA F 134 1.30 -5.14 99.59
N SER F 135 0.06 -5.37 99.14
CA SER F 135 -0.68 -4.36 98.40
C SER F 135 -2.17 -4.56 98.61
N VAL F 136 -2.82 -3.55 99.20
CA VAL F 136 -4.27 -3.56 99.39
C VAL F 136 -4.89 -2.64 98.34
N VAL F 137 -5.99 -3.09 97.73
CA VAL F 137 -6.60 -2.32 96.66
C VAL F 137 -7.99 -1.88 97.06
N CYS F 138 -8.43 -0.76 96.48
CA CYS F 138 -9.76 -0.21 96.71
C CYS F 138 -10.34 0.22 95.38
N LEU F 139 -11.50 -0.32 95.05
CA LEU F 139 -12.18 -0.05 93.80
C LEU F 139 -13.29 0.96 94.06
N LEU F 140 -13.40 1.95 93.18
CA LEU F 140 -14.42 3.00 93.23
C LEU F 140 -15.08 3.00 91.85
N ASN F 141 -16.16 2.23 91.66
CA ASN F 141 -16.71 2.06 90.33
C ASN F 141 -18.13 2.59 90.23
N ASN F 142 -18.54 2.84 88.98
CA ASN F 142 -19.92 3.20 88.64
C ASN F 142 -20.32 4.55 89.23
N PHE F 143 -19.50 5.57 88.94
CA PHE F 143 -19.79 6.94 89.31
C PHE F 143 -19.45 7.84 88.13
N TYR F 144 -20.30 8.85 87.89
CA TYR F 144 -20.09 9.72 86.75
C TYR F 144 -19.24 10.93 87.11
N PRO F 145 -19.59 11.73 88.16
CA PRO F 145 -18.74 12.89 88.48
C PRO F 145 -17.30 12.48 88.78
N ARG F 146 -16.41 12.74 87.83
CA ARG F 146 -15.04 12.23 87.91
C ARG F 146 -14.27 12.84 89.06
N GLU F 147 -14.60 14.08 89.45
CA GLU F 147 -13.90 14.74 90.55
C GLU F 147 -14.27 14.07 91.87
N ALA F 148 -13.32 13.36 92.46
CA ALA F 148 -13.53 12.69 93.72
C ALA F 148 -12.18 12.49 94.41
N LYS F 149 -12.23 12.19 95.70
CA LYS F 149 -11.02 11.98 96.49
C LYS F 149 -11.11 10.66 97.23
N VAL F 150 -9.94 10.06 97.47
CA VAL F 150 -9.82 8.82 98.22
C VAL F 150 -8.61 8.92 99.13
N GLN F 151 -8.77 8.45 100.37
CA GLN F 151 -7.70 8.50 101.36
C GLN F 151 -7.66 7.20 102.13
N TRP F 152 -6.47 6.61 102.22
CA TRP F 152 -6.29 5.35 102.93
C TRP F 152 -6.00 5.61 104.41
N LYS F 153 -6.27 4.59 105.22
CA LYS F 153 -6.04 4.65 106.67
C LYS F 153 -5.46 3.31 107.11
N VAL F 154 -4.25 3.34 107.62
CA VAL F 154 -3.58 2.15 108.12
C VAL F 154 -3.75 2.09 109.63
N ASP F 155 -4.90 1.60 110.10
CA ASP F 155 -5.29 1.70 111.49
C ASP F 155 -5.28 3.16 111.95
N ASN F 156 -5.97 4.00 111.16
CA ASN F 156 -6.02 5.44 111.39
C ASN F 156 -4.62 6.06 111.35
N ALA F 157 -3.95 5.84 110.22
CA ALA F 157 -2.61 6.39 109.99
C ALA F 157 -2.55 6.94 108.57
N LEU F 158 -2.31 8.24 108.46
CA LEU F 158 -2.20 8.89 107.15
C LEU F 158 -0.80 8.65 106.60
N GLN F 159 -0.72 8.07 105.39
CA GLN F 159 0.54 7.76 104.74
C GLN F 159 0.52 8.33 103.33
N SER F 160 0.72 9.64 103.23
CA SER F 160 0.79 10.29 101.93
C SER F 160 2.15 10.05 101.28
N GLY F 161 2.13 9.74 99.99
CA GLY F 161 3.34 9.45 99.25
C GLY F 161 3.61 7.97 99.02
N ASN F 162 2.63 7.10 99.20
CA ASN F 162 2.83 5.67 98.98
C ASN F 162 1.50 5.01 98.60
N SER F 163 0.67 5.73 97.85
CA SER F 163 -0.59 5.20 97.36
C SER F 163 -0.85 5.78 95.97
N GLN F 164 -1.25 4.92 95.03
CA GLN F 164 -1.38 5.30 93.64
C GLN F 164 -2.82 5.14 93.18
N GLU F 165 -3.32 6.14 92.46
CA GLU F 165 -4.67 6.11 91.90
C GLU F 165 -4.59 5.96 90.38
N SER F 166 -5.61 5.31 89.81
CA SER F 166 -5.68 5.11 88.37
C SER F 166 -7.14 5.12 87.95
N VAL F 167 -7.49 6.03 87.04
CA VAL F 167 -8.87 6.21 86.60
C VAL F 167 -9.02 5.64 85.20
N THR F 168 -10.13 4.93 84.98
CA THR F 168 -10.49 4.51 83.63
C THR F 168 -11.24 5.62 82.91
N GLU F 169 -11.19 5.57 81.59
CA GLU F 169 -11.92 6.53 80.78
C GLU F 169 -13.43 6.32 80.93
N GLN F 170 -14.19 7.24 80.36
CA GLN F 170 -15.65 7.15 80.41
C GLN F 170 -16.12 5.88 79.72
N ASP F 171 -16.87 5.05 80.46
CA ASP F 171 -17.28 3.75 79.94
C ASP F 171 -18.19 3.91 78.74
N SER F 172 -18.21 2.88 77.89
CA SER F 172 -19.02 2.93 76.68
C SER F 172 -20.51 2.93 77.00
N LYS F 173 -20.93 2.05 77.91
CA LYS F 173 -22.33 1.94 78.30
C LYS F 173 -22.54 2.61 79.66
N ASP F 174 -23.63 3.38 79.75
CA ASP F 174 -24.02 4.12 80.95
C ASP F 174 -23.07 5.27 81.28
N SER F 175 -21.86 5.24 80.72
CA SER F 175 -20.86 6.29 80.88
C SER F 175 -20.56 6.53 82.36
N THR F 176 -19.95 5.52 82.97
CA THR F 176 -19.59 5.55 84.38
C THR F 176 -18.10 5.30 84.55
N TYR F 177 -17.49 6.02 85.48
CA TYR F 177 -16.04 5.93 85.71
C TYR F 177 -15.72 4.88 86.76
N SER F 178 -14.45 4.47 86.76
CA SER F 178 -13.91 3.57 87.77
C SER F 178 -12.51 4.05 88.16
N LEU F 179 -12.17 3.82 89.42
CA LEU F 179 -10.90 4.28 89.97
C LEU F 179 -10.33 3.20 90.87
N SER F 180 -9.09 2.81 90.60
CA SER F 180 -8.38 1.82 91.42
C SER F 180 -7.32 2.55 92.24
N SER F 181 -7.39 2.37 93.56
CA SER F 181 -6.42 2.94 94.48
C SER F 181 -5.64 1.79 95.12
N THR F 182 -4.34 1.76 94.87
CA THR F 182 -3.46 0.72 95.41
C THR F 182 -2.58 1.31 96.50
N LEU F 183 -2.48 0.60 97.62
CA LEU F 183 -1.64 0.99 98.75
C LEU F 183 -0.66 -0.14 99.00
N THR F 184 0.62 0.13 98.78
CA THR F 184 1.67 -0.87 98.91
C THR F 184 2.41 -0.69 100.24
N LEU F 185 3.16 -1.73 100.61
CA LEU F 185 3.96 -1.74 101.83
C LEU F 185 4.85 -2.96 101.80
N SER F 186 5.76 -3.04 102.77
CA SER F 186 6.62 -4.19 102.91
C SER F 186 5.90 -5.29 103.69
N LYS F 187 6.44 -6.51 103.59
CA LYS F 187 5.86 -7.63 104.30
C LYS F 187 6.03 -7.52 105.82
N ALA F 188 6.98 -6.71 106.28
CA ALA F 188 7.19 -6.48 107.70
C ALA F 188 6.33 -5.36 108.26
N ASP F 189 5.46 -4.77 107.43
CA ASP F 189 4.59 -3.68 107.87
C ASP F 189 3.12 -3.96 107.59
N TYR F 190 2.77 -5.14 107.08
CA TYR F 190 1.38 -5.47 106.83
C TYR F 190 0.75 -6.18 108.02
N GLU F 191 1.41 -7.20 108.57
CA GLU F 191 0.92 -7.90 109.75
C GLU F 191 1.04 -7.07 111.02
N LYS F 192 1.53 -5.83 110.92
CA LYS F 192 1.68 -4.98 112.10
C LYS F 192 0.38 -4.25 112.43
N HIS F 193 -0.45 -3.96 111.43
CA HIS F 193 -1.68 -3.21 111.61
C HIS F 193 -2.88 -4.07 111.23
N LYS F 194 -4.04 -3.73 111.78
CA LYS F 194 -5.23 -4.54 111.62
C LYS F 194 -6.23 -3.94 110.64
N VAL F 195 -6.99 -2.94 111.08
CA VAL F 195 -8.14 -2.44 110.35
C VAL F 195 -7.64 -1.44 109.30
N TYR F 196 -7.46 -1.91 108.06
CA TYR F 196 -7.19 -1.02 106.95
C TYR F 196 -8.52 -0.45 106.43
N ALA F 197 -8.57 0.87 106.24
CA ALA F 197 -9.79 1.54 105.84
C ALA F 197 -9.52 2.42 104.62
N CYS F 198 -10.60 2.69 103.87
CA CYS F 198 -10.56 3.61 102.75
C CYS F 198 -11.74 4.56 102.88
N GLU F 199 -11.46 5.86 102.90
CA GLU F 199 -12.48 6.90 103.04
C GLU F 199 -12.48 7.74 101.77
N VAL F 200 -13.61 7.75 101.07
CA VAL F 200 -13.73 8.45 99.80
C VAL F 200 -14.78 9.55 99.92
N THR F 201 -14.57 10.60 99.14
CA THR F 201 -15.49 11.74 99.04
C THR F 201 -15.86 11.93 97.59
N HIS F 202 -17.17 11.98 97.32
CA HIS F 202 -17.68 12.14 95.97
C HIS F 202 -18.90 13.05 96.02
N GLN F 203 -19.18 13.70 94.88
CA GLN F 203 -20.32 14.60 94.81
C GLN F 203 -21.63 13.87 95.03
N GLY F 204 -21.73 12.62 94.55
CA GLY F 204 -22.90 11.81 94.78
C GLY F 204 -23.05 11.27 96.19
N LEU F 205 -22.10 11.58 97.07
CA LEU F 205 -22.13 11.14 98.46
C LEU F 205 -22.20 12.37 99.35
N SER F 206 -23.32 12.55 100.05
CA SER F 206 -23.44 13.69 100.96
C SER F 206 -22.51 13.56 102.15
N SER F 207 -22.22 12.33 102.58
CA SER F 207 -21.28 12.07 103.66
C SER F 207 -20.11 11.25 103.14
N PRO F 208 -18.89 11.56 103.58
CA PRO F 208 -17.73 10.77 103.16
C PRO F 208 -17.90 9.30 103.55
N VAL F 209 -17.79 8.43 102.56
CA VAL F 209 -18.09 7.01 102.74
C VAL F 209 -16.78 6.26 102.98
N THR F 210 -16.71 5.53 104.09
CA THR F 210 -15.53 4.75 104.42
C THR F 210 -15.89 3.28 104.53
N LYS F 211 -14.95 2.42 104.15
CA LYS F 211 -15.10 0.98 104.26
C LYS F 211 -13.80 0.38 104.77
N SER F 212 -13.91 -0.55 105.71
CA SER F 212 -12.76 -1.07 106.43
C SER F 212 -12.73 -2.59 106.38
N PHE F 213 -11.58 -3.15 106.72
CA PHE F 213 -11.41 -4.59 106.84
C PHE F 213 -10.31 -4.88 107.85
N ASN F 214 -10.38 -6.05 108.47
CA ASN F 214 -9.41 -6.46 109.48
C ASN F 214 -8.53 -7.58 108.94
N ARG F 215 -7.28 -7.60 109.40
CA ARG F 215 -6.32 -8.57 108.90
C ARG F 215 -6.61 -9.96 109.45
N GLY F 216 -6.70 -10.93 108.54
CA GLY F 216 -6.78 -12.33 108.94
C GLY F 216 -7.91 -12.66 109.88
N GLU F 217 -9.05 -11.99 109.72
CA GLU F 217 -10.22 -12.23 110.55
C GLU F 217 -11.24 -13.05 109.79
N CYS F 218 -11.79 -14.05 110.44
CA CYS F 218 -12.78 -14.94 109.83
C CYS F 218 -14.10 -14.22 109.61
N GLU G 1 -14.16 -4.58 57.28
CA GLU G 1 -13.87 -5.92 56.81
C GLU G 1 -12.36 -6.10 56.61
N VAL G 2 -11.71 -5.04 56.14
CA VAL G 2 -10.26 -5.07 55.93
C VAL G 2 -9.57 -5.29 57.27
N LYS G 3 -8.60 -6.20 57.29
CA LYS G 3 -7.89 -6.58 58.50
C LYS G 3 -6.43 -6.20 58.38
N LEU G 4 -5.95 -5.34 59.27
CA LEU G 4 -4.56 -4.96 59.37
C LEU G 4 -4.08 -5.25 60.79
N LEU G 5 -3.04 -6.07 60.92
CA LEU G 5 -2.46 -6.39 62.22
C LEU G 5 -0.95 -6.27 62.15
N GLU G 6 -0.36 -5.66 63.16
CA GLU G 6 1.07 -5.45 63.25
C GLU G 6 1.73 -6.54 64.08
N SER G 7 3.05 -6.66 63.91
CA SER G 7 3.80 -7.66 64.65
C SER G 7 3.98 -7.25 66.10
N GLY G 8 4.05 -8.24 66.98
CA GLY G 8 4.22 -7.99 68.40
C GLY G 8 5.61 -7.49 68.75
N GLY G 9 5.85 -6.20 68.51
CA GLY G 9 7.15 -5.63 68.83
C GLY G 9 7.36 -5.51 70.32
N GLY G 10 8.56 -5.83 70.78
CA GLY G 10 8.87 -5.83 72.19
C GLY G 10 9.65 -4.59 72.65
N LEU G 11 10.90 -4.80 73.02
CA LEU G 11 11.74 -3.73 73.56
C LEU G 11 13.07 -3.69 72.84
N VAL G 12 13.56 -2.48 72.57
CA VAL G 12 14.87 -2.26 71.99
C VAL G 12 15.57 -1.17 72.80
N GLN G 13 16.88 -1.15 72.71
CA GLN G 13 17.66 -0.14 73.43
C GLN G 13 18.11 0.95 72.46
N PRO G 14 18.44 2.14 72.97
CA PRO G 14 18.85 3.24 72.09
C PRO G 14 19.99 2.84 71.15
N GLY G 15 19.83 3.21 69.87
CA GLY G 15 20.76 2.83 68.85
C GLY G 15 20.54 1.46 68.25
N GLY G 16 19.42 0.81 68.56
CA GLY G 16 19.16 -0.53 68.09
C GLY G 16 18.34 -0.55 66.81
N SER G 17 17.96 -1.76 66.40
CA SER G 17 17.18 -1.96 65.19
C SER G 17 16.11 -3.02 65.45
N LEU G 18 14.93 -2.81 64.89
CA LEU G 18 13.83 -3.76 65.01
C LEU G 18 12.96 -3.64 63.78
N LYS G 19 12.88 -4.71 62.99
CA LYS G 19 12.02 -4.71 61.81
C LYS G 19 10.56 -4.88 62.23
N LEU G 20 9.69 -4.09 61.63
CA LEU G 20 8.28 -4.04 61.99
C LEU G 20 7.45 -4.45 60.78
N SER G 21 6.83 -5.62 60.86
CA SER G 21 6.02 -6.16 59.77
C SER G 21 4.54 -6.02 60.11
N CYS G 22 3.78 -5.44 59.19
CA CYS G 22 2.34 -5.28 59.32
C CYS G 22 1.67 -6.06 58.20
N ALA G 23 0.95 -7.13 58.56
CA ALA G 23 0.31 -8.00 57.59
C ALA G 23 -1.12 -7.53 57.31
N ALA G 24 -1.55 -7.72 56.07
CA ALA G 24 -2.88 -7.32 55.62
C ALA G 24 -3.64 -8.54 55.12
N SER G 25 -4.97 -8.44 55.15
CA SER G 25 -5.83 -9.52 54.69
C SER G 25 -7.23 -8.98 54.46
N GLY G 26 -7.94 -9.58 53.52
CA GLY G 26 -9.30 -9.19 53.19
C GLY G 26 -9.43 -8.30 51.98
N PHE G 27 -8.33 -7.95 51.32
CA PHE G 27 -8.36 -7.06 50.17
C PHE G 27 -7.04 -7.20 49.43
N ASP G 28 -6.98 -6.60 48.24
CA ASP G 28 -5.75 -6.61 47.44
C ASP G 28 -4.77 -5.61 48.04
N PHE G 29 -3.57 -6.10 48.39
CA PHE G 29 -2.56 -5.28 49.05
C PHE G 29 -1.71 -4.49 48.07
N SER G 30 -1.57 -4.97 46.84
CA SER G 30 -0.70 -4.34 45.85
C SER G 30 -1.35 -3.18 45.10
N ARG G 31 -2.55 -2.75 45.51
CA ARG G 31 -3.23 -1.66 44.84
C ARG G 31 -3.34 -0.39 45.68
N TYR G 32 -3.25 -0.49 46.99
CA TYR G 32 -3.47 0.64 47.88
C TYR G 32 -2.14 1.24 48.34
N TRP G 33 -2.16 2.55 48.57
CA TRP G 33 -1.03 3.21 49.22
C TRP G 33 -1.03 2.84 50.70
N MET G 34 0.17 2.62 51.25
CA MET G 34 0.31 2.29 52.65
C MET G 34 1.02 3.43 53.38
N SER G 35 0.80 3.51 54.68
CA SER G 35 1.37 4.59 55.47
C SER G 35 1.72 4.09 56.86
N TRP G 36 2.74 4.70 57.45
CA TRP G 36 3.14 4.44 58.82
C TRP G 36 2.92 5.70 59.63
N VAL G 37 2.15 5.58 60.72
CA VAL G 37 1.82 6.66 61.62
C VAL G 37 2.21 6.21 63.04
N ARG G 38 2.32 7.17 63.95
CA ARG G 38 2.65 6.85 65.33
C ARG G 38 1.82 7.69 66.28
N GLN G 39 1.61 7.15 67.48
CA GLN G 39 0.88 7.85 68.54
C GLN G 39 1.67 7.72 69.84
N ALA G 40 2.11 8.84 70.38
CA ALA G 40 2.78 8.73 71.66
C ALA G 40 1.84 9.16 72.78
N PRO G 41 1.87 8.46 73.92
CA PRO G 41 1.00 8.85 75.04
C PRO G 41 1.32 10.25 75.55
N GLY G 42 0.47 11.22 75.22
CA GLY G 42 0.71 12.61 75.56
C GLY G 42 1.22 13.47 74.44
N LYS G 43 1.17 12.99 73.19
CA LYS G 43 1.67 13.74 72.05
C LYS G 43 0.64 13.77 70.93
N GLY G 44 -0.14 12.70 70.82
CA GLY G 44 -1.11 12.56 69.74
C GLY G 44 -0.57 11.72 68.60
N LEU G 45 -1.28 11.79 67.48
CA LEU G 45 -0.93 11.04 66.29
C LEU G 45 0.00 11.86 65.41
N GLU G 46 0.98 11.19 64.79
CA GLU G 46 1.98 11.85 63.97
C GLU G 46 2.36 10.94 62.81
N TRP G 47 2.16 11.42 61.59
CA TRP G 47 2.51 10.66 60.40
C TRP G 47 4.03 10.61 60.23
N ILE G 48 4.54 9.44 59.87
CA ILE G 48 5.98 9.27 59.75
C ILE G 48 6.37 8.87 58.33
N GLY G 49 5.47 8.22 57.59
CA GLY G 49 5.86 7.87 56.24
C GLY G 49 4.72 7.30 55.42
N GLU G 50 4.96 7.24 54.11
CA GLU G 50 4.01 6.60 53.20
C GLU G 50 4.75 6.03 52.00
N ILE G 51 4.09 5.08 51.34
CA ILE G 51 4.64 4.36 50.19
C ILE G 51 3.51 4.02 49.24
N ASN G 52 3.77 4.15 47.94
CA ASN G 52 2.80 3.82 46.92
C ASN G 52 2.81 2.32 46.62
N PRO G 53 1.71 1.78 46.11
CA PRO G 53 1.65 0.33 45.82
C PRO G 53 2.54 -0.02 44.64
N ASP G 54 3.36 -1.06 44.83
CA ASP G 54 4.18 -1.65 43.76
C ASP G 54 5.21 -0.68 43.19
N SER G 55 4.79 0.55 42.86
CA SER G 55 5.69 1.51 42.24
C SER G 55 6.92 1.79 43.11
N SER G 56 6.76 1.73 44.43
CA SER G 56 7.86 1.84 45.39
C SER G 56 8.60 3.18 45.24
N THR G 57 7.86 4.26 45.54
CA THR G 57 8.44 5.60 45.64
C THR G 57 7.96 6.16 46.98
N ILE G 58 8.83 6.06 47.99
CA ILE G 58 8.48 6.31 49.38
C ILE G 58 8.73 7.76 49.74
N ASN G 59 7.90 8.30 50.63
CA ASN G 59 8.04 9.67 51.12
C ASN G 59 7.88 9.68 52.63
N TYR G 60 8.88 10.21 53.33
CA TYR G 60 8.89 10.33 54.77
C TYR G 60 8.66 11.78 55.18
N THR G 61 8.58 11.99 56.49
CA THR G 61 8.52 13.34 57.06
C THR G 61 9.94 13.87 57.25
N SER G 62 10.04 15.13 57.70
CA SER G 62 11.34 15.78 57.77
C SER G 62 12.19 15.21 58.91
N SER G 63 11.62 15.11 60.10
CA SER G 63 12.38 14.65 61.26
C SER G 63 12.80 13.19 61.14
N LEU G 64 12.11 12.40 60.31
CA LEU G 64 12.40 10.98 60.17
C LEU G 64 12.82 10.64 58.75
N LYS G 65 13.53 11.55 58.09
CA LYS G 65 13.95 11.34 56.71
C LYS G 65 14.95 10.20 56.60
N ASP G 66 16.11 10.33 57.27
CA ASP G 66 17.14 9.31 57.25
C ASP G 66 17.05 8.36 58.44
N LYS G 67 16.01 8.50 59.27
CA LYS G 67 15.86 7.66 60.45
C LYS G 67 15.08 6.37 60.17
N PHE G 68 14.06 6.45 59.32
CA PHE G 68 13.22 5.30 59.03
C PHE G 68 13.41 4.84 57.59
N ILE G 69 13.16 3.56 57.36
CA ILE G 69 13.13 2.97 56.02
C ILE G 69 11.88 2.13 55.90
N ILE G 70 11.03 2.46 54.93
CA ILE G 70 9.78 1.76 54.68
C ILE G 70 9.93 0.95 53.40
N SER G 71 9.59 -0.33 53.47
CA SER G 71 9.63 -1.22 52.31
C SER G 71 8.30 -1.96 52.21
N ARG G 72 8.07 -2.55 51.05
CA ARG G 72 6.83 -3.25 50.76
C ARG G 72 7.13 -4.59 50.10
N ASP G 73 6.22 -5.54 50.25
CA ASP G 73 6.34 -6.84 49.60
C ASP G 73 4.93 -7.37 49.37
N ASN G 74 4.41 -7.18 48.15
CA ASN G 74 3.06 -7.63 47.83
C ASN G 74 3.00 -9.14 47.62
N ALA G 75 4.13 -9.80 47.37
CA ALA G 75 4.13 -11.26 47.27
C ALA G 75 3.76 -11.89 48.60
N LYS G 76 4.19 -11.28 49.70
CA LYS G 76 3.83 -11.72 51.04
C LYS G 76 2.71 -10.88 51.65
N ASN G 77 2.28 -9.81 50.97
CA ASN G 77 1.22 -8.93 51.43
C ASN G 77 1.52 -8.37 52.81
N THR G 78 2.70 -7.74 52.93
CA THR G 78 3.14 -7.21 54.21
C THR G 78 3.89 -5.90 53.98
N LEU G 79 3.69 -4.95 54.89
CA LEU G 79 4.38 -3.67 54.87
C LEU G 79 5.44 -3.66 55.97
N TYR G 80 6.61 -3.13 55.64
CA TYR G 80 7.78 -3.21 56.52
C TYR G 80 8.24 -1.81 56.92
N LEU G 81 8.56 -1.65 58.20
CA LEU G 81 9.20 -0.46 58.75
C LEU G 81 10.46 -0.88 59.49
N GLN G 82 11.55 -0.15 59.25
CA GLN G 82 12.83 -0.46 59.86
C GLN G 82 13.34 0.75 60.63
N MET G 83 13.79 0.51 61.86
CA MET G 83 14.25 1.56 62.77
C MET G 83 15.77 1.67 62.70
N SER G 84 16.27 2.86 62.99
CA SER G 84 17.71 3.10 62.98
C SER G 84 18.02 4.35 63.80
N LYS G 85 19.03 4.26 64.67
CA LYS G 85 19.45 5.36 65.52
C LYS G 85 18.27 5.87 66.37
N VAL G 86 17.64 4.95 67.10
CA VAL G 86 16.45 5.28 67.86
C VAL G 86 16.84 6.15 69.07
N ARG G 87 15.88 6.94 69.54
CA ARG G 87 16.08 7.82 70.69
C ARG G 87 14.81 7.81 71.53
N SER G 88 14.84 8.49 72.67
CA SER G 88 13.70 8.51 73.57
C SER G 88 12.51 9.28 73.00
N GLU G 89 12.67 9.93 71.84
CA GLU G 89 11.58 10.72 71.28
C GLU G 89 10.55 9.85 70.56
N ASP G 90 10.97 8.77 69.92
CA ASP G 90 10.04 7.93 69.18
C ASP G 90 9.73 6.62 69.90
N THR G 91 9.31 6.73 71.16
CA THR G 91 8.72 5.62 71.90
C THR G 91 7.21 5.79 71.85
N ALA G 92 6.51 4.90 71.15
CA ALA G 92 5.09 5.16 70.87
C ALA G 92 4.43 3.89 70.34
N LEU G 93 3.13 4.01 70.06
CA LEU G 93 2.34 2.96 69.44
C LEU G 93 2.31 3.23 67.95
N TYR G 94 2.92 2.33 67.16
CA TYR G 94 2.99 2.48 65.72
C TYR G 94 1.78 1.82 65.06
N TYR G 95 1.21 2.51 64.07
CA TYR G 95 0.07 2.04 63.32
C TYR G 95 0.41 2.00 61.84
N CYS G 96 -0.02 0.93 61.18
CA CYS G 96 0.06 0.82 59.72
C CYS G 96 -1.33 1.09 59.16
N ALA G 97 -1.44 2.09 58.29
CA ALA G 97 -2.71 2.53 57.75
C ALA G 97 -2.76 2.33 56.25
N ARG G 98 -3.97 2.13 55.74
CA ARG G 98 -4.23 1.87 54.33
C ARG G 98 -4.95 3.08 53.75
N GLN G 99 -4.27 3.82 52.88
CA GLN G 99 -4.83 5.04 52.31
C GLN G 99 -5.90 4.70 51.29
N GLY G 100 -7.02 5.40 51.37
CA GLY G 100 -8.07 5.31 50.37
C GLY G 100 -7.92 6.38 49.31
N ASP G 101 -9.03 6.66 48.62
CA ASP G 101 -9.05 7.76 47.68
C ASP G 101 -8.96 9.08 48.44
N TRP G 102 -8.28 10.05 47.83
CA TRP G 102 -7.88 11.30 48.48
C TRP G 102 -6.93 11.04 49.65
N TRP G 103 -6.52 9.77 49.82
CA TRP G 103 -5.47 9.39 50.77
C TRP G 103 -5.81 9.78 52.19
N TYR G 104 -6.99 9.39 52.65
CA TYR G 104 -7.27 9.31 54.07
C TYR G 104 -6.96 7.89 54.54
N PHE G 105 -6.50 7.79 55.79
CA PHE G 105 -6.18 6.48 56.33
C PHE G 105 -7.45 5.67 56.53
N ASP G 106 -7.81 4.89 55.51
CA ASP G 106 -9.11 4.23 55.50
C ASP G 106 -9.20 3.14 56.55
N VAL G 107 -8.16 2.32 56.70
CA VAL G 107 -8.17 1.19 57.62
C VAL G 107 -6.91 1.23 58.45
N TRP G 108 -7.08 1.17 59.78
CA TRP G 108 -5.97 1.18 60.72
C TRP G 108 -5.65 -0.23 61.20
N GLY G 109 -4.44 -0.39 61.74
CA GLY G 109 -4.01 -1.65 62.30
C GLY G 109 -4.19 -1.70 63.81
N ALA G 110 -3.86 -2.86 64.37
CA ALA G 110 -3.98 -3.05 65.82
C ALA G 110 -2.99 -2.17 66.57
N GLY G 111 -1.79 -2.00 66.04
CA GLY G 111 -0.77 -1.19 66.66
C GLY G 111 0.29 -2.02 67.37
N THR G 112 1.51 -1.52 67.34
CA THR G 112 2.64 -2.18 68.00
C THR G 112 3.39 -1.16 68.84
N THR G 113 3.55 -1.47 70.13
CA THR G 113 4.28 -0.58 71.02
C THR G 113 5.78 -0.73 70.82
N VAL G 114 6.49 0.40 70.87
CA VAL G 114 7.94 0.40 70.74
C VAL G 114 8.51 1.35 71.79
N THR G 115 9.45 0.84 72.58
CA THR G 115 10.08 1.56 73.68
C THR G 115 11.59 1.42 73.58
N VAL G 116 12.32 2.49 73.91
CA VAL G 116 13.77 2.47 73.85
C VAL G 116 14.36 2.67 75.24
N SER G 117 14.01 1.80 76.17
CA SER G 117 14.53 1.86 77.53
C SER G 117 15.68 0.88 77.70
N SER G 118 16.76 1.34 78.33
CA SER G 118 17.93 0.50 78.54
C SER G 118 17.65 -0.63 79.52
N ALA G 119 16.67 -0.47 80.40
CA ALA G 119 16.34 -1.50 81.37
C ALA G 119 15.82 -2.74 80.66
N SER G 120 16.35 -3.91 81.02
CA SER G 120 15.97 -5.15 80.37
C SER G 120 14.57 -5.58 80.79
N THR G 121 14.04 -6.57 80.06
CA THR G 121 12.72 -7.08 80.35
C THR G 121 12.71 -7.88 81.65
N LYS G 122 11.60 -7.81 82.37
CA LYS G 122 11.43 -8.52 83.63
C LYS G 122 10.02 -9.07 83.73
N GLY G 123 9.84 -10.02 84.63
CA GLY G 123 8.56 -10.66 84.83
C GLY G 123 7.58 -9.81 85.61
N PRO G 124 6.29 -10.12 85.50
CA PRO G 124 5.28 -9.34 86.23
C PRO G 124 5.02 -9.89 87.62
N SER G 125 3.87 -9.55 88.18
CA SER G 125 3.41 -10.06 89.46
C SER G 125 1.99 -10.60 89.27
N VAL G 126 1.68 -11.70 89.97
CA VAL G 126 0.43 -12.41 89.72
C VAL G 126 -0.20 -12.81 91.05
N PHE G 127 -1.42 -12.33 91.29
CA PHE G 127 -2.26 -12.74 92.42
C PHE G 127 -3.67 -12.17 92.26
N PRO G 128 -4.69 -12.84 92.81
CA PRO G 128 -6.08 -12.41 92.59
C PRO G 128 -6.61 -11.46 93.64
N LEU G 129 -7.89 -11.13 93.51
CA LEU G 129 -8.60 -10.21 94.39
C LEU G 129 -9.93 -10.87 94.73
N ALA G 130 -10.11 -11.21 96.02
CA ALA G 130 -11.14 -12.12 96.51
C ALA G 130 -12.48 -11.41 96.71
N PRO G 131 -13.59 -12.14 96.54
CA PRO G 131 -14.92 -11.49 96.57
C PRO G 131 -15.24 -10.66 97.81
N SER G 132 -14.94 -11.18 99.01
CA SER G 132 -15.29 -10.60 100.31
C SER G 132 -16.77 -10.80 100.63
N SER G 133 -17.07 -11.17 101.87
CA SER G 133 -18.41 -11.53 102.30
C SER G 133 -19.19 -10.38 102.90
N LYS G 134 -18.56 -9.22 103.13
CA LYS G 134 -19.27 -8.07 103.66
C LYS G 134 -20.35 -7.58 102.71
N SER G 135 -20.31 -8.01 101.45
CA SER G 135 -21.34 -7.70 100.48
C SER G 135 -22.44 -8.76 100.55
N THR G 136 -23.69 -8.29 100.67
CA THR G 136 -24.82 -9.22 100.68
C THR G 136 -24.98 -9.88 99.32
N SER G 137 -25.30 -11.17 99.34
CA SER G 137 -25.42 -11.96 98.10
C SER G 137 -26.80 -11.69 97.50
N GLY G 138 -26.92 -10.54 96.83
CA GLY G 138 -28.15 -10.18 96.17
C GLY G 138 -27.99 -10.11 94.66
N GLY G 139 -27.00 -10.82 94.13
CA GLY G 139 -26.71 -10.82 92.71
C GLY G 139 -25.61 -9.88 92.28
N THR G 140 -24.98 -9.17 93.21
CA THR G 140 -23.88 -8.25 92.91
C THR G 140 -22.65 -8.68 93.69
N ALA G 141 -21.51 -8.70 93.01
CA ALA G 141 -20.26 -9.09 93.65
C ALA G 141 -19.15 -8.18 93.14
N ALA G 142 -17.91 -8.49 93.52
CA ALA G 142 -16.74 -7.75 93.08
C ALA G 142 -15.48 -8.56 93.34
N LEU G 143 -14.70 -8.84 92.31
CA LEU G 143 -13.49 -9.65 92.44
C LEU G 143 -12.57 -9.36 91.27
N GLY G 144 -11.50 -10.12 91.14
CA GLY G 144 -10.67 -10.00 89.95
C GLY G 144 -9.24 -10.43 90.21
N CYS G 145 -8.31 -9.65 89.65
CA CYS G 145 -6.89 -9.97 89.72
C CYS G 145 -6.10 -8.67 89.70
N LEU G 146 -4.85 -8.71 90.18
CA LEU G 146 -4.02 -7.53 90.25
C LEU G 146 -2.64 -7.83 89.67
N VAL G 147 -2.20 -7.03 88.69
CA VAL G 147 -0.92 -7.21 88.04
C VAL G 147 -0.15 -5.89 88.18
N LYS G 148 0.91 -5.91 88.98
CA LYS G 148 1.66 -4.71 89.31
C LYS G 148 3.15 -4.96 89.12
N ASP G 149 3.90 -3.85 89.10
CA ASP G 149 5.37 -3.86 89.00
C ASP G 149 5.83 -4.59 87.75
N TYR G 150 5.61 -3.94 86.61
CA TYR G 150 6.00 -4.47 85.32
C TYR G 150 6.29 -3.31 84.37
N PHE G 151 6.74 -3.65 83.16
CA PHE G 151 7.12 -2.69 82.13
C PHE G 151 5.97 -2.53 81.14
N PRO G 152 5.73 -1.32 80.61
CA PRO G 152 4.42 -1.02 79.99
C PRO G 152 4.20 -1.61 78.62
N GLU G 153 4.79 -2.77 78.30
CA GLU G 153 4.59 -3.26 76.95
C GLU G 153 3.24 -3.97 76.75
N PRO G 154 2.73 -4.78 77.71
CA PRO G 154 1.52 -5.53 77.42
C PRO G 154 0.35 -5.28 78.36
N VAL G 155 -0.84 -5.61 77.86
CA VAL G 155 -2.00 -5.89 78.70
C VAL G 155 -2.77 -6.98 77.98
N THR G 156 -2.48 -8.25 78.25
CA THR G 156 -3.37 -9.30 77.77
C THR G 156 -4.26 -9.76 78.92
N VAL G 157 -5.16 -8.88 79.32
CA VAL G 157 -6.00 -9.06 80.50
C VAL G 157 -7.43 -9.20 80.03
N SER G 158 -7.92 -10.45 80.00
CA SER G 158 -9.31 -10.73 79.63
C SER G 158 -9.90 -11.66 80.68
N TRP G 159 -10.95 -11.20 81.35
CA TRP G 159 -11.43 -11.89 82.54
C TRP G 159 -12.34 -13.07 82.19
N ASN G 160 -12.00 -14.24 82.73
CA ASN G 160 -12.87 -15.42 82.74
C ASN G 160 -13.18 -15.90 81.31
N SER G 161 -12.12 -16.33 80.62
CA SER G 161 -12.23 -17.06 79.35
C SER G 161 -13.06 -16.31 78.31
N GLY G 162 -13.06 -14.98 78.39
CA GLY G 162 -13.76 -14.17 77.39
C GLY G 162 -15.26 -14.31 77.37
N ALA G 163 -15.87 -14.67 78.51
CA ALA G 163 -17.31 -14.77 78.62
C ALA G 163 -17.88 -13.68 79.53
N LEU G 164 -17.17 -12.56 79.65
CA LEU G 164 -17.51 -11.50 80.57
C LEU G 164 -17.63 -10.18 79.81
N THR G 165 -18.84 -9.61 79.82
CA THR G 165 -19.09 -8.31 79.23
C THR G 165 -19.60 -7.28 80.23
N SER G 166 -19.89 -7.68 81.46
CA SER G 166 -20.47 -6.81 82.48
C SER G 166 -19.44 -6.51 83.55
N GLY G 167 -19.23 -5.21 83.81
CA GLY G 167 -18.35 -4.78 84.88
C GLY G 167 -16.89 -5.09 84.69
N VAL G 168 -16.47 -5.47 83.50
CA VAL G 168 -15.07 -5.79 83.24
C VAL G 168 -14.30 -4.48 83.03
N HIS G 169 -13.38 -4.19 83.94
CA HIS G 169 -12.57 -2.98 83.88
C HIS G 169 -11.09 -3.33 83.88
N THR G 170 -10.33 -2.62 83.05
CA THR G 170 -8.88 -2.76 82.99
C THR G 170 -8.29 -1.36 83.22
N PHE G 171 -7.79 -1.13 84.43
CA PHE G 171 -7.30 0.20 84.78
C PHE G 171 -5.99 0.49 84.04
N PRO G 172 -5.72 1.75 83.72
CA PRO G 172 -4.45 2.11 83.08
C PRO G 172 -3.28 1.89 84.03
N ALA G 173 -2.10 1.74 83.43
CA ALA G 173 -0.87 1.50 84.18
C ALA G 173 -0.22 2.82 84.55
N VAL G 174 0.09 2.99 85.83
CA VAL G 174 0.70 4.21 86.35
C VAL G 174 2.15 3.90 86.72
N LEU G 175 3.04 4.83 86.41
CA LEU G 175 4.46 4.63 86.68
C LEU G 175 4.73 4.60 88.17
N GLN G 176 5.62 3.72 88.58
CA GLN G 176 6.01 3.55 89.97
C GLN G 176 7.33 4.28 90.25
N SER G 177 7.60 4.50 91.54
CA SER G 177 8.84 5.16 91.92
C SER G 177 10.05 4.32 91.55
N SER G 178 9.90 3.00 91.52
CA SER G 178 11.00 2.12 91.12
C SER G 178 11.22 2.11 89.62
N GLY G 179 10.22 2.50 88.83
CA GLY G 179 10.34 2.49 87.38
C GLY G 179 9.52 1.39 86.73
N LEU G 180 8.38 1.07 87.33
CA LEU G 180 7.49 0.03 86.81
C LEU G 180 6.06 0.57 86.79
N TYR G 181 5.12 -0.30 86.42
CA TYR G 181 3.72 0.07 86.27
C TYR G 181 2.84 -0.94 86.99
N SER G 182 1.58 -0.56 87.22
CA SER G 182 0.67 -1.35 88.03
C SER G 182 -0.76 -1.11 87.59
N LEU G 183 -1.57 -2.17 87.62
CA LEU G 183 -3.00 -2.07 87.32
C LEU G 183 -3.69 -3.33 87.81
N SER G 184 -5.01 -3.37 87.66
CA SER G 184 -5.80 -4.50 88.10
C SER G 184 -7.01 -4.67 87.21
N SER G 185 -7.52 -5.89 87.15
CA SER G 185 -8.78 -6.20 86.49
C SER G 185 -9.81 -6.52 87.56
N VAL G 186 -10.99 -5.91 87.44
CA VAL G 186 -12.07 -6.11 88.39
C VAL G 186 -13.34 -6.43 87.64
N VAL G 187 -14.17 -7.29 88.21
CA VAL G 187 -15.42 -7.72 87.60
C VAL G 187 -16.47 -7.87 88.69
N THR G 188 -17.71 -7.51 88.35
CA THR G 188 -18.87 -7.66 89.22
C THR G 188 -19.73 -8.80 88.65
N VAL G 189 -19.46 -10.02 89.10
CA VAL G 189 -20.20 -11.19 88.66
C VAL G 189 -21.48 -11.30 89.48
N PRO G 190 -22.50 -12.03 89.02
CA PRO G 190 -23.67 -12.28 89.88
C PRO G 190 -23.28 -13.16 91.06
N SER G 191 -23.61 -12.68 92.27
CA SER G 191 -23.31 -13.44 93.48
C SER G 191 -24.05 -14.76 93.54
N SER G 192 -25.07 -14.95 92.69
CA SER G 192 -25.74 -16.25 92.62
C SER G 192 -24.80 -17.34 92.12
N SER G 193 -23.86 -16.97 91.24
CA SER G 193 -22.89 -17.93 90.73
C SER G 193 -21.89 -18.29 91.83
N LEU G 194 -20.90 -17.42 92.05
CA LEU G 194 -19.84 -17.64 93.03
C LEU G 194 -19.16 -18.98 92.78
N GLY G 195 -19.76 -20.07 93.26
CA GLY G 195 -19.27 -21.39 92.92
C GLY G 195 -19.47 -21.71 91.46
N THR G 196 -18.92 -22.85 91.05
CA THR G 196 -18.97 -23.31 89.66
C THR G 196 -18.28 -22.32 88.72
N GLN G 197 -18.84 -21.11 88.61
CA GLN G 197 -18.24 -20.05 87.80
C GLN G 197 -17.12 -19.38 88.60
N THR G 198 -16.03 -20.12 88.77
CA THR G 198 -14.89 -19.68 89.57
C THR G 198 -13.60 -19.66 88.77
N TYR G 199 -13.67 -19.64 87.44
CA TYR G 199 -12.48 -19.67 86.63
C TYR G 199 -11.84 -18.28 86.58
N ILE G 200 -10.76 -18.17 85.81
CA ILE G 200 -9.73 -17.16 86.06
C ILE G 200 -9.68 -16.12 84.96
N CYS G 201 -9.33 -14.90 85.35
CA CYS G 201 -8.88 -13.88 84.41
C CYS G 201 -7.58 -14.33 83.75
N ASN G 202 -7.51 -14.23 82.44
CA ASN G 202 -6.30 -14.55 81.69
C ASN G 202 -5.44 -13.31 81.58
N VAL G 203 -4.21 -13.39 82.10
CA VAL G 203 -3.27 -12.28 82.05
C VAL G 203 -2.01 -12.76 81.34
N ASN G 204 -1.71 -12.15 80.21
CA ASN G 204 -0.58 -12.57 79.41
C ASN G 204 0.32 -11.38 79.07
N HIS G 205 1.62 -11.65 79.16
CA HIS G 205 2.72 -10.76 78.86
C HIS G 205 3.48 -11.32 77.65
N LYS G 206 3.60 -10.49 76.60
CA LYS G 206 4.05 -10.97 75.29
C LYS G 206 5.57 -11.09 75.19
N PRO G 207 6.38 -10.05 75.54
CA PRO G 207 7.84 -10.21 75.44
C PRO G 207 8.39 -11.35 76.28
N SER G 208 8.12 -11.33 77.59
CA SER G 208 8.60 -12.38 78.46
C SER G 208 7.93 -13.73 78.19
N ASN G 209 6.88 -13.75 77.36
CA ASN G 209 6.21 -14.97 76.94
C ASN G 209 5.63 -15.72 78.14
N THR G 210 4.67 -15.09 78.80
CA THR G 210 4.04 -15.66 79.99
C THR G 210 2.53 -15.53 79.89
N LYS G 211 1.86 -16.67 79.74
CA LYS G 211 0.42 -16.78 79.95
C LYS G 211 0.17 -17.12 81.42
N VAL G 212 -0.84 -16.50 82.02
CA VAL G 212 -1.12 -16.69 83.44
C VAL G 212 -2.61 -16.82 83.65
N ASP G 213 -3.00 -17.81 84.48
CA ASP G 213 -4.37 -18.04 84.91
C ASP G 213 -4.34 -18.35 86.41
N LYS G 214 -3.96 -17.35 87.21
CA LYS G 214 -3.81 -17.51 88.66
C LYS G 214 -5.19 -17.54 89.31
N LYS G 215 -5.57 -18.71 89.84
CA LYS G 215 -6.93 -18.97 90.30
C LYS G 215 -7.45 -17.85 91.20
N VAL G 216 -8.68 -17.41 90.91
CA VAL G 216 -9.35 -16.36 91.67
C VAL G 216 -10.45 -16.99 92.51
N GLU G 217 -10.09 -17.50 93.69
CA GLU G 217 -11.02 -18.18 94.57
C GLU G 217 -11.17 -17.42 95.89
N PRO G 218 -12.37 -17.40 96.47
CA PRO G 218 -12.55 -16.71 97.75
C PRO G 218 -12.00 -17.51 98.91
N LYS G 219 -11.60 -16.77 99.95
CA LYS G 219 -11.02 -17.38 101.16
C LYS G 219 -12.13 -17.98 101.99
N SER G 220 -12.31 -19.30 101.90
CA SER G 220 -13.31 -20.03 102.65
C SER G 220 -14.71 -19.47 102.44
C1 NAG H . 6.88 25.75 -20.17
C2 NAG H . 5.95 25.81 -18.96
C3 NAG H . 6.07 27.17 -18.27
C4 NAG H . 7.52 27.46 -17.92
C5 NAG H . 8.39 27.32 -19.16
C6 NAG H . 9.87 27.48 -18.88
C7 NAG H . 3.96 24.39 -19.24
C8 NAG H . 2.54 24.33 -19.72
N2 NAG H . 4.57 25.58 -19.37
O3 NAG H . 5.28 27.16 -17.09
O4 NAG H . 7.64 28.78 -17.40
O5 NAG H . 8.23 26.02 -19.74
O6 NAG H . 10.09 27.78 -17.50
O7 NAG H . 4.52 23.42 -18.76
C1 NAG I . 0.47 32.27 -40.09
C2 NAG I . 0.73 33.67 -39.54
C3 NAG I . -0.34 34.64 -40.04
C4 NAG I . -0.44 34.59 -41.56
C5 NAG I . -0.64 33.15 -42.02
C6 NAG I . -0.65 33.00 -43.53
C7 NAG I . -0.18 33.28 -37.28
C8 NAG I . 0.12 33.36 -35.81
N2 NAG I . 0.80 33.68 -38.09
O3 NAG I . -0.01 35.97 -39.62
O4 NAG I . -1.53 35.39 -42.00
O5 NAG I . 0.42 32.32 -41.53
O6 NAG I . -1.96 33.05 -44.05
O7 NAG I . -1.26 32.86 -37.70
#